data_9NHR
#
_entry.id   9NHR
#
_cell.length_a   129.569
_cell.length_b   194.357
_cell.length_c   203.032
_cell.angle_alpha   90.00
_cell.angle_beta   90.00
_cell.angle_gamma   90.00
#
_symmetry.space_group_name_H-M   'C 2 2 21'
#
loop_
_entity.id
_entity.type
_entity.pdbx_description
1 polymer Ferroxidase
2 non-polymer 'POTASSIUM ION'
3 non-polymer 'PROTOPORPHYRIN IX CONTAINING FE'
4 non-polymer 'TETRAETHYLENE GLYCOL'
5 non-polymer 4-{[(5-chloro-2-hydroxyphenyl)methyl]amino}-1H-isoindole-1,3(2H)-dione
6 water water
#
_entity_poly.entity_id   1
_entity_poly.type   'polypeptide(L)'
_entity_poly.pdbx_seq_one_letter_code
;MKGDKKVIQHLNKILGNELIAINQYFLHSRMWNDWGLKRLGAHEYHESIDEMKHADKLIERILFLEGLPNLQDLGKLLIG
ENTQEMLQCDLNLELKATKDLREAIVHCEQVHDYVSRDLLKDILESEEEHIDYLETQLGLIQKVGLENYLQSHMHEDD
;
_entity_poly.pdbx_strand_id   A,B,C,D,E,F,G,H,I,J,K,L
#
# COMPACT_ATOMS: atom_id res chain seq x y z
N MET A 1 53.92 -1.46 19.67
CA MET A 1 53.96 -0.38 20.69
C MET A 1 53.89 -1.07 22.05
N LYS A 2 54.95 -1.01 22.84
CA LYS A 2 55.02 -1.87 24.01
C LYS A 2 53.98 -1.43 25.03
N GLY A 3 53.12 -2.35 25.42
CA GLY A 3 52.09 -1.99 26.38
C GLY A 3 52.52 -2.20 27.84
N ASP A 4 51.73 -1.63 28.72
CA ASP A 4 51.85 -1.90 30.15
C ASP A 4 51.73 -3.39 30.45
N LYS A 5 52.63 -3.91 31.29
CA LYS A 5 52.66 -5.36 31.51
C LYS A 5 51.35 -5.85 32.14
N LYS A 6 50.83 -5.12 33.11
CA LYS A 6 49.64 -5.59 33.78
C LYS A 6 48.38 -5.40 32.92
N VAL A 7 48.34 -4.39 32.07
CA VAL A 7 47.29 -4.33 31.05
C VAL A 7 47.27 -5.63 30.26
N ILE A 8 48.44 -6.03 29.74
CA ILE A 8 48.48 -7.24 28.93
C ILE A 8 48.01 -8.45 29.74
N GLN A 9 48.39 -8.52 31.02
CA GLN A 9 47.94 -9.67 31.81
C GLN A 9 46.42 -9.66 31.99
N HIS A 10 45.87 -8.50 32.24
CA HIS A 10 44.40 -8.38 32.26
C HIS A 10 43.80 -8.82 30.93
N LEU A 11 44.36 -8.35 29.81
CA LEU A 11 43.79 -8.75 28.52
C LEU A 11 43.81 -10.26 28.35
N ASN A 12 44.89 -10.91 28.80
CA ASN A 12 44.95 -12.37 28.72
C ASN A 12 43.96 -13.03 29.67
N LYS A 13 43.69 -12.45 30.84
CA LYS A 13 42.64 -13.03 31.68
C LYS A 13 41.27 -12.93 30.99
N ILE A 14 40.93 -11.74 30.47
CA ILE A 14 39.69 -11.59 29.71
C ILE A 14 39.66 -12.59 28.56
N LEU A 15 40.76 -12.68 27.80
CA LEU A 15 40.83 -13.64 26.71
C LEU A 15 40.57 -15.05 27.21
N GLY A 16 41.13 -15.40 28.37
CA GLY A 16 40.87 -16.73 28.92
C GLY A 16 39.41 -16.98 29.22
N ASN A 17 38.72 -15.98 29.78
CA ASN A 17 37.28 -16.07 29.96
C ASN A 17 36.55 -16.31 28.64
N GLU A 18 36.95 -15.61 27.59
CA GLU A 18 36.32 -15.78 26.27
C GLU A 18 36.55 -17.17 25.70
N LEU A 19 37.74 -17.75 25.90
CA LEU A 19 37.99 -19.08 25.37
C LEU A 19 37.08 -20.10 26.03
N ILE A 20 36.88 -19.96 27.35
CA ILE A 20 35.92 -20.79 28.05
C ILE A 20 34.52 -20.60 27.46
N ALA A 21 34.10 -19.33 27.36
CA ALA A 21 32.76 -19.02 26.86
C ALA A 21 32.54 -19.56 25.44
N ILE A 22 33.54 -19.40 24.57
CA ILE A 22 33.42 -19.94 23.21
C ILE A 22 33.04 -21.41 23.25
N ASN A 23 33.81 -22.22 24.00
CA ASN A 23 33.55 -23.65 24.01
C ASN A 23 32.28 -24.00 24.75
N GLN A 24 32.02 -23.36 25.88
CA GLN A 24 30.81 -23.67 26.63
C GLN A 24 29.56 -23.34 25.81
N TYR A 25 29.53 -22.17 25.19
CA TYR A 25 28.36 -21.82 24.39
C TYR A 25 28.27 -22.70 23.15
N PHE A 26 29.40 -22.99 22.51
CA PHE A 26 29.30 -23.87 21.35
C PHE A 26 28.78 -25.24 21.73
N LEU A 27 29.22 -25.80 22.86
CA LEU A 27 28.69 -27.10 23.26
C LEU A 27 27.20 -27.01 23.61
N HIS A 28 26.80 -25.98 24.36
CA HIS A 28 25.39 -25.83 24.70
C HIS A 28 24.54 -25.71 23.45
N SER A 29 25.01 -24.91 22.49
CA SER A 29 24.30 -24.78 21.23
C SER A 29 24.06 -26.14 20.58
N ARG A 30 25.11 -26.94 20.47
CA ARG A 30 24.98 -28.20 19.76
C ARG A 30 24.20 -29.23 20.57
N MET A 31 24.25 -29.15 21.89
CA MET A 31 23.35 -29.94 22.74
C MET A 31 21.89 -29.58 22.47
N TRP A 32 21.56 -28.30 22.54
CA TRP A 32 20.17 -27.90 22.24
C TRP A 32 19.74 -28.35 20.85
N ASN A 33 20.62 -28.21 19.83
CA ASN A 33 20.25 -28.68 18.50
C ASN A 33 20.01 -30.18 18.49
N ASP A 34 20.89 -30.93 19.15
CA ASP A 34 20.70 -32.38 19.23
C ASP A 34 19.36 -32.72 19.86
N TRP A 35 18.93 -31.93 20.85
CA TRP A 35 17.65 -32.19 21.51
C TRP A 35 16.44 -31.65 20.75
N GLY A 36 16.61 -31.02 19.59
CA GLY A 36 15.47 -30.53 18.87
C GLY A 36 15.04 -29.12 19.23
N LEU A 37 15.84 -28.42 20.04
CA LEU A 37 15.52 -27.05 20.46
C LEU A 37 16.35 -26.05 19.65
N LYS A 38 15.98 -25.94 18.38
CA LYS A 38 16.87 -25.32 17.40
C LYS A 38 16.90 -23.80 17.51
N ARG A 39 15.86 -23.17 18.06
CA ARG A 39 15.92 -21.73 18.31
C ARG A 39 16.92 -21.40 19.41
N LEU A 40 16.92 -22.18 20.51
CA LEU A 40 17.97 -22.06 21.51
C LEU A 40 19.33 -22.36 20.90
N GLY A 41 19.43 -23.44 20.13
CA GLY A 41 20.72 -23.78 19.56
C GLY A 41 21.26 -22.69 18.65
N ALA A 42 20.39 -22.10 17.84
CA ALA A 42 20.82 -21.01 16.96
C ALA A 42 21.25 -19.78 17.76
N HIS A 43 20.48 -19.40 18.77
CA HIS A 43 20.82 -18.22 19.54
C HIS A 43 22.13 -18.43 20.30
N GLU A 44 22.30 -19.60 20.93
CA GLU A 44 23.54 -19.90 21.61
C GLU A 44 24.71 -19.97 20.65
N TYR A 45 24.48 -20.47 19.43
CA TYR A 45 25.52 -20.45 18.42
C TYR A 45 25.98 -19.02 18.17
N HIS A 46 25.05 -18.09 18.04
CA HIS A 46 25.43 -16.71 17.77
C HIS A 46 26.14 -16.09 18.96
N GLU A 47 25.78 -16.47 20.19
CA GLU A 47 26.57 -16.04 21.35
C GLU A 47 27.99 -16.56 21.28
N SER A 48 28.16 -17.81 20.86
CA SER A 48 29.52 -18.35 20.74
C SER A 48 30.31 -17.56 19.71
N ILE A 49 29.70 -17.27 18.57
CA ILE A 49 30.38 -16.47 17.55
C ILE A 49 30.76 -15.09 18.10
N ASP A 50 29.86 -14.45 18.87
CA ASP A 50 30.18 -13.15 19.47
C ASP A 50 31.46 -13.22 20.28
N GLU A 51 31.58 -14.28 21.11
CA GLU A 51 32.78 -14.43 21.93
C GLU A 51 34.00 -14.68 21.05
N MET A 52 33.84 -15.44 19.96
CA MET A 52 34.93 -15.60 19.01
C MET A 52 35.41 -14.25 18.48
N LYS A 53 34.48 -13.37 18.11
CA LYS A 53 34.89 -12.06 17.61
C LYS A 53 35.56 -11.23 18.70
N HIS A 54 35.05 -11.28 19.95
CA HIS A 54 35.74 -10.61 21.06
C HIS A 54 37.15 -11.16 21.26
N ALA A 55 37.30 -12.49 21.28
CA ALA A 55 38.63 -13.09 21.42
C ALA A 55 39.56 -12.59 20.33
N ASP A 56 39.07 -12.52 19.07
CA ASP A 56 39.89 -12.02 17.97
C ASP A 56 40.40 -10.61 18.27
N LYS A 57 39.52 -9.72 18.72
CA LYS A 57 39.95 -8.35 18.97
C LYS A 57 40.97 -8.29 20.10
N LEU A 58 40.79 -9.12 21.12
CA LEU A 58 41.74 -9.16 22.24
C LEU A 58 43.11 -9.68 21.79
N ILE A 59 43.11 -10.75 21.00
CA ILE A 59 44.35 -11.30 20.43
C ILE A 59 45.08 -10.23 19.64
N GLU A 60 44.34 -9.48 18.81
CA GLU A 60 44.93 -8.42 18.00
C GLU A 60 45.49 -7.28 18.85
N ARG A 61 44.75 -6.85 19.87
CA ARG A 61 45.26 -5.79 20.75
C ARG A 61 46.51 -6.26 21.51
N ILE A 62 46.52 -7.51 21.99
CA ILE A 62 47.67 -8.01 22.75
C ILE A 62 48.92 -8.03 21.86
N LEU A 63 48.79 -8.51 20.62
CA LEU A 63 49.92 -8.52 19.70
C LEU A 63 50.41 -7.10 19.40
N PHE A 64 49.47 -6.17 19.22
CA PHE A 64 49.88 -4.79 18.98
C PHE A 64 50.68 -4.25 20.14
N LEU A 65 50.29 -4.59 21.36
CA LEU A 65 51.00 -4.17 22.56
C LEU A 65 52.27 -4.97 22.82
N GLU A 66 52.63 -5.89 21.92
CA GLU A 66 53.87 -6.66 21.97
C GLU A 66 53.86 -7.67 23.12
N GLY A 67 52.68 -8.19 23.43
CA GLY A 67 52.52 -9.29 24.34
C GLY A 67 52.22 -10.58 23.62
N LEU A 68 52.12 -11.64 24.40
CA LEU A 68 51.85 -12.98 23.88
C LEU A 68 50.43 -13.41 24.25
N PRO A 69 49.50 -13.48 23.29
CA PRO A 69 48.15 -13.98 23.61
C PRO A 69 48.19 -15.41 24.11
N ASN A 70 47.49 -15.66 25.22
CA ASN A 70 47.44 -17.01 25.80
C ASN A 70 46.22 -17.76 25.26
N LEU A 71 46.43 -18.62 24.26
CA LEU A 71 45.39 -19.53 23.80
C LEU A 71 45.62 -20.95 24.28
N GLN A 72 46.53 -21.14 25.22
CA GLN A 72 46.91 -22.47 25.69
C GLN A 72 46.16 -22.92 26.94
N ASP A 73 45.94 -22.00 27.91
CA ASP A 73 45.30 -22.32 29.18
C ASP A 73 43.78 -22.15 29.05
N LEU A 74 43.06 -23.25 29.17
CA LEU A 74 41.61 -23.26 29.14
C LEU A 74 41.09 -23.56 30.54
N GLY A 75 40.35 -22.62 31.11
CA GLY A 75 39.70 -22.80 32.40
C GLY A 75 38.53 -23.77 32.32
N LYS A 76 37.85 -23.90 33.45
CA LYS A 76 36.78 -24.89 33.58
C LYS A 76 35.51 -24.46 32.85
N LEU A 77 35.03 -25.32 31.95
CA LEU A 77 33.73 -25.11 31.32
C LEU A 77 32.63 -25.47 32.31
N LEU A 78 31.55 -24.70 32.30
CA LEU A 78 30.36 -24.99 33.10
C LEU A 78 29.28 -25.52 32.17
N ILE A 79 29.14 -26.83 32.13
CA ILE A 79 28.20 -27.48 31.24
C ILE A 79 27.00 -27.98 32.03
N GLY A 80 25.83 -27.62 31.60
CA GLY A 80 24.65 -28.04 32.32
C GLY A 80 24.07 -29.31 31.77
N GLU A 81 23.16 -29.90 32.55
CA GLU A 81 22.51 -31.14 32.16
C GLU A 81 21.12 -30.93 31.63
N ASN A 82 20.57 -29.72 31.74
CA ASN A 82 19.26 -29.42 31.21
C ASN A 82 19.22 -27.92 30.86
N THR A 83 18.15 -27.52 30.21
CA THR A 83 18.11 -26.16 29.66
C THR A 83 18.32 -25.11 30.76
N GLN A 84 17.58 -25.23 31.85
CA GLN A 84 17.71 -24.25 32.92
C GLN A 84 19.14 -24.19 33.47
N GLU A 85 19.74 -25.35 33.73
CA GLU A 85 21.12 -25.36 34.25
C GLU A 85 22.10 -24.79 33.23
N MET A 86 21.88 -25.07 31.96
CA MET A 86 22.78 -24.55 30.92
C MET A 86 22.75 -23.04 30.90
N LEU A 87 21.54 -22.47 30.98
CA LEU A 87 21.42 -21.01 31.03
C LEU A 87 22.06 -20.45 32.28
N GLN A 88 21.86 -21.10 33.44
CA GLN A 88 22.48 -20.59 34.66
C GLN A 88 24.00 -20.70 34.59
N CYS A 89 24.51 -21.78 33.98
CA CYS A 89 25.95 -21.89 33.80
C CYS A 89 26.48 -20.75 32.92
N ASP A 90 25.77 -20.42 31.84
CA ASP A 90 26.18 -19.28 31.05
C ASP A 90 26.16 -17.99 31.87
N LEU A 91 25.11 -17.80 32.68
CA LEU A 91 25.02 -16.56 33.46
C LEU A 91 26.17 -16.46 34.48
N ASN A 92 26.45 -17.56 35.19
CA ASN A 92 27.55 -17.53 36.15
C ASN A 92 28.86 -17.15 35.47
N LEU A 93 29.13 -17.76 34.31
CA LEU A 93 30.32 -17.37 33.55
C LEU A 93 30.31 -15.89 33.19
N GLU A 94 29.16 -15.39 32.69
CA GLU A 94 29.08 -13.98 32.31
C GLU A 94 29.35 -13.07 33.50
N LEU A 95 28.84 -13.45 34.67
CA LEU A 95 29.01 -12.58 35.83
C LEU A 95 30.47 -12.55 36.27
N LYS A 96 31.19 -13.68 36.16
CA LYS A 96 32.63 -13.64 36.38
C LYS A 96 33.34 -12.80 35.33
N ALA A 97 32.93 -12.93 34.06
CA ALA A 97 33.58 -12.16 33.00
C ALA A 97 33.41 -10.65 33.18
N THR A 98 32.21 -10.19 33.56
CA THR A 98 32.01 -8.76 33.71
C THR A 98 32.77 -8.21 34.93
N LYS A 99 32.82 -8.96 36.02
CA LYS A 99 33.72 -8.60 37.12
C LYS A 99 35.16 -8.44 36.63
N ASP A 100 35.66 -9.42 35.86
CA ASP A 100 37.02 -9.30 35.36
C ASP A 100 37.18 -8.12 34.42
N LEU A 101 36.16 -7.83 33.60
CA LEU A 101 36.27 -6.69 32.70
C LEU A 101 36.34 -5.37 33.47
N ARG A 102 35.59 -5.27 34.56
CA ARG A 102 35.60 -4.05 35.36
C ARG A 102 36.97 -3.80 35.99
N GLU A 103 37.54 -4.82 36.64
CA GLU A 103 38.88 -4.69 37.21
C GLU A 103 39.89 -4.30 36.15
N ALA A 104 39.80 -4.93 34.97
CA ALA A 104 40.73 -4.61 33.89
C ALA A 104 40.59 -3.16 33.44
N ILE A 105 39.35 -2.66 33.37
CA ILE A 105 39.12 -1.28 32.98
C ILE A 105 39.69 -0.31 34.01
N VAL A 106 39.58 -0.63 35.30
CA VAL A 106 40.18 0.25 36.30
C VAL A 106 41.68 0.38 36.06
N HIS A 107 42.34 -0.72 35.75
CA HIS A 107 43.79 -0.64 35.56
C HIS A 107 44.14 0.08 34.26
N CYS A 108 43.43 -0.21 33.17
CA CYS A 108 43.64 0.56 31.94
C CYS A 108 43.53 2.06 32.21
N GLU A 109 42.56 2.48 33.01
CA GLU A 109 42.38 3.88 33.28
C GLU A 109 43.57 4.43 34.04
N GLN A 110 44.03 3.69 35.05
CA GLN A 110 45.13 4.14 35.88
C GLN A 110 46.41 4.34 35.07
N VAL A 111 46.68 3.48 34.08
CA VAL A 111 47.91 3.65 33.30
C VAL A 111 47.68 4.39 31.97
N HIS A 112 46.47 4.90 31.73
CA HIS A 112 46.17 5.79 30.59
C HIS A 112 46.13 5.05 29.26
N ASP A 113 45.85 3.75 29.31
CA ASP A 113 45.63 2.98 28.09
C ASP A 113 44.14 3.06 27.74
N TYR A 114 43.79 4.23 27.22
CA TYR A 114 42.39 4.55 26.98
C TYR A 114 41.80 3.74 25.81
N VAL A 115 42.64 3.33 24.86
CA VAL A 115 42.13 2.49 23.77
C VAL A 115 41.81 1.10 24.28
N SER A 116 42.71 0.51 25.08
CA SER A 116 42.37 -0.78 25.65
C SER A 116 41.09 -0.68 26.48
N ARG A 117 40.96 0.40 27.25
CA ARG A 117 39.73 0.63 28.02
C ARG A 117 38.51 0.62 27.11
N ASP A 118 38.58 1.35 26.00
CA ASP A 118 37.42 1.45 25.10
C ASP A 118 37.05 0.10 24.51
N LEU A 119 38.03 -0.72 24.15
CA LEU A 119 37.73 -2.08 23.67
C LEU A 119 37.04 -2.92 24.73
N LEU A 120 37.57 -2.92 25.97
CA LEU A 120 36.93 -3.67 27.04
C LEU A 120 35.53 -3.13 27.36
N LYS A 121 35.34 -1.81 27.29
CA LYS A 121 34.01 -1.23 27.47
C LYS A 121 33.03 -1.79 26.44
N ASP A 122 33.48 -1.83 25.17
CA ASP A 122 32.65 -2.42 24.11
C ASP A 122 32.34 -3.88 24.40
N ILE A 123 33.33 -4.66 24.84
CA ILE A 123 33.04 -6.06 25.19
C ILE A 123 32.08 -6.12 26.38
N LEU A 124 32.31 -5.28 27.40
CA LEU A 124 31.41 -5.25 28.56
C LEU A 124 29.96 -4.98 28.14
N GLU A 125 29.76 -4.09 27.16
CA GLU A 125 28.41 -3.80 26.70
C GLU A 125 27.78 -5.04 26.11
N SER A 126 28.53 -5.78 25.29
CA SER A 126 28.05 -7.03 24.73
CA SER A 126 28.04 -7.04 24.73
C SER A 126 27.74 -8.05 25.81
N GLU A 127 28.62 -8.19 26.81
CA GLU A 127 28.38 -9.14 27.88
C GLU A 127 27.15 -8.77 28.72
N GLU A 128 26.93 -7.48 28.99
CA GLU A 128 25.72 -7.10 29.70
C GLU A 128 24.47 -7.35 28.88
N GLU A 129 24.54 -7.23 27.56
CA GLU A 129 23.41 -7.66 26.72
C GLU A 129 23.17 -9.16 26.84
N HIS A 130 24.23 -9.98 26.85
CA HIS A 130 24.02 -11.41 27.04
CA HIS A 130 24.08 -11.42 27.06
C HIS A 130 23.44 -11.72 28.42
N ILE A 131 23.89 -11.02 29.46
CA ILE A 131 23.31 -11.19 30.78
C ILE A 131 21.82 -10.88 30.75
N ASP A 132 21.44 -9.81 30.07
CA ASP A 132 20.02 -9.46 29.93
C ASP A 132 19.27 -10.61 29.30
N TYR A 133 19.79 -11.14 28.20
CA TYR A 133 19.15 -12.25 27.51
C TYR A 133 18.97 -13.43 28.47
N LEU A 134 20.04 -13.80 29.19
CA LEU A 134 19.98 -14.98 30.05
C LEU A 134 19.01 -14.80 31.22
N GLU A 135 19.15 -13.70 31.94
CA GLU A 135 18.20 -13.40 33.00
C GLU A 135 16.77 -13.46 32.48
N THR A 136 16.55 -12.91 31.29
CA THR A 136 15.20 -12.87 30.75
C THR A 136 14.69 -14.27 30.42
N GLN A 137 15.56 -15.13 29.87
CA GLN A 137 15.13 -16.49 29.56
C GLN A 137 14.76 -17.23 30.83
N LEU A 138 15.56 -17.02 31.90
CA LEU A 138 15.26 -17.69 33.15
C LEU A 138 13.95 -17.20 33.73
N GLY A 139 13.66 -15.91 33.59
CA GLY A 139 12.37 -15.39 34.04
C GLY A 139 11.21 -15.91 33.21
N LEU A 140 11.41 -16.03 31.90
CA LEU A 140 10.35 -16.57 31.05
C LEU A 140 10.00 -17.99 31.46
N ILE A 141 11.01 -18.81 31.77
CA ILE A 141 10.74 -20.18 32.22
C ILE A 141 9.78 -20.15 33.40
N GLN A 142 10.02 -19.23 34.36
CA GLN A 142 9.11 -19.09 35.49
C GLN A 142 7.72 -18.68 35.05
N LYS A 143 7.62 -17.72 34.12
CA LYS A 143 6.34 -17.16 33.77
C LYS A 143 5.51 -18.04 32.85
N VAL A 144 6.13 -18.65 31.83
CA VAL A 144 5.35 -19.48 30.91
C VAL A 144 5.45 -20.96 31.23
N GLY A 145 6.30 -21.35 32.18
CA GLY A 145 6.56 -22.76 32.45
C GLY A 145 7.56 -23.35 31.49
N LEU A 146 8.32 -24.33 31.97
CA LEU A 146 9.42 -24.92 31.22
C LEU A 146 8.92 -25.56 29.92
N GLU A 147 7.81 -26.29 29.97
CA GLU A 147 7.35 -27.00 28.78
C GLU A 147 6.98 -26.02 27.65
N ASN A 148 6.29 -24.93 27.99
CA ASN A 148 5.98 -23.91 26.97
C ASN A 148 7.25 -23.19 26.52
N TYR A 149 8.15 -22.87 27.45
CA TYR A 149 9.39 -22.22 27.04
C TYR A 149 10.15 -23.08 26.03
N LEU A 150 10.29 -24.37 26.32
CA LEU A 150 11.03 -25.24 25.40
C LEU A 150 10.28 -25.38 24.09
N GLN A 151 8.95 -25.53 24.17
CA GLN A 151 8.13 -25.58 22.97
C GLN A 151 8.39 -24.39 22.08
N SER A 152 8.48 -23.20 22.66
CA SER A 152 8.69 -21.96 21.91
C SER A 152 10.08 -21.88 21.32
N HIS A 153 10.96 -22.84 21.64
CA HIS A 153 12.33 -22.81 21.13
C HIS A 153 12.65 -24.05 20.30
N MET A 154 11.62 -24.80 19.88
CA MET A 154 11.86 -25.94 18.99
C MET A 154 12.28 -25.49 17.59
N HIS A 155 11.56 -24.54 17.01
CA HIS A 155 11.73 -24.13 15.63
C HIS A 155 12.36 -22.74 15.55
N GLU A 156 13.20 -22.54 14.54
CA GLU A 156 13.75 -21.20 14.29
C GLU A 156 12.71 -20.27 13.68
N MET B 1 19.96 -7.58 36.18
CA MET B 1 21.27 -7.39 36.88
C MET B 1 21.13 -6.33 37.95
N LYS B 2 21.41 -6.67 39.21
CA LYS B 2 21.20 -5.72 40.29
C LYS B 2 22.15 -4.54 40.14
N GLY B 3 21.61 -3.33 39.93
CA GLY B 3 22.44 -2.16 39.81
C GLY B 3 22.75 -1.47 41.15
N ASP B 4 23.76 -0.60 41.12
CA ASP B 4 24.02 0.31 42.24
C ASP B 4 22.83 1.23 42.47
N LYS B 5 22.33 1.25 43.71
CA LYS B 5 21.15 2.04 44.04
C LYS B 5 21.35 3.52 43.72
N LYS B 6 22.50 4.06 44.04
CA LYS B 6 22.75 5.46 43.75
C LYS B 6 22.87 5.71 42.25
N VAL B 7 23.43 4.77 41.47
CA VAL B 7 23.41 4.92 40.02
C VAL B 7 21.95 5.05 39.52
N ILE B 8 21.09 4.15 39.99
CA ILE B 8 19.69 4.18 39.59
C ILE B 8 19.04 5.52 39.94
N GLN B 9 19.31 6.01 41.14
CA GLN B 9 18.80 7.31 41.52
C GLN B 9 19.27 8.40 40.57
N HIS B 10 20.54 8.34 40.16
CA HIS B 10 21.04 9.29 39.16
C HIS B 10 20.28 9.15 37.84
N LEU B 11 20.20 7.93 37.34
CA LEU B 11 19.48 7.68 36.09
C LEU B 11 18.06 8.24 36.18
N ASN B 12 17.39 8.01 37.32
CA ASN B 12 16.04 8.54 37.48
C ASN B 12 16.03 10.07 37.50
N LYS B 13 17.06 10.72 38.05
CA LYS B 13 17.13 12.17 37.97
C LYS B 13 17.27 12.65 36.52
N ILE B 14 18.15 11.98 35.75
CA ILE B 14 18.35 12.33 34.34
C ILE B 14 17.04 12.15 33.60
N LEU B 15 16.38 11.01 33.84
CA LEU B 15 15.08 10.75 33.23
C LEU B 15 14.11 11.87 33.56
N GLY B 16 14.05 12.27 34.83
CA GLY B 16 13.22 13.39 35.20
C GLY B 16 13.49 14.62 34.35
N ASN B 17 14.77 14.92 34.10
CA ASN B 17 15.11 16.08 33.26
C ASN B 17 14.60 15.87 31.84
N GLU B 18 14.69 14.64 31.34
CA GLU B 18 14.25 14.34 29.98
C GLU B 18 12.75 14.57 29.84
N LEU B 19 11.99 14.14 30.86
CA LEU B 19 10.53 14.28 30.79
C LEU B 19 10.13 15.74 30.71
N ILE B 20 10.77 16.59 31.52
CA ILE B 20 10.56 18.04 31.39
C ILE B 20 10.86 18.49 29.97
N ALA B 21 12.04 18.10 29.46
CA ALA B 21 12.49 18.60 28.17
C ALA B 21 11.56 18.13 27.04
N ILE B 22 11.13 16.86 27.08
CA ILE B 22 10.17 16.37 26.10
C ILE B 22 8.99 17.33 25.99
N ASN B 23 8.40 17.68 27.12
CA ASN B 23 7.16 18.46 27.11
C ASN B 23 7.41 19.93 26.81
N GLN B 24 8.45 20.50 27.40
CA GLN B 24 8.85 21.86 27.09
C GLN B 24 9.12 22.04 25.60
N TYR B 25 9.96 21.15 25.02
CA TYR B 25 10.28 21.27 23.60
C TYR B 25 9.06 21.01 22.73
N PHE B 26 8.20 20.08 23.15
CA PHE B 26 7.06 19.78 22.32
C PHE B 26 6.09 20.97 22.30
N LEU B 27 5.86 21.59 23.47
CA LEU B 27 4.99 22.76 23.53
C LEU B 27 5.57 23.95 22.74
N HIS B 28 6.87 24.21 22.90
CA HIS B 28 7.53 25.27 22.13
C HIS B 28 7.40 25.03 20.63
N SER B 29 7.61 23.79 20.20
CA SER B 29 7.46 23.44 18.78
C SER B 29 6.08 23.80 18.27
N ARG B 30 5.05 23.40 19.02
CA ARG B 30 3.70 23.61 18.56
C ARG B 30 3.28 25.08 18.67
N MET B 31 3.85 25.83 19.62
CA MET B 31 3.65 27.27 19.66
C MET B 31 4.26 27.92 18.43
N TRP B 32 5.51 27.54 18.10
CA TRP B 32 6.14 28.12 16.91
C TRP B 32 5.33 27.79 15.67
N ASN B 33 4.83 26.56 15.54
CA ASN B 33 4.04 26.23 14.36
C ASN B 33 2.77 27.09 14.31
N ASP B 34 2.11 27.25 15.45
CA ASP B 34 0.91 28.07 15.53
C ASP B 34 1.21 29.51 15.10
N TRP B 35 2.40 30.03 15.44
CA TRP B 35 2.75 31.39 15.03
C TRP B 35 3.23 31.48 13.59
N GLY B 36 3.24 30.37 12.85
CA GLY B 36 3.73 30.39 11.49
C GLY B 36 5.23 30.35 11.34
N LEU B 37 5.96 30.05 12.41
CA LEU B 37 7.41 29.92 12.35
C LEU B 37 7.80 28.43 12.22
N LYS B 38 7.49 27.87 11.04
CA LYS B 38 7.51 26.42 10.88
C LYS B 38 8.91 25.82 10.95
N ARG B 39 9.94 26.56 10.54
CA ARG B 39 11.30 26.01 10.62
C ARG B 39 11.72 25.83 12.07
N LEU B 40 11.39 26.80 12.92
CA LEU B 40 11.61 26.63 14.35
C LEU B 40 10.75 25.49 14.91
N GLY B 41 9.48 25.44 14.49
CA GLY B 41 8.61 24.41 14.99
C GLY B 41 9.15 23.02 14.65
N ALA B 42 9.64 22.83 13.41
CA ALA B 42 10.12 21.51 12.99
C ALA B 42 11.41 21.15 13.71
N HIS B 43 12.34 22.09 13.83
CA HIS B 43 13.57 21.81 14.54
C HIS B 43 13.29 21.47 16.00
N GLU B 44 12.41 22.23 16.64
CA GLU B 44 12.10 21.99 18.04
C GLU B 44 11.36 20.66 18.22
N TYR B 45 10.51 20.28 17.26
CA TYR B 45 9.91 18.95 17.26
C TYR B 45 10.98 17.86 17.28
N HIS B 46 11.98 18.00 16.43
CA HIS B 46 13.05 16.99 16.38
C HIS B 46 13.84 16.94 17.68
N GLU B 47 14.01 18.08 18.36
CA GLU B 47 14.63 18.07 19.68
C GLU B 47 13.79 17.28 20.68
N SER B 48 12.46 17.49 20.67
CA SER B 48 11.56 16.75 21.54
C SER B 48 11.71 15.24 21.30
N ILE B 49 11.70 14.85 20.03
CA ILE B 49 11.85 13.46 19.65
C ILE B 49 13.17 12.90 20.17
N ASP B 50 14.26 13.67 20.02
CA ASP B 50 15.56 13.24 20.53
C ASP B 50 15.49 12.93 22.03
N GLU B 51 14.85 13.81 22.80
CA GLU B 51 14.76 13.57 24.23
C GLU B 51 13.89 12.37 24.54
N MET B 52 12.87 12.14 23.74
CA MET B 52 12.07 10.93 23.88
C MET B 52 12.91 9.68 23.69
N LYS B 53 13.80 9.69 22.70
CA LYS B 53 14.66 8.52 22.51
C LYS B 53 15.64 8.35 23.69
N HIS B 54 16.22 9.44 24.20
CA HIS B 54 17.03 9.35 25.41
C HIS B 54 16.23 8.75 26.57
N ALA B 55 15.02 9.26 26.81
CA ALA B 55 14.21 8.73 27.91
C ALA B 55 14.00 7.22 27.76
N ASP B 56 13.67 6.78 26.55
CA ASP B 56 13.54 5.34 26.27
C ASP B 56 14.78 4.56 26.72
N LYS B 57 15.97 5.01 26.32
CA LYS B 57 17.18 4.29 26.70
C LYS B 57 17.39 4.30 28.21
N LEU B 58 17.07 5.42 28.87
CA LEU B 58 17.22 5.47 30.32
C LEU B 58 16.25 4.52 31.01
N ILE B 59 15.02 4.46 30.53
CA ILE B 59 14.03 3.55 31.11
C ILE B 59 14.49 2.12 30.96
N GLU B 60 14.96 1.76 29.78
CA GLU B 60 15.40 0.42 29.50
C GLU B 60 16.58 0.05 30.39
N ARG B 61 17.54 0.98 30.55
CA ARG B 61 18.68 0.71 31.42
C ARG B 61 18.25 0.53 32.87
N ILE B 62 17.37 1.40 33.36
CA ILE B 62 16.91 1.29 34.75
C ILE B 62 16.24 -0.06 35.00
N LEU B 63 15.39 -0.50 34.07
CA LEU B 63 14.76 -1.82 34.22
C LEU B 63 15.79 -2.96 34.18
N PHE B 64 16.74 -2.90 33.25
CA PHE B 64 17.80 -3.90 33.25
C PHE B 64 18.48 -3.98 34.62
N LEU B 65 18.73 -2.84 35.25
CA LEU B 65 19.40 -2.80 36.54
C LEU B 65 18.45 -3.06 37.70
N GLU B 66 17.21 -3.45 37.41
CA GLU B 66 16.26 -3.88 38.41
C GLU B 66 15.79 -2.70 39.27
N GLY B 67 15.86 -1.48 38.73
CA GLY B 67 15.27 -0.32 39.34
C GLY B 67 13.88 -0.03 38.81
N LEU B 68 13.24 0.98 39.40
CA LEU B 68 11.91 1.42 38.99
C LEU B 68 11.99 2.78 38.30
N PRO B 69 11.80 2.86 36.98
CA PRO B 69 11.89 4.15 36.31
C PRO B 69 10.78 5.07 36.79
N ASN B 70 11.11 6.32 37.03
CA ASN B 70 10.17 7.31 37.54
C ASN B 70 9.62 8.12 36.37
N LEU B 71 8.41 7.76 35.91
CA LEU B 71 7.68 8.54 34.92
C LEU B 71 6.52 9.32 35.55
N GLN B 72 6.47 9.37 36.88
CA GLN B 72 5.36 9.98 37.61
C GLN B 72 5.62 11.43 37.97
N ASP B 73 6.87 11.77 38.30
CA ASP B 73 7.23 13.07 38.85
C ASP B 73 7.72 13.96 37.73
N LEU B 74 7.01 15.05 37.48
CA LEU B 74 7.33 15.98 36.42
C LEU B 74 7.68 17.32 37.04
N GLY B 75 8.91 17.76 36.84
CA GLY B 75 9.35 19.04 37.33
C GLY B 75 8.79 20.20 36.51
N LYS B 76 9.28 21.38 36.84
CA LYS B 76 8.73 22.63 36.31
C LYS B 76 9.16 22.84 34.86
N LEU B 77 8.19 23.01 33.97
CA LEU B 77 8.47 23.42 32.61
C LEU B 77 8.82 24.90 32.57
N LEU B 78 9.81 25.26 31.75
CA LEU B 78 10.19 26.64 31.47
C LEU B 78 9.65 27.01 30.08
N ILE B 79 8.52 27.70 30.05
CA ILE B 79 7.84 28.05 28.81
C ILE B 79 8.05 29.53 28.54
N GLY B 80 8.57 29.85 27.40
CA GLY B 80 8.74 31.26 27.09
C GLY B 80 7.45 31.89 26.58
N GLU B 81 7.45 33.23 26.50
CA GLU B 81 6.35 33.97 25.93
C GLU B 81 6.67 34.60 24.57
N ASN B 82 7.92 34.53 24.14
CA ASN B 82 8.31 34.93 22.80
C ASN B 82 9.50 34.07 22.40
N THR B 83 9.90 34.19 21.13
CA THR B 83 10.90 33.29 20.59
C THR B 83 12.20 33.36 21.40
N GLN B 84 12.68 34.57 21.64
CA GLN B 84 13.92 34.72 22.39
C GLN B 84 13.84 34.06 23.75
N GLU B 85 12.75 34.31 24.49
CA GLU B 85 12.57 33.69 25.80
C GLU B 85 12.48 32.19 25.69
N MET B 86 11.80 31.69 24.66
CA MET B 86 11.66 30.24 24.52
C MET B 86 13.02 29.58 24.35
N LEU B 87 13.88 30.19 23.52
CA LEU B 87 15.22 29.62 23.31
C LEU B 87 16.05 29.68 24.59
N GLN B 88 15.98 30.80 25.30
CA GLN B 88 16.69 30.93 26.57
C GLN B 88 16.17 29.93 27.61
N CYS B 89 14.87 29.63 27.61
CA CYS B 89 14.36 28.63 28.54
C CYS B 89 14.88 27.25 28.20
N ASP B 90 14.93 26.91 26.90
CA ASP B 90 15.54 25.66 26.49
C ASP B 90 16.99 25.59 26.96
N LEU B 91 17.75 26.66 26.74
CA LEU B 91 19.16 26.70 27.11
C LEU B 91 19.35 26.56 28.62
N ASN B 92 18.53 27.26 29.41
CA ASN B 92 18.64 27.10 30.87
C ASN B 92 18.35 25.67 31.30
N LEU B 93 17.35 25.02 30.70
CA LEU B 93 17.09 23.63 31.04
C LEU B 93 18.25 22.72 30.64
N GLU B 94 18.81 22.93 29.43
CA GLU B 94 19.93 22.11 28.95
C GLU B 94 21.13 22.22 29.88
N LEU B 95 21.45 23.44 30.33
CA LEU B 95 22.59 23.65 31.23
C LEU B 95 22.38 22.93 32.55
N LYS B 96 21.14 22.94 33.07
CA LYS B 96 20.83 22.07 34.20
C LYS B 96 21.05 20.61 33.83
N ALA B 97 20.51 20.17 32.69
CA ALA B 97 20.61 18.76 32.32
C ALA B 97 22.06 18.30 32.21
N THR B 98 22.93 19.12 31.61
CA THR B 98 24.31 18.66 31.44
C THR B 98 25.07 18.66 32.77
N LYS B 99 24.74 19.56 33.70
CA LYS B 99 25.35 19.48 35.02
C LYS B 99 24.95 18.18 35.72
N ASP B 100 23.68 17.82 35.65
CA ASP B 100 23.28 16.57 36.27
C ASP B 100 23.92 15.37 35.58
N LEU B 101 24.13 15.44 34.26
CA LEU B 101 24.76 14.31 33.59
C LEU B 101 26.20 14.12 34.07
N ARG B 102 26.94 15.22 34.20
CA ARG B 102 28.33 15.11 34.67
C ARG B 102 28.42 14.48 36.05
N GLU B 103 27.55 14.89 36.97
CA GLU B 103 27.60 14.32 38.31
C GLU B 103 27.22 12.85 38.31
N ALA B 104 26.31 12.45 37.42
CA ALA B 104 25.95 11.05 37.32
C ALA B 104 27.09 10.21 36.75
N ILE B 105 27.79 10.73 35.75
CA ILE B 105 28.95 10.01 35.20
C ILE B 105 30.03 9.84 36.26
N VAL B 106 30.30 10.89 37.04
CA VAL B 106 31.27 10.76 38.14
C VAL B 106 30.89 9.55 38.99
N HIS B 107 29.61 9.44 39.33
CA HIS B 107 29.26 8.34 40.23
C HIS B 107 29.35 6.99 39.53
N CYS B 108 28.90 6.88 38.28
CA CYS B 108 29.06 5.62 37.54
C CYS B 108 30.51 5.18 37.49
N GLU B 109 31.42 6.12 37.23
CA GLU B 109 32.84 5.78 37.17
C GLU B 109 33.31 5.23 38.51
N GLN B 110 32.87 5.87 39.61
CA GLN B 110 33.36 5.49 40.93
C GLN B 110 32.93 4.09 41.31
N VAL B 111 31.75 3.66 40.87
CA VAL B 111 31.28 2.31 41.16
C VAL B 111 31.47 1.36 39.97
N HIS B 112 32.16 1.79 38.91
CA HIS B 112 32.58 0.91 37.80
C HIS B 112 31.40 0.47 36.93
N ASP B 113 30.33 1.27 36.90
CA ASP B 113 29.23 1.01 35.98
C ASP B 113 29.56 1.73 34.67
N TYR B 114 30.44 1.09 33.90
CA TYR B 114 31.01 1.74 32.74
C TYR B 114 30.01 1.81 31.59
N VAL B 115 29.05 0.89 31.55
CA VAL B 115 28.03 0.92 30.50
C VAL B 115 27.05 2.07 30.76
N SER B 116 26.65 2.28 32.02
CA SER B 116 25.79 3.43 32.33
C SER B 116 26.52 4.73 32.03
N ARG B 117 27.82 4.77 32.34
CA ARG B 117 28.61 5.94 31.99
C ARG B 117 28.56 6.19 30.48
N ASP B 118 28.70 5.13 29.68
CA ASP B 118 28.76 5.29 28.22
C ASP B 118 27.42 5.82 27.66
N LEU B 119 26.32 5.29 28.17
CA LEU B 119 24.99 5.81 27.81
C LEU B 119 24.86 7.28 28.14
N LEU B 120 25.30 7.68 29.33
CA LEU B 120 25.17 9.06 29.76
C LEU B 120 26.10 9.97 28.97
N LYS B 121 27.30 9.49 28.62
CA LYS B 121 28.20 10.25 27.77
C LYS B 121 27.55 10.52 26.42
N ASP B 122 26.90 9.49 25.85
CA ASP B 122 26.22 9.67 24.57
C ASP B 122 25.10 10.71 24.68
N ILE B 123 24.31 10.65 25.74
CA ILE B 123 23.26 11.64 25.93
C ILE B 123 23.88 13.03 26.09
N LEU B 124 24.97 13.12 26.86
CA LEU B 124 25.64 14.41 27.06
C LEU B 124 26.12 14.98 25.72
N GLU B 125 26.64 14.13 24.82
CA GLU B 125 27.08 14.60 23.52
C GLU B 125 25.91 15.21 22.73
N SER B 126 24.73 14.57 22.80
CA SER B 126 23.53 15.13 22.18
CA SER B 126 23.55 15.15 22.16
C SER B 126 23.15 16.47 22.81
N GLU B 127 23.17 16.54 24.14
CA GLU B 127 22.76 17.78 24.80
C GLU B 127 23.74 18.92 24.50
N GLU B 128 25.04 18.63 24.39
CA GLU B 128 25.97 19.69 24.03
C GLU B 128 25.73 20.17 22.60
N GLU B 129 25.32 19.26 21.70
CA GLU B 129 24.91 19.70 20.37
C GLU B 129 23.69 20.60 20.43
N HIS B 130 22.71 20.27 21.28
CA HIS B 130 21.57 21.14 21.42
CA HIS B 130 21.55 21.13 21.48
C HIS B 130 21.96 22.48 22.02
N ILE B 131 22.91 22.49 22.97
CA ILE B 131 23.36 23.76 23.53
C ILE B 131 24.04 24.60 22.45
N ASP B 132 24.89 23.98 21.64
CA ASP B 132 25.47 24.64 20.47
C ASP B 132 24.40 25.29 19.60
N TYR B 133 23.38 24.52 19.23
CA TYR B 133 22.28 25.08 18.44
C TYR B 133 21.64 26.28 19.13
N LEU B 134 21.31 26.17 20.43
CA LEU B 134 20.59 27.25 21.10
C LEU B 134 21.46 28.51 21.24
N GLU B 135 22.71 28.35 21.71
CA GLU B 135 23.59 29.52 21.77
C GLU B 135 23.72 30.16 20.39
N THR B 136 23.80 29.34 19.34
CA THR B 136 23.95 29.87 17.99
C THR B 136 22.70 30.64 17.54
N GLN B 137 21.51 30.13 17.85
CA GLN B 137 20.30 30.86 17.49
C GLN B 137 20.25 32.22 18.19
N LEU B 138 20.57 32.23 19.49
CA LEU B 138 20.51 33.48 20.22
C LEU B 138 21.54 34.47 19.71
N GLY B 139 22.68 33.99 19.22
CA GLY B 139 23.65 34.89 18.59
C GLY B 139 23.15 35.43 17.26
N LEU B 140 22.49 34.56 16.48
CA LEU B 140 21.95 34.99 15.19
C LEU B 140 20.95 36.13 15.36
N ILE B 141 20.10 36.06 16.40
CA ILE B 141 19.11 37.10 16.65
C ILE B 141 19.81 38.45 16.80
N GLN B 142 20.95 38.48 17.51
CA GLN B 142 21.74 39.70 17.64
C GLN B 142 22.38 40.12 16.33
N LYS B 143 22.87 39.16 15.52
CA LYS B 143 23.60 39.54 14.32
C LYS B 143 22.68 40.00 13.22
N VAL B 144 21.55 39.31 13.01
CA VAL B 144 20.66 39.65 11.89
C VAL B 144 19.45 40.47 12.31
N GLY B 145 19.22 40.64 13.61
CA GLY B 145 17.99 41.29 14.07
C GLY B 145 16.83 40.30 14.20
N LEU B 146 15.93 40.60 15.14
CA LEU B 146 14.83 39.69 15.46
C LEU B 146 13.89 39.49 14.28
N GLU B 147 13.57 40.58 13.57
CA GLU B 147 12.65 40.49 12.43
C GLU B 147 13.21 39.59 11.32
N ASN B 148 14.50 39.79 10.96
CA ASN B 148 15.12 38.88 9.99
C ASN B 148 15.21 37.45 10.52
N TYR B 149 15.63 37.29 11.78
CA TYR B 149 15.75 35.96 12.33
C TYR B 149 14.43 35.21 12.26
N LEU B 150 13.33 35.87 12.63
CA LEU B 150 12.03 35.20 12.61
C LEU B 150 11.62 34.93 11.17
N GLN B 151 11.84 35.90 10.28
CA GLN B 151 11.52 35.72 8.87
C GLN B 151 12.20 34.48 8.31
N SER B 152 13.46 34.25 8.69
CA SER B 152 14.24 33.12 8.21
C SER B 152 13.74 31.79 8.76
N HIS B 153 12.79 31.83 9.70
CA HIS B 153 12.28 30.61 10.31
C HIS B 153 10.79 30.42 10.05
N MET B 154 10.26 31.16 9.08
CA MET B 154 8.86 30.99 8.70
C MET B 154 8.62 29.71 7.92
N HIS B 155 9.46 29.46 6.93
CA HIS B 155 9.26 28.37 5.99
C HIS B 155 10.28 27.27 6.26
N GLU B 156 9.86 26.03 6.11
CA GLU B 156 10.81 24.92 6.07
C GLU B 156 11.53 24.88 4.71
N MET C 1 -34.74 12.86 -3.45
CA MET C 1 -35.29 12.61 -2.07
C MET C 1 -35.75 13.96 -1.50
N LYS C 2 -37.01 14.07 -1.10
CA LYS C 2 -37.50 15.36 -0.64
C LYS C 2 -36.76 15.81 0.61
N GLY C 3 -36.00 16.88 0.52
CA GLY C 3 -35.31 17.42 1.67
C GLY C 3 -36.14 18.44 2.41
N ASP C 4 -35.75 18.71 3.66
CA ASP C 4 -36.37 19.75 4.47
C ASP C 4 -36.17 21.13 3.85
N LYS C 5 -37.25 21.91 3.80
CA LYS C 5 -37.21 23.20 3.10
C LYS C 5 -36.20 24.14 3.74
N LYS C 6 -36.14 24.14 5.06
CA LYS C 6 -35.22 25.05 5.73
C LYS C 6 -33.78 24.56 5.64
N VAL C 7 -33.55 23.25 5.61
CA VAL C 7 -32.20 22.75 5.32
C VAL C 7 -31.72 23.31 4.00
N ILE C 8 -32.56 23.20 2.96
CA ILE C 8 -32.24 23.71 1.62
C ILE C 8 -31.95 25.19 1.65
N GLN C 9 -32.75 25.96 2.39
CA GLN C 9 -32.48 27.39 2.55
C GLN C 9 -31.13 27.64 3.21
N HIS C 10 -30.83 26.86 4.25
CA HIS C 10 -29.51 26.97 4.86
C HIS C 10 -28.41 26.60 3.87
N LEU C 11 -28.60 25.48 3.15
CA LEU C 11 -27.60 25.09 2.15
C LEU C 11 -27.40 26.22 1.12
N ASN C 12 -28.49 26.86 0.66
CA ASN C 12 -28.35 27.96 -0.29
C ASN C 12 -27.66 29.16 0.32
N LYS C 13 -27.82 29.37 1.62
CA LYS C 13 -27.08 30.45 2.28
C LYS C 13 -25.57 30.15 2.31
N ILE C 14 -25.19 28.93 2.71
CA ILE C 14 -23.79 28.55 2.70
C ILE C 14 -23.22 28.70 1.29
N LEU C 15 -23.95 28.20 0.28
CA LEU C 15 -23.51 28.34 -1.10
C LEU C 15 -23.33 29.79 -1.49
N GLY C 16 -24.24 30.67 -1.06
CA GLY C 16 -24.08 32.09 -1.31
C GLY C 16 -22.80 32.64 -0.70
N ASN C 17 -22.46 32.21 0.50
CA ASN C 17 -21.16 32.60 1.06
C ASN C 17 -20.01 32.07 0.21
N GLU C 18 -20.10 30.82 -0.27
CA GLU C 18 -19.02 30.27 -1.09
C GLU C 18 -18.87 31.06 -2.40
N LEU C 19 -19.98 31.48 -3.00
CA LEU C 19 -19.89 32.23 -4.26
C LEU C 19 -19.15 33.55 -4.05
N ILE C 20 -19.41 34.22 -2.92
CA ILE C 20 -18.63 35.42 -2.57
C ILE C 20 -17.17 35.07 -2.40
N ALA C 21 -16.90 34.02 -1.60
CA ALA C 21 -15.52 33.64 -1.31
C ALA C 21 -14.76 33.31 -2.59
N ILE C 22 -15.40 32.60 -3.52
CA ILE C 22 -14.72 32.17 -4.74
C ILE C 22 -14.18 33.39 -5.48
N ASN C 23 -15.05 34.38 -5.69
CA ASN C 23 -14.66 35.57 -6.45
C ASN C 23 -13.73 36.47 -5.66
N GLN C 24 -13.97 36.65 -4.37
CA GLN C 24 -13.09 37.48 -3.55
C GLN C 24 -11.68 36.91 -3.48
N TYR C 25 -11.56 35.60 -3.22
CA TYR C 25 -10.22 34.99 -3.18
C TYR C 25 -9.57 34.98 -4.56
N PHE C 26 -10.35 34.73 -5.62
CA PHE C 26 -9.75 34.74 -6.95
C PHE C 26 -9.21 36.11 -7.32
N LEU C 27 -9.95 37.18 -7.00
CA LEU C 27 -9.46 38.53 -7.31
C LEU C 27 -8.24 38.86 -6.48
N HIS C 28 -8.29 38.57 -5.17
CA HIS C 28 -7.12 38.79 -4.33
C HIS C 28 -5.92 38.02 -4.88
N SER C 29 -6.14 36.78 -5.32
CA SER C 29 -5.03 36.00 -5.87
C SER C 29 -4.38 36.73 -7.03
N ARG C 30 -5.20 37.17 -7.98
CA ARG C 30 -4.69 37.79 -9.21
C ARG C 30 -4.12 39.18 -8.94
N MET C 31 -4.63 39.88 -7.94
CA MET C 31 -3.99 41.13 -7.54
C MET C 31 -2.60 40.84 -6.99
N TRP C 32 -2.48 39.88 -6.09
CA TRP C 32 -1.16 39.54 -5.55
C TRP C 32 -0.20 39.11 -6.66
N ASN C 33 -0.67 38.31 -7.62
CA ASN C 33 0.22 37.95 -8.72
C ASN C 33 0.64 39.18 -9.52
N ASP C 34 -0.31 40.06 -9.81
CA ASP C 34 0.01 41.30 -10.52
C ASP C 34 1.09 42.09 -9.79
N TRP C 35 1.03 42.13 -8.47
CA TRP C 35 2.01 42.86 -7.68
C TRP C 35 3.32 42.12 -7.49
N GLY C 36 3.45 40.90 -8.02
CA GLY C 36 4.69 40.17 -7.84
C GLY C 36 4.78 39.41 -6.54
N LEU C 37 3.68 39.30 -5.81
CA LEU C 37 3.65 38.58 -4.54
C LEU C 37 3.11 37.17 -4.77
N LYS C 38 3.89 36.39 -5.53
CA LYS C 38 3.37 35.18 -6.17
C LYS C 38 3.09 34.07 -5.18
N ARG C 39 3.76 34.04 -4.03
CA ARG C 39 3.44 32.99 -3.06
C ARG C 39 2.07 33.22 -2.40
N LEU C 40 1.74 34.48 -2.09
CA LEU C 40 0.36 34.81 -1.70
C LEU C 40 -0.61 34.54 -2.84
N GLY C 41 -0.23 34.90 -4.06
CA GLY C 41 -1.13 34.66 -5.18
C GLY C 41 -1.46 33.19 -5.35
N ALA C 42 -0.44 32.33 -5.28
CA ALA C 42 -0.66 30.89 -5.42
C ALA C 42 -1.53 30.36 -4.27
N HIS C 43 -1.19 30.74 -3.04
CA HIS C 43 -1.94 30.23 -1.90
C HIS C 43 -3.40 30.68 -1.97
N GLU C 44 -3.64 31.93 -2.36
CA GLU C 44 -5.03 32.40 -2.44
C GLU C 44 -5.77 31.76 -3.60
N TYR C 45 -5.07 31.47 -4.70
CA TYR C 45 -5.67 30.70 -5.78
C TYR C 45 -6.19 29.35 -5.26
N HIS C 46 -5.38 28.65 -4.48
CA HIS C 46 -5.83 27.35 -3.97
C HIS C 46 -6.98 27.51 -2.98
N GLU C 47 -7.00 28.60 -2.21
CA GLU C 47 -8.18 28.88 -1.38
C GLU C 47 -9.44 29.00 -2.25
N SER C 48 -9.33 29.75 -3.35
CA SER C 48 -10.49 29.91 -4.23
C SER C 48 -10.93 28.58 -4.81
N ILE C 49 -9.98 27.73 -5.22
CA ILE C 49 -10.32 26.41 -5.74
C ILE C 49 -11.03 25.59 -4.67
N ASP C 50 -10.55 25.65 -3.43
CA ASP C 50 -11.21 24.91 -2.36
C ASP C 50 -12.65 25.34 -2.20
N GLU C 51 -12.92 26.65 -2.32
CA GLU C 51 -14.31 27.13 -2.20
C GLU C 51 -15.15 26.65 -3.38
N MET C 52 -14.55 26.63 -4.57
CA MET C 52 -15.23 26.07 -5.72
C MET C 52 -15.65 24.64 -5.47
N LYS C 53 -14.74 23.82 -4.91
CA LYS C 53 -15.08 22.43 -4.62
C LYS C 53 -16.19 22.33 -3.58
N HIS C 54 -16.14 23.15 -2.53
CA HIS C 54 -17.25 23.19 -1.56
C HIS C 54 -18.58 23.56 -2.24
N ALA C 55 -18.55 24.56 -3.13
CA ALA C 55 -19.78 24.98 -3.79
C ALA C 55 -20.34 23.85 -4.64
N ASP C 56 -19.48 23.14 -5.37
CA ASP C 56 -19.93 21.98 -6.12
C ASP C 56 -20.68 21.02 -5.22
N LYS C 57 -20.08 20.65 -4.09
CA LYS C 57 -20.74 19.67 -3.23
C LYS C 57 -22.08 20.21 -2.74
N LEU C 58 -22.13 21.48 -2.36
CA LEU C 58 -23.40 22.03 -1.89
C LEU C 58 -24.45 21.98 -2.98
N ILE C 59 -24.07 22.36 -4.20
CA ILE C 59 -24.99 22.31 -5.34
C ILE C 59 -25.50 20.89 -5.54
N GLU C 60 -24.60 19.92 -5.50
CA GLU C 60 -25.02 18.53 -5.71
C GLU C 60 -25.98 18.08 -4.62
N ARG C 61 -25.72 18.48 -3.38
CA ARG C 61 -26.58 18.09 -2.28
C ARG C 61 -27.96 18.73 -2.38
N ILE C 62 -27.98 20.03 -2.74
CA ILE C 62 -29.27 20.73 -2.88
C ILE C 62 -30.13 20.05 -3.92
N LEU C 63 -29.55 19.71 -5.08
CA LEU C 63 -30.30 19.03 -6.13
C LEU C 63 -30.77 17.65 -5.70
N PHE C 64 -29.93 16.90 -4.99
CA PHE C 64 -30.41 15.60 -4.54
C PHE C 64 -31.62 15.76 -3.61
N LEU C 65 -31.64 16.82 -2.82
CA LEU C 65 -32.75 17.09 -1.90
C LEU C 65 -33.93 17.78 -2.61
N GLU C 66 -33.85 17.88 -3.94
CA GLU C 66 -34.94 18.39 -4.77
C GLU C 66 -35.17 19.87 -4.55
N GLY C 67 -34.12 20.59 -4.14
CA GLY C 67 -34.13 22.03 -4.10
C GLY C 67 -33.52 22.62 -5.36
N LEU C 68 -33.58 23.94 -5.41
CA LEU C 68 -33.04 24.72 -6.51
C LEU C 68 -31.81 25.46 -6.02
N PRO C 69 -30.59 25.09 -6.45
CA PRO C 69 -29.40 25.81 -5.99
C PRO C 69 -29.43 27.23 -6.50
N ASN C 70 -29.06 28.17 -5.65
CA ASN C 70 -29.10 29.58 -6.00
C ASN C 70 -27.70 30.04 -6.38
N LEU C 71 -27.44 30.10 -7.68
CA LEU C 71 -26.21 30.66 -8.22
C LEU C 71 -26.41 32.04 -8.83
N GLN C 72 -27.55 32.68 -8.57
CA GLN C 72 -27.92 33.98 -9.12
C GLN C 72 -27.59 35.14 -8.19
N ASP C 73 -27.74 34.97 -6.89
CA ASP C 73 -27.58 36.05 -5.94
C ASP C 73 -26.16 36.04 -5.39
N LEU C 74 -25.47 37.16 -5.59
CA LEU C 74 -24.07 37.33 -5.21
C LEU C 74 -23.98 38.47 -4.22
N GLY C 75 -23.64 38.17 -2.97
CA GLY C 75 -23.43 39.17 -1.94
C GLY C 75 -22.22 40.07 -2.20
N LYS C 76 -21.97 40.94 -1.22
CA LYS C 76 -20.90 41.92 -1.31
C LYS C 76 -19.52 41.27 -1.16
N LEU C 77 -18.65 41.46 -2.15
CA LEU C 77 -17.26 41.08 -2.02
C LEU C 77 -16.52 42.09 -1.14
N LEU C 78 -15.59 41.61 -0.33
CA LEU C 78 -14.75 42.47 0.50
C LEU C 78 -13.34 42.46 -0.10
N ILE C 79 -12.99 43.53 -0.83
CA ILE C 79 -11.71 43.62 -1.52
C ILE C 79 -10.83 44.61 -0.79
N GLY C 80 -9.69 44.16 -0.30
CA GLY C 80 -8.74 45.09 0.29
C GLY C 80 -8.03 45.94 -0.76
N GLU C 81 -7.33 46.98 -0.27
CA GLU C 81 -6.47 47.82 -1.11
C GLU C 81 -4.98 47.61 -0.84
N ASN C 82 -4.63 46.80 0.14
CA ASN C 82 -3.24 46.40 0.36
C ASN C 82 -3.26 45.04 1.04
N THR C 83 -2.07 44.47 1.24
CA THR C 83 -1.99 43.06 1.65
C THR C 83 -2.65 42.83 3.00
N GLN C 84 -2.38 43.68 3.98
CA GLN C 84 -3.04 43.56 5.27
C GLN C 84 -4.56 43.59 5.13
N GLU C 85 -5.09 44.57 4.40
CA GLU C 85 -6.54 44.70 4.32
C GLU C 85 -7.16 43.51 3.61
N MET C 86 -6.50 43.03 2.57
CA MET C 86 -6.99 41.86 1.85
C MET C 86 -7.09 40.65 2.78
N LEU C 87 -6.05 40.42 3.58
CA LEU C 87 -6.08 39.33 4.55
C LEU C 87 -7.17 39.56 5.58
N GLN C 88 -7.33 40.80 6.05
CA GLN C 88 -8.39 41.02 7.04
C GLN C 88 -9.77 40.86 6.41
N CYS C 89 -9.91 41.26 5.13
CA CYS C 89 -11.18 41.05 4.45
C CYS C 89 -11.52 39.57 4.34
N ASP C 90 -10.55 38.74 3.91
CA ASP C 90 -10.77 37.31 3.88
C ASP C 90 -11.21 36.79 5.23
N LEU C 91 -10.52 37.22 6.29
CA LEU C 91 -10.82 36.73 7.61
C LEU C 91 -12.23 37.12 8.04
N ASN C 92 -12.65 38.34 7.71
CA ASN C 92 -14.01 38.79 8.01
C ASN C 92 -15.06 37.92 7.31
N LEU C 93 -14.86 37.64 6.03
CA LEU C 93 -15.74 36.71 5.32
C LEU C 93 -15.75 35.34 5.98
N GLU C 94 -14.58 34.82 6.33
CA GLU C 94 -14.50 33.47 6.93
C GLU C 94 -15.26 33.41 8.26
N LEU C 95 -15.14 34.44 9.10
CA LEU C 95 -15.88 34.46 10.37
C LEU C 95 -17.38 34.52 10.15
N LYS C 96 -17.84 35.24 9.12
CA LYS C 96 -19.25 35.19 8.76
C LYS C 96 -19.64 33.82 8.24
N ALA C 97 -18.78 33.20 7.43
CA ALA C 97 -19.13 31.90 6.87
C ALA C 97 -19.23 30.84 7.96
N THR C 98 -18.34 30.88 8.94
CA THR C 98 -18.38 29.80 9.93
C THR C 98 -19.53 29.97 10.91
N LYS C 99 -19.93 31.23 11.18
CA LYS C 99 -21.17 31.44 11.91
C LYS C 99 -22.34 30.80 11.17
N ASP C 100 -22.44 31.04 9.88
CA ASP C 100 -23.56 30.48 9.13
C ASP C 100 -23.50 28.96 9.05
N LEU C 101 -22.29 28.39 8.94
CA LEU C 101 -22.15 26.93 8.96
C LEU C 101 -22.66 26.33 10.28
N ARG C 102 -22.29 26.91 11.41
CA ARG C 102 -22.73 26.42 12.71
C ARG C 102 -24.26 26.46 12.82
N GLU C 103 -24.88 27.55 12.36
CA GLU C 103 -26.34 27.64 12.40
C GLU C 103 -26.97 26.63 11.46
N ALA C 104 -26.37 26.41 10.28
CA ALA C 104 -26.91 25.41 9.38
C ALA C 104 -26.78 24.01 9.98
N ILE C 105 -25.66 23.73 10.64
CA ILE C 105 -25.47 22.41 11.25
C ILE C 105 -26.52 22.16 12.32
N VAL C 106 -26.75 23.15 13.20
CA VAL C 106 -27.85 23.04 14.18
C VAL C 106 -29.13 22.58 13.51
N HIS C 107 -29.53 23.27 12.42
CA HIS C 107 -30.82 22.90 11.83
C HIS C 107 -30.79 21.51 11.19
N CYS C 108 -29.70 21.13 10.51
CA CYS C 108 -29.63 19.75 9.98
C CYS C 108 -29.78 18.75 11.11
N GLU C 109 -29.07 18.96 12.23
CA GLU C 109 -29.19 18.06 13.38
C GLU C 109 -30.65 17.96 13.84
N GLN C 110 -31.31 19.10 14.03
CA GLN C 110 -32.67 19.07 14.55
C GLN C 110 -33.65 18.32 13.64
N VAL C 111 -33.44 18.33 12.32
CA VAL C 111 -34.34 17.61 11.44
C VAL C 111 -33.77 16.27 11.00
N HIS C 112 -32.65 15.84 11.60
CA HIS C 112 -32.07 14.51 11.38
C HIS C 112 -31.51 14.34 9.98
N ASP C 113 -31.08 15.43 9.36
CA ASP C 113 -30.39 15.35 8.07
C ASP C 113 -28.89 15.26 8.36
N TYR C 114 -28.51 14.07 8.83
CA TYR C 114 -27.17 13.87 9.35
C TYR C 114 -26.14 13.89 8.22
N VAL C 115 -26.54 13.56 6.99
CA VAL C 115 -25.59 13.59 5.87
C VAL C 115 -25.27 15.03 5.49
N SER C 116 -26.30 15.89 5.39
CA SER C 116 -26.02 17.30 5.16
C SER C 116 -25.14 17.86 6.27
N ARG C 117 -25.40 17.44 7.52
CA ARG C 117 -24.56 17.90 8.62
C ARG C 117 -23.11 17.50 8.41
N ASP C 118 -22.87 16.26 7.96
CA ASP C 118 -21.50 15.79 7.79
C ASP C 118 -20.78 16.60 6.71
N LEU C 119 -21.46 16.85 5.59
CA LEU C 119 -20.89 17.69 4.56
C LEU C 119 -20.54 19.04 5.12
N LEU C 120 -21.45 19.64 5.90
CA LEU C 120 -21.19 20.99 6.42
C LEU C 120 -20.07 20.97 7.43
N LYS C 121 -20.00 19.92 8.23
CA LYS C 121 -18.89 19.80 9.19
C LYS C 121 -17.55 19.72 8.44
N ASP C 122 -17.51 19.00 7.32
CA ASP C 122 -16.27 18.93 6.55
C ASP C 122 -15.91 20.31 5.97
N ILE C 123 -16.89 21.04 5.45
CA ILE C 123 -16.60 22.38 4.96
C ILE C 123 -16.11 23.25 6.11
N LEU C 124 -16.77 23.18 7.27
CA LEU C 124 -16.36 23.96 8.44
C LEU C 124 -14.92 23.67 8.83
N GLU C 125 -14.51 22.39 8.81
CA GLU C 125 -13.11 22.08 9.07
C GLU C 125 -12.19 22.81 8.10
N SER C 126 -12.54 22.85 6.81
CA SER C 126 -11.71 23.56 5.85
CA SER C 126 -11.72 23.56 5.83
C SER C 126 -11.66 25.05 6.14
N GLU C 127 -12.81 25.65 6.50
CA GLU C 127 -12.82 27.08 6.78
C GLU C 127 -12.01 27.41 8.04
N GLU C 128 -12.03 26.54 9.06
CA GLU C 128 -11.22 26.86 10.23
C GLU C 128 -9.73 26.72 9.92
N GLU C 129 -9.35 25.85 8.99
CA GLU C 129 -7.97 25.83 8.53
C GLU C 129 -7.60 27.13 7.83
N HIS C 130 -8.51 27.67 7.03
CA HIS C 130 -8.24 28.95 6.37
C HIS C 130 -8.15 30.08 7.39
N ILE C 131 -9.03 30.07 8.40
CA ILE C 131 -8.94 31.05 9.47
C ILE C 131 -7.59 30.98 10.18
N ASP C 132 -7.15 29.76 10.53
CA ASP C 132 -5.82 29.62 11.13
C ASP C 132 -4.75 30.25 10.25
N TYR C 133 -4.78 29.95 8.96
CA TYR C 133 -3.81 30.52 8.04
C TYR C 133 -3.87 32.05 8.04
N LEU C 134 -5.08 32.62 7.94
CA LEU C 134 -5.23 34.08 7.89
C LEU C 134 -4.74 34.74 9.16
N GLU C 135 -5.18 34.24 10.33
CA GLU C 135 -4.75 34.79 11.61
C GLU C 135 -3.24 34.70 11.75
N THR C 136 -2.66 33.60 11.28
CA THR C 136 -1.22 33.45 11.35
C THR C 136 -0.52 34.46 10.45
N GLN C 137 -1.01 34.66 9.23
CA GLN C 137 -0.36 35.65 8.36
C GLN C 137 -0.40 37.04 9.01
N LEU C 138 -1.56 37.44 9.53
CA LEU C 138 -1.65 38.77 10.14
C LEU C 138 -0.73 38.88 11.34
N GLY C 139 -0.55 37.79 12.07
CA GLY C 139 0.40 37.79 13.18
C GLY C 139 1.84 37.89 12.68
N LEU C 140 2.15 37.25 11.57
CA LEU C 140 3.53 37.30 11.10
C LEU C 140 3.90 38.72 10.66
N ILE C 141 2.95 39.42 10.04
CA ILE C 141 3.21 40.80 9.64
C ILE C 141 3.69 41.61 10.84
N GLN C 142 3.10 41.33 12.01
CA GLN C 142 3.47 42.03 13.23
C GLN C 142 4.81 41.55 13.75
N LYS C 143 5.12 40.26 13.58
CA LYS C 143 6.35 39.75 14.15
C LYS C 143 7.56 40.06 13.28
N VAL C 144 7.43 39.96 11.95
CA VAL C 144 8.61 40.13 11.11
C VAL C 144 8.66 41.49 10.43
N GLY C 145 7.58 42.27 10.53
CA GLY C 145 7.48 43.54 9.81
C GLY C 145 6.84 43.36 8.45
N LEU C 146 6.14 44.41 8.00
CA LEU C 146 5.42 44.30 6.74
C LEU C 146 6.35 44.04 5.57
N GLU C 147 7.51 44.72 5.55
CA GLU C 147 8.41 44.61 4.39
C GLU C 147 8.99 43.19 4.26
N ASN C 148 9.47 42.60 5.37
CA ASN C 148 9.91 41.20 5.34
C ASN C 148 8.77 40.26 4.99
N TYR C 149 7.60 40.48 5.59
CA TYR C 149 6.46 39.60 5.29
C TYR C 149 6.21 39.54 3.79
N LEU C 150 6.19 40.70 3.13
CA LEU C 150 5.91 40.71 1.71
C LEU C 150 7.07 40.09 0.94
N GLN C 151 8.30 40.41 1.36
CA GLN C 151 9.48 39.82 0.74
C GLN C 151 9.38 38.30 0.73
N SER C 152 8.95 37.71 1.85
CA SER C 152 8.86 36.27 1.96
C SER C 152 7.74 35.67 1.12
N HIS C 153 6.92 36.50 0.46
CA HIS C 153 5.82 36.01 -0.37
C HIS C 153 5.99 36.44 -1.83
N MET C 154 7.19 36.89 -2.22
CA MET C 154 7.44 37.20 -3.62
C MET C 154 7.54 35.95 -4.47
N HIS C 155 8.25 34.94 -3.99
CA HIS C 155 8.57 33.76 -4.79
C HIS C 155 7.91 32.52 -4.18
N GLU C 156 7.44 31.63 -5.06
CA GLU C 156 7.01 30.30 -4.63
C GLU C 156 8.23 29.40 -4.37
N MET D 1 -10.12 -49.67 -27.33
CA MET D 1 -10.93 -50.42 -26.31
C MET D 1 -12.33 -50.65 -26.85
N LYS D 2 -12.73 -51.91 -27.04
CA LYS D 2 -14.02 -52.19 -27.65
C LYS D 2 -15.15 -51.65 -26.76
N GLY D 3 -15.89 -50.67 -27.29
CA GLY D 3 -17.00 -50.10 -26.57
C GLY D 3 -18.32 -50.76 -26.89
N ASP D 4 -19.30 -50.50 -26.01
CA ASP D 4 -20.68 -50.94 -26.22
C ASP D 4 -21.22 -50.38 -27.54
N LYS D 5 -21.70 -51.28 -28.41
CA LYS D 5 -22.19 -50.86 -29.72
C LYS D 5 -23.27 -49.79 -29.62
N LYS D 6 -24.19 -49.93 -28.68
CA LYS D 6 -25.28 -48.97 -28.61
C LYS D 6 -24.82 -47.63 -28.03
N VAL D 7 -23.80 -47.65 -27.18
CA VAL D 7 -23.13 -46.40 -26.78
C VAL D 7 -22.59 -45.68 -28.02
N ILE D 8 -21.78 -46.39 -28.82
CA ILE D 8 -21.25 -45.82 -30.04
C ILE D 8 -22.36 -45.26 -30.91
N GLN D 9 -23.50 -45.95 -30.97
CA GLN D 9 -24.62 -45.43 -31.76
C GLN D 9 -25.14 -44.12 -31.21
N HIS D 10 -25.27 -44.02 -29.88
CA HIS D 10 -25.69 -42.75 -29.28
C HIS D 10 -24.69 -41.65 -29.60
N LEU D 11 -23.41 -41.92 -29.37
CA LEU D 11 -22.38 -40.94 -29.66
C LEU D 11 -22.50 -40.44 -31.10
N ASN D 12 -22.66 -41.36 -32.04
CA ASN D 12 -22.83 -40.96 -33.43
C ASN D 12 -24.09 -40.14 -33.62
N LYS D 13 -25.15 -40.48 -32.91
CA LYS D 13 -26.34 -39.63 -33.02
C LYS D 13 -26.05 -38.24 -32.46
N ILE D 14 -25.33 -38.17 -31.33
CA ILE D 14 -24.98 -36.87 -30.78
C ILE D 14 -24.10 -36.12 -31.78
N LEU D 15 -23.16 -36.84 -32.41
CA LEU D 15 -22.28 -36.20 -33.38
C LEU D 15 -23.06 -35.66 -34.57
N GLY D 16 -24.07 -36.40 -35.04
CA GLY D 16 -24.92 -35.88 -36.09
C GLY D 16 -25.57 -34.56 -35.74
N ASN D 17 -26.00 -34.40 -34.49
CA ASN D 17 -26.57 -33.12 -34.08
C ASN D 17 -25.54 -32.01 -34.14
N GLU D 18 -24.33 -32.27 -33.60
CA GLU D 18 -23.27 -31.27 -33.62
C GLU D 18 -22.96 -30.80 -35.05
N LEU D 19 -22.90 -31.74 -36.00
CA LEU D 19 -22.63 -31.37 -37.40
C LEU D 19 -23.73 -30.47 -37.95
N ILE D 20 -24.99 -30.75 -37.61
CA ILE D 20 -26.05 -29.81 -37.96
C ILE D 20 -25.79 -28.46 -37.30
N ALA D 21 -25.45 -28.47 -36.01
CA ALA D 21 -25.28 -27.21 -35.29
C ALA D 21 -24.11 -26.41 -35.87
N ILE D 22 -22.98 -27.07 -36.06
CA ILE D 22 -21.83 -26.41 -36.68
C ILE D 22 -22.26 -25.60 -37.89
N ASN D 23 -22.92 -26.27 -38.86
CA ASN D 23 -23.26 -25.59 -40.11
C ASN D 23 -24.36 -24.55 -39.92
N GLN D 24 -25.36 -24.87 -39.12
CA GLN D 24 -26.45 -23.92 -38.89
C GLN D 24 -25.92 -22.65 -38.22
N TYR D 25 -25.10 -22.81 -37.17
CA TYR D 25 -24.62 -21.63 -36.47
C TYR D 25 -23.64 -20.85 -37.34
N PHE D 26 -22.81 -21.58 -38.12
CA PHE D 26 -21.85 -20.87 -38.97
C PHE D 26 -22.56 -20.01 -40.00
N LEU D 27 -23.61 -20.55 -40.64
CA LEU D 27 -24.34 -19.77 -41.65
C LEU D 27 -25.08 -18.61 -41.00
N HIS D 28 -25.73 -18.83 -39.86
CA HIS D 28 -26.38 -17.72 -39.17
C HIS D 28 -25.37 -16.62 -38.84
N SER D 29 -24.19 -17.02 -38.38
CA SER D 29 -23.13 -16.05 -38.08
C SER D 29 -22.81 -15.20 -39.30
N ARG D 30 -22.57 -15.87 -40.44
CA ARG D 30 -22.21 -15.12 -41.63
C ARG D 30 -23.38 -14.37 -42.20
N MET D 31 -24.59 -14.87 -42.01
CA MET D 31 -25.75 -14.05 -42.35
C MET D 31 -25.80 -12.79 -41.49
N TRP D 32 -25.65 -12.95 -40.16
CA TRP D 32 -25.72 -11.77 -39.30
C TRP D 32 -24.62 -10.77 -39.64
N ASN D 33 -23.40 -11.25 -39.92
CA ASN D 33 -22.35 -10.33 -40.30
C ASN D 33 -22.68 -9.60 -41.60
N ASP D 34 -23.16 -10.33 -42.61
CA ASP D 34 -23.54 -9.68 -43.86
C ASP D 34 -24.59 -8.60 -43.63
N TRP D 35 -25.51 -8.79 -42.67
CA TRP D 35 -26.51 -7.76 -42.38
C TRP D 35 -25.97 -6.64 -41.51
N GLY D 36 -24.71 -6.69 -41.09
CA GLY D 36 -24.20 -5.63 -40.23
C GLY D 36 -24.56 -5.78 -38.77
N LEU D 37 -24.98 -6.96 -38.34
CA LEU D 37 -25.27 -7.24 -36.95
C LEU D 37 -24.10 -8.05 -36.36
N LYS D 38 -22.96 -7.36 -36.23
CA LYS D 38 -21.70 -8.05 -36.01
C LYS D 38 -21.59 -8.66 -34.62
N ARG D 39 -22.25 -8.09 -33.62
CA ARG D 39 -22.18 -8.70 -32.31
C ARG D 39 -22.87 -10.06 -32.31
N LEU D 40 -24.02 -10.15 -32.98
CA LEU D 40 -24.65 -11.45 -33.18
C LEU D 40 -23.77 -12.36 -34.01
N GLY D 41 -23.21 -11.81 -35.10
CA GLY D 41 -22.33 -12.60 -35.94
C GLY D 41 -21.18 -13.20 -35.15
N ALA D 42 -20.57 -12.41 -34.28
CA ALA D 42 -19.41 -12.90 -33.54
C ALA D 42 -19.81 -13.96 -32.53
N HIS D 43 -20.89 -13.71 -31.80
CA HIS D 43 -21.31 -14.67 -30.79
C HIS D 43 -21.70 -16.00 -31.43
N GLU D 44 -22.41 -15.92 -32.57
CA GLU D 44 -22.86 -17.13 -33.26
C GLU D 44 -21.70 -17.92 -33.86
N TYR D 45 -20.68 -17.20 -34.33
CA TYR D 45 -19.41 -17.84 -34.71
C TYR D 45 -18.82 -18.64 -33.56
N HIS D 46 -18.77 -18.05 -32.37
CA HIS D 46 -18.16 -18.77 -31.25
C HIS D 46 -19.00 -19.96 -30.82
N GLU D 47 -20.33 -19.89 -31.03
CA GLU D 47 -21.16 -21.07 -30.81
C GLU D 47 -20.83 -22.16 -31.82
N SER D 48 -20.64 -21.78 -33.09
CA SER D 48 -20.18 -22.75 -34.09
C SER D 48 -18.85 -23.37 -33.67
N ILE D 49 -17.88 -22.54 -33.28
CA ILE D 49 -16.60 -23.09 -32.85
C ILE D 49 -16.81 -24.08 -31.70
N ASP D 50 -17.71 -23.73 -30.77
CA ASP D 50 -17.99 -24.58 -29.62
C ASP D 50 -18.45 -25.97 -30.05
N GLU D 51 -19.38 -26.02 -31.00
CA GLU D 51 -19.89 -27.29 -31.50
C GLU D 51 -18.81 -28.06 -32.25
N MET D 52 -17.95 -27.35 -32.99
CA MET D 52 -16.79 -28.00 -33.60
C MET D 52 -15.91 -28.67 -32.55
N LYS D 53 -15.68 -28.02 -31.40
CA LYS D 53 -14.85 -28.66 -30.40
C LYS D 53 -15.55 -29.88 -29.81
N HIS D 54 -16.88 -29.80 -29.59
CA HIS D 54 -17.63 -30.96 -29.11
C HIS D 54 -17.56 -32.10 -30.11
N ALA D 55 -17.77 -31.79 -31.39
CA ALA D 55 -17.65 -32.80 -32.44
C ALA D 55 -16.28 -33.48 -32.37
N ASP D 56 -15.23 -32.68 -32.26
CA ASP D 56 -13.89 -33.22 -32.18
C ASP D 56 -13.80 -34.23 -31.04
N LYS D 57 -14.30 -33.86 -29.85
CA LYS D 57 -14.20 -34.80 -28.73
C LYS D 57 -15.06 -36.04 -28.97
N LEU D 58 -16.21 -35.92 -29.62
CA LEU D 58 -17.01 -37.11 -29.89
C LEU D 58 -16.30 -38.03 -30.89
N ILE D 59 -15.78 -37.44 -31.98
CA ILE D 59 -14.98 -38.20 -32.95
C ILE D 59 -13.88 -38.96 -32.25
N GLU D 60 -13.15 -38.27 -31.37
CA GLU D 60 -12.03 -38.92 -30.66
C GLU D 60 -12.51 -40.05 -29.76
N ARG D 61 -13.61 -39.84 -29.03
CA ARG D 61 -14.10 -40.91 -28.15
C ARG D 61 -14.54 -42.14 -28.96
N ILE D 62 -15.22 -41.90 -30.08
CA ILE D 62 -15.73 -43.00 -30.89
C ILE D 62 -14.60 -43.83 -31.45
N LEU D 63 -13.57 -43.16 -31.99
CA LEU D 63 -12.40 -43.89 -32.48
C LEU D 63 -11.76 -44.70 -31.37
N PHE D 64 -11.68 -44.10 -30.17
CA PHE D 64 -11.12 -44.84 -29.04
C PHE D 64 -11.93 -46.09 -28.72
N LEU D 65 -13.26 -45.98 -28.78
CA LEU D 65 -14.10 -47.16 -28.56
C LEU D 65 -14.14 -48.09 -29.78
N GLU D 66 -13.27 -47.84 -30.78
CA GLU D 66 -13.15 -48.67 -31.97
C GLU D 66 -14.46 -48.70 -32.76
N GLY D 67 -15.17 -47.58 -32.74
CA GLY D 67 -16.29 -47.37 -33.62
C GLY D 67 -15.87 -46.51 -34.80
N LEU D 68 -16.83 -46.31 -35.70
CA LEU D 68 -16.64 -45.51 -36.91
C LEU D 68 -17.44 -44.21 -36.81
N PRO D 69 -16.80 -43.05 -36.72
CA PRO D 69 -17.56 -41.79 -36.61
C PRO D 69 -18.25 -41.46 -37.92
N ASN D 70 -19.52 -41.11 -37.83
CA ASN D 70 -20.31 -40.74 -39.00
C ASN D 70 -20.19 -39.25 -39.25
N LEU D 71 -19.36 -38.85 -40.22
CA LEU D 71 -19.40 -37.47 -40.71
C LEU D 71 -20.05 -37.38 -42.08
N GLN D 72 -20.61 -38.47 -42.58
CA GLN D 72 -21.22 -38.49 -43.91
C GLN D 72 -22.67 -38.01 -43.88
N ASP D 73 -23.39 -38.30 -42.81
CA ASP D 73 -24.84 -38.12 -42.77
C ASP D 73 -25.16 -36.82 -42.05
N LEU D 74 -25.71 -35.88 -42.80
CA LEU D 74 -26.00 -34.54 -42.34
C LEU D 74 -27.51 -34.35 -42.37
N GLY D 75 -28.08 -34.02 -41.21
CA GLY D 75 -29.50 -33.80 -41.09
C GLY D 75 -29.94 -32.43 -41.56
N LYS D 76 -31.22 -32.18 -41.39
CA LYS D 76 -31.83 -30.95 -41.89
C LYS D 76 -31.39 -29.77 -41.02
N LEU D 77 -30.84 -28.75 -41.66
CA LEU D 77 -30.51 -27.51 -40.98
C LEU D 77 -31.73 -26.63 -40.83
N LEU D 78 -31.85 -26.00 -39.68
CA LEU D 78 -32.97 -25.10 -39.40
C LEU D 78 -32.47 -23.69 -39.60
N ILE D 79 -32.52 -23.22 -40.84
CA ILE D 79 -32.00 -21.90 -41.19
C ILE D 79 -33.17 -20.93 -41.15
N GLY D 80 -33.06 -19.92 -40.32
CA GLY D 80 -34.05 -18.88 -40.29
C GLY D 80 -33.73 -17.80 -41.29
N GLU D 81 -34.66 -16.88 -41.44
CA GLU D 81 -34.52 -15.82 -42.41
C GLU D 81 -34.68 -14.45 -41.78
N ASN D 82 -34.85 -14.38 -40.46
CA ASN D 82 -34.75 -13.13 -39.73
C ASN D 82 -34.23 -13.44 -38.33
N THR D 83 -33.78 -12.40 -37.63
CA THR D 83 -33.05 -12.60 -36.39
C THR D 83 -33.87 -13.43 -35.39
N GLN D 84 -35.11 -13.01 -35.12
CA GLN D 84 -35.97 -13.73 -34.20
C GLN D 84 -36.12 -15.19 -34.62
N GLU D 85 -36.32 -15.45 -35.92
CA GLU D 85 -36.49 -16.83 -36.37
C GLU D 85 -35.18 -17.61 -36.32
N MET D 86 -34.04 -16.96 -36.59
CA MET D 86 -32.76 -17.65 -36.49
C MET D 86 -32.49 -18.09 -35.07
N LEU D 87 -32.78 -17.23 -34.10
CA LEU D 87 -32.62 -17.61 -32.70
C LEU D 87 -33.55 -18.77 -32.35
N GLN D 88 -34.79 -18.70 -32.82
CA GLN D 88 -35.73 -19.78 -32.51
C GLN D 88 -35.27 -21.10 -33.14
N CYS D 89 -34.74 -21.05 -34.38
CA CYS D 89 -34.23 -22.29 -34.99
C CYS D 89 -33.08 -22.85 -34.18
N ASP D 90 -32.19 -21.99 -33.68
CA ASP D 90 -31.10 -22.49 -32.85
C ASP D 90 -31.66 -23.16 -31.60
N LEU D 91 -32.67 -22.54 -30.99
CA LEU D 91 -33.27 -23.08 -29.77
C LEU D 91 -33.93 -24.43 -30.02
N ASN D 92 -34.71 -24.54 -31.09
CA ASN D 92 -35.33 -25.83 -31.39
C ASN D 92 -34.30 -26.92 -31.53
N LEU D 93 -33.20 -26.63 -32.22
CA LEU D 93 -32.13 -27.61 -32.38
C LEU D 93 -31.51 -27.95 -31.04
N GLU D 94 -31.29 -26.95 -30.18
CA GLU D 94 -30.72 -27.26 -28.87
C GLU D 94 -31.64 -28.17 -28.06
N LEU D 95 -32.95 -27.91 -28.13
CA LEU D 95 -33.90 -28.73 -27.37
C LEU D 95 -33.88 -30.17 -27.85
N LYS D 96 -33.81 -30.37 -29.17
CA LYS D 96 -33.61 -31.73 -29.68
C LYS D 96 -32.28 -32.30 -29.19
N ALA D 97 -31.22 -31.49 -29.24
CA ALA D 97 -29.89 -31.98 -28.89
C ALA D 97 -29.81 -32.43 -27.44
N THR D 98 -30.44 -31.68 -26.53
CA THR D 98 -30.34 -32.05 -25.12
C THR D 98 -31.18 -33.26 -24.77
N LYS D 99 -32.34 -33.45 -25.42
CA LYS D 99 -33.08 -34.70 -25.22
C LYS D 99 -32.25 -35.91 -25.64
N ASP D 100 -31.53 -35.80 -26.76
CA ASP D 100 -30.73 -36.93 -27.22
C ASP D 100 -29.57 -37.19 -26.28
N LEU D 101 -28.95 -36.11 -25.79
CA LEU D 101 -27.89 -36.26 -24.80
C LEU D 101 -28.40 -37.00 -23.57
N ARG D 102 -29.56 -36.62 -23.08
CA ARG D 102 -30.10 -37.28 -21.88
C ARG D 102 -30.32 -38.76 -22.14
N GLU D 103 -30.92 -39.10 -23.28
CA GLU D 103 -31.12 -40.51 -23.60
C GLU D 103 -29.78 -41.23 -23.77
N ALA D 104 -28.78 -40.57 -24.34
CA ALA D 104 -27.46 -41.20 -24.42
C ALA D 104 -26.86 -41.44 -23.05
N ILE D 105 -27.05 -40.48 -22.12
CA ILE D 105 -26.46 -40.63 -20.79
C ILE D 105 -27.11 -41.79 -20.03
N VAL D 106 -28.43 -41.97 -20.17
CA VAL D 106 -29.11 -43.09 -19.53
C VAL D 106 -28.45 -44.41 -19.95
N HIS D 107 -28.25 -44.58 -21.26
CA HIS D 107 -27.68 -45.85 -21.70
C HIS D 107 -26.24 -46.00 -21.24
N CYS D 108 -25.41 -44.95 -21.37
CA CYS D 108 -24.05 -45.04 -20.81
C CYS D 108 -24.08 -45.46 -19.35
N GLU D 109 -25.02 -44.92 -18.58
CA GLU D 109 -25.07 -45.28 -17.16
C GLU D 109 -25.39 -46.76 -16.99
N GLN D 110 -26.34 -47.27 -17.77
CA GLN D 110 -26.74 -48.67 -17.67
C GLN D 110 -25.59 -49.62 -18.01
N VAL D 111 -24.82 -49.32 -19.06
CA VAL D 111 -23.75 -50.24 -19.46
C VAL D 111 -22.43 -49.86 -18.81
N HIS D 112 -22.45 -48.90 -17.88
CA HIS D 112 -21.28 -48.60 -17.02
C HIS D 112 -20.18 -47.86 -17.78
N ASP D 113 -20.53 -47.15 -18.85
CA ASP D 113 -19.51 -46.39 -19.57
C ASP D 113 -19.47 -45.00 -18.96
N TYR D 114 -18.83 -44.93 -17.78
CA TYR D 114 -18.92 -43.71 -17.00
C TYR D 114 -18.13 -42.58 -17.63
N VAL D 115 -17.08 -42.89 -18.40
CA VAL D 115 -16.31 -41.84 -19.07
C VAL D 115 -17.11 -41.21 -20.20
N SER D 116 -17.75 -42.03 -21.03
CA SER D 116 -18.62 -41.43 -22.05
C SER D 116 -19.71 -40.60 -21.40
N ARG D 117 -20.25 -41.07 -20.27
CA ARG D 117 -21.27 -40.27 -19.58
C ARG D 117 -20.72 -38.88 -19.26
N ASP D 118 -19.51 -38.84 -18.71
CA ASP D 118 -18.93 -37.59 -18.25
C ASP D 118 -18.73 -36.64 -19.41
N LEU D 119 -18.23 -37.15 -20.54
CA LEU D 119 -18.13 -36.31 -21.72
C LEU D 119 -19.50 -35.76 -22.13
N LEU D 120 -20.52 -36.60 -22.15
CA LEU D 120 -21.83 -36.11 -22.59
C LEU D 120 -22.43 -35.13 -21.57
N LYS D 121 -22.17 -35.34 -20.28
CA LYS D 121 -22.61 -34.37 -19.28
C LYS D 121 -21.96 -33.01 -19.54
N ASP D 122 -20.66 -33.00 -19.87
CA ASP D 122 -20.00 -31.71 -20.11
C ASP D 122 -20.58 -31.05 -21.35
N ILE D 123 -20.87 -31.84 -22.40
CA ILE D 123 -21.51 -31.27 -23.57
C ILE D 123 -22.88 -30.72 -23.19
N LEU D 124 -23.62 -31.46 -22.36
CA LEU D 124 -24.96 -31.04 -21.95
C LEU D 124 -24.91 -29.70 -21.21
N GLU D 125 -23.91 -29.53 -20.35
CA GLU D 125 -23.74 -28.25 -19.65
C GLU D 125 -23.52 -27.11 -20.64
N SER D 126 -22.70 -27.34 -21.66
CA SER D 126 -22.51 -26.31 -22.67
CA SER D 126 -22.51 -26.32 -22.69
C SER D 126 -23.82 -26.01 -23.40
N GLU D 127 -24.58 -27.05 -23.74
CA GLU D 127 -25.80 -26.81 -24.52
C GLU D 127 -26.86 -26.11 -23.67
N GLU D 128 -26.97 -26.45 -22.38
CA GLU D 128 -27.91 -25.72 -21.56
C GLU D 128 -27.49 -24.26 -21.40
N GLU D 129 -26.18 -23.96 -21.36
CA GLU D 129 -25.75 -22.57 -21.38
C GLU D 129 -26.20 -21.87 -22.65
N HIS D 130 -26.08 -22.55 -23.79
CA HIS D 130 -26.57 -22.01 -25.04
C HIS D 130 -28.08 -21.79 -25.00
N ILE D 131 -28.83 -22.75 -24.45
CA ILE D 131 -30.28 -22.56 -24.32
C ILE D 131 -30.58 -21.31 -23.50
N ASP D 132 -29.92 -21.18 -22.34
CA ASP D 132 -30.06 -19.97 -21.53
C ASP D 132 -29.83 -18.71 -22.37
N TYR D 133 -28.74 -18.70 -23.13
CA TYR D 133 -28.44 -17.58 -23.98
C TYR D 133 -29.59 -17.30 -24.94
N LEU D 134 -30.05 -18.34 -25.64
CA LEU D 134 -31.08 -18.17 -26.65
C LEU D 134 -32.40 -17.70 -26.03
N GLU D 135 -32.85 -18.39 -24.98
CA GLU D 135 -34.06 -17.96 -24.28
C GLU D 135 -33.94 -16.50 -23.84
N THR D 136 -32.77 -16.13 -23.34
CA THR D 136 -32.57 -14.75 -22.91
C THR D 136 -32.66 -13.77 -24.08
N GLN D 137 -32.02 -14.09 -25.22
CA GLN D 137 -32.13 -13.21 -26.39
C GLN D 137 -33.59 -13.04 -26.82
N LEU D 138 -34.34 -14.13 -26.88
CA LEU D 138 -35.72 -14.04 -27.30
C LEU D 138 -36.54 -13.20 -26.32
N GLY D 139 -36.30 -13.38 -25.02
CA GLY D 139 -36.93 -12.51 -24.05
C GLY D 139 -36.56 -11.04 -24.24
N LEU D 140 -35.28 -10.76 -24.51
CA LEU D 140 -34.86 -9.36 -24.65
C LEU D 140 -35.55 -8.69 -25.83
N ILE D 141 -35.77 -9.43 -26.92
CA ILE D 141 -36.47 -8.84 -28.06
C ILE D 141 -37.84 -8.34 -27.63
N GLN D 142 -38.54 -9.11 -26.80
CA GLN D 142 -39.84 -8.67 -26.27
C GLN D 142 -39.69 -7.45 -25.34
N LYS D 143 -38.66 -7.42 -24.49
CA LYS D 143 -38.57 -6.37 -23.48
C LYS D 143 -38.09 -5.04 -24.05
N VAL D 144 -37.08 -5.03 -24.93
CA VAL D 144 -36.53 -3.78 -25.45
C VAL D 144 -37.10 -3.43 -26.83
N GLY D 145 -37.72 -4.36 -27.52
CA GLY D 145 -38.22 -4.14 -28.86
C GLY D 145 -37.24 -4.64 -29.90
N LEU D 146 -37.76 -5.08 -31.05
CA LEU D 146 -36.89 -5.68 -32.06
C LEU D 146 -35.86 -4.68 -32.57
N GLU D 147 -36.28 -3.46 -32.88
CA GLU D 147 -35.36 -2.47 -33.43
C GLU D 147 -34.20 -2.19 -32.45
N ASN D 148 -34.53 -1.99 -31.17
CA ASN D 148 -33.48 -1.75 -30.16
C ASN D 148 -32.58 -2.97 -30.00
N TYR D 149 -33.16 -4.18 -29.99
CA TYR D 149 -32.35 -5.38 -29.86
C TYR D 149 -31.38 -5.46 -31.01
N LEU D 150 -31.85 -5.19 -32.22
CA LEU D 150 -30.94 -5.22 -33.36
C LEU D 150 -29.88 -4.13 -33.24
N GLN D 151 -30.30 -2.92 -32.88
CA GLN D 151 -29.34 -1.83 -32.74
C GLN D 151 -28.22 -2.20 -31.77
N SER D 152 -28.56 -2.87 -30.67
CA SER D 152 -27.58 -3.24 -29.66
C SER D 152 -26.67 -4.37 -30.10
N HIS D 153 -26.93 -5.01 -31.24
CA HIS D 153 -26.05 -6.05 -31.75
C HIS D 153 -25.38 -5.66 -33.06
N MET D 154 -25.36 -4.37 -33.39
CA MET D 154 -24.70 -3.91 -34.61
C MET D 154 -23.17 -3.97 -34.47
N HIS D 155 -22.66 -3.43 -33.38
CA HIS D 155 -21.22 -3.26 -33.19
C HIS D 155 -20.73 -4.23 -32.12
N GLU D 156 -19.45 -4.57 -32.23
CA GLU D 156 -18.80 -5.40 -31.22
C GLU D 156 -18.18 -4.54 -30.14
N MET E 1 -8.15 31.75 16.73
CA MET E 1 -9.63 31.92 16.77
C MET E 1 -10.07 31.76 18.23
N LYS E 2 -10.86 32.67 18.77
CA LYS E 2 -11.12 32.67 20.20
C LYS E 2 -12.05 31.51 20.52
N GLY E 3 -11.53 30.49 21.25
CA GLY E 3 -12.33 29.34 21.55
C GLY E 3 -13.20 29.58 22.78
N ASP E 4 -14.22 28.73 22.93
CA ASP E 4 -14.97 28.66 24.18
C ASP E 4 -14.04 28.26 25.33
N LYS E 5 -14.11 29.01 26.43
CA LYS E 5 -13.18 28.75 27.53
C LYS E 5 -13.36 27.35 28.09
N LYS E 6 -14.61 26.89 28.18
CA LYS E 6 -14.86 25.56 28.74
C LYS E 6 -14.51 24.45 27.75
N VAL E 7 -14.63 24.68 26.43
CA VAL E 7 -14.08 23.70 25.50
C VAL E 7 -12.60 23.51 25.78
N ILE E 8 -11.86 24.61 25.94
CA ILE E 8 -10.43 24.50 26.16
C ILE E 8 -10.14 23.75 27.46
N GLN E 9 -10.92 23.97 28.51
CA GLN E 9 -10.73 23.22 29.74
C GLN E 9 -10.93 21.73 29.52
N HIS E 10 -11.96 21.37 28.75
CA HIS E 10 -12.21 19.98 28.41
C HIS E 10 -11.05 19.40 27.60
N LEU E 11 -10.57 20.13 26.58
CA LEU E 11 -9.45 19.65 25.76
C LEU E 11 -8.20 19.44 26.63
N ASN E 12 -7.97 20.31 27.62
CA ASN E 12 -6.86 20.13 28.54
C ASN E 12 -7.09 18.95 29.48
N LYS E 13 -8.34 18.66 29.83
CA LYS E 13 -8.59 17.46 30.63
C LYS E 13 -8.31 16.18 29.81
N ILE E 14 -8.77 16.15 28.56
CA ILE E 14 -8.46 15.01 27.69
C ILE E 14 -6.94 14.89 27.51
N LEU E 15 -6.27 16.02 27.27
CA LEU E 15 -4.81 16.02 27.13
C LEU E 15 -4.15 15.47 28.39
N GLY E 16 -4.67 15.85 29.56
CA GLY E 16 -4.14 15.32 30.81
C GLY E 16 -4.25 13.81 30.89
N ASN E 17 -5.40 13.26 30.48
CA ASN E 17 -5.54 11.80 30.40
C ASN E 17 -4.51 11.22 29.43
N GLU E 18 -4.24 11.91 28.33
CA GLU E 18 -3.29 11.37 27.35
C GLU E 18 -1.89 11.32 27.91
N LEU E 19 -1.49 12.35 28.65
CA LEU E 19 -0.16 12.39 29.24
C LEU E 19 0.06 11.22 30.18
N ILE E 20 -0.97 10.89 30.98
CA ILE E 20 -0.92 9.71 31.83
C ILE E 20 -0.79 8.45 30.98
N ALA E 21 -1.65 8.31 29.98
CA ALA E 21 -1.63 7.12 29.13
C ALA E 21 -0.28 6.93 28.43
N ILE E 22 0.29 8.02 27.89
CA ILE E 22 1.59 7.95 27.24
C ILE E 22 2.60 7.27 28.15
N ASN E 23 2.75 7.77 29.38
CA ASN E 23 3.78 7.28 30.29
C ASN E 23 3.45 5.90 30.82
N GLN E 24 2.18 5.65 31.14
CA GLN E 24 1.80 4.34 31.65
C GLN E 24 2.01 3.27 30.60
N TYR E 25 1.58 3.53 29.36
CA TYR E 25 1.75 2.54 28.32
C TYR E 25 3.22 2.41 27.95
N PHE E 26 3.97 3.52 27.97
CA PHE E 26 5.39 3.40 27.62
C PHE E 26 6.13 2.55 28.65
N LEU E 27 5.87 2.81 29.93
CA LEU E 27 6.50 2.02 30.98
C LEU E 27 6.04 0.57 30.95
N HIS E 28 4.75 0.33 30.69
CA HIS E 28 4.31 -1.06 30.60
C HIS E 28 5.01 -1.77 29.44
N SER E 29 5.14 -1.08 28.31
CA SER E 29 5.83 -1.65 27.14
C SER E 29 7.25 -2.08 27.50
N ARG E 30 7.99 -1.18 28.15
CA ARG E 30 9.38 -1.48 28.47
C ARG E 30 9.49 -2.54 29.57
N MET E 31 8.50 -2.63 30.47
CA MET E 31 8.49 -3.74 31.43
C MET E 31 8.29 -5.07 30.70
N TRP E 32 7.31 -5.10 29.78
CA TRP E 32 7.08 -6.33 29.01
C TRP E 32 8.30 -6.71 28.19
N ASN E 33 8.97 -5.74 27.59
CA ASN E 33 10.18 -6.06 26.83
C ASN E 33 11.27 -6.60 27.73
N ASP E 34 11.47 -5.98 28.88
CA ASP E 34 12.46 -6.47 29.84
C ASP E 34 12.16 -7.92 30.24
N TRP E 35 10.89 -8.29 30.35
CA TRP E 35 10.50 -9.63 30.76
C TRP E 35 10.51 -10.64 29.62
N GLY E 36 10.86 -10.20 28.42
CA GLY E 36 10.87 -11.10 27.29
C GLY E 36 9.54 -11.30 26.62
N LEU E 37 8.50 -10.54 27.01
CA LEU E 37 7.21 -10.63 26.33
C LEU E 37 7.12 -9.56 25.23
N LYS E 38 7.95 -9.73 24.19
CA LYS E 38 8.18 -8.65 23.22
C LYS E 38 6.97 -8.36 22.35
N ARG E 39 6.06 -9.31 22.19
CA ARG E 39 4.86 -9.03 21.40
C ARG E 39 3.94 -8.09 22.15
N LEU E 40 3.83 -8.27 23.47
CA LEU E 40 3.11 -7.33 24.31
C LEU E 40 3.84 -5.99 24.34
N GLY E 41 5.16 -6.03 24.49
CA GLY E 41 5.93 -4.79 24.51
C GLY E 41 5.76 -3.97 23.24
N ALA E 42 5.84 -4.64 22.08
CA ALA E 42 5.64 -3.92 20.81
C ALA E 42 4.22 -3.35 20.71
N HIS E 43 3.22 -4.15 21.06
CA HIS E 43 1.84 -3.67 20.92
C HIS E 43 1.59 -2.49 21.85
N GLU E 44 2.04 -2.58 23.11
CA GLU E 44 1.87 -1.50 24.08
C GLU E 44 2.66 -0.25 23.65
N TYR E 45 3.84 -0.44 23.07
CA TYR E 45 4.62 0.67 22.50
C TYR E 45 3.79 1.43 21.48
N HIS E 46 3.14 0.71 20.57
CA HIS E 46 2.31 1.37 19.58
C HIS E 46 1.11 2.08 20.20
N GLU E 47 0.52 1.52 21.27
CA GLU E 47 -0.55 2.23 21.97
C GLU E 47 -0.05 3.57 22.53
N SER E 48 1.14 3.55 23.14
CA SER E 48 1.77 4.78 23.62
C SER E 48 1.93 5.81 22.50
N ILE E 49 2.47 5.39 21.35
CA ILE E 49 2.64 6.29 20.22
C ILE E 49 1.30 6.84 19.76
N ASP E 50 0.27 6.00 19.74
CA ASP E 50 -1.02 6.52 19.31
C ASP E 50 -1.50 7.60 20.26
N GLU E 51 -1.27 7.43 21.58
CA GLU E 51 -1.65 8.48 22.51
C GLU E 51 -0.83 9.74 22.30
N MET E 52 0.45 9.59 21.97
CA MET E 52 1.28 10.76 21.67
C MET E 52 0.73 11.53 20.48
N LYS E 53 0.26 10.82 19.45
CA LYS E 53 -0.33 11.50 18.30
C LYS E 53 -1.61 12.23 18.69
N HIS E 54 -2.43 11.59 19.52
CA HIS E 54 -3.64 12.26 20.04
C HIS E 54 -3.25 13.51 20.82
N ALA E 55 -2.26 13.42 21.69
CA ALA E 55 -1.86 14.57 22.48
C ALA E 55 -1.40 15.73 21.59
N ASP E 56 -0.71 15.38 20.48
CA ASP E 56 -0.28 16.37 19.50
C ASP E 56 -1.48 17.12 18.95
N LYS E 57 -2.49 16.39 18.48
CA LYS E 57 -3.64 17.04 17.90
C LYS E 57 -4.37 17.92 18.92
N LEU E 58 -4.46 17.50 20.18
CA LEU E 58 -5.12 18.31 21.20
C LEU E 58 -4.35 19.61 21.45
N ILE E 59 -3.03 19.50 21.60
CA ILE E 59 -2.19 20.68 21.79
C ILE E 59 -2.38 21.65 20.64
N GLU E 60 -2.35 21.14 19.42
CA GLU E 60 -2.51 22.01 18.26
C GLU E 60 -3.88 22.70 18.26
N ARG E 61 -4.94 21.93 18.54
CA ARG E 61 -6.30 22.49 18.62
C ARG E 61 -6.42 23.56 19.70
N ILE E 62 -5.85 23.30 20.88
CA ILE E 62 -5.92 24.25 21.98
C ILE E 62 -5.25 25.58 21.58
N LEU E 63 -4.04 25.49 21.01
CA LEU E 63 -3.33 26.68 20.55
C LEU E 63 -4.11 27.43 19.48
N PHE E 64 -4.70 26.72 18.52
CA PHE E 64 -5.52 27.41 17.52
C PHE E 64 -6.65 28.17 18.22
N LEU E 65 -7.25 27.57 19.24
CA LEU E 65 -8.34 28.18 19.99
C LEU E 65 -7.86 29.25 20.97
N GLU E 66 -6.57 29.54 20.97
CA GLU E 66 -5.96 30.60 21.75
C GLU E 66 -5.97 30.28 23.24
N GLY E 67 -5.93 28.98 23.56
CA GLY E 67 -5.70 28.54 24.91
C GLY E 67 -4.24 28.16 25.16
N LEU E 68 -3.98 27.78 26.42
CA LEU E 68 -2.69 27.32 26.91
C LEU E 68 -2.78 25.82 27.14
N PRO E 69 -2.07 25.00 26.36
CA PRO E 69 -2.10 23.55 26.61
C PRO E 69 -1.40 23.23 27.90
N ASN E 70 -2.01 22.36 28.71
CA ASN E 70 -1.43 22.04 30.01
C ASN E 70 -0.57 20.78 29.89
N LEU E 71 0.75 20.95 29.79
CA LEU E 71 1.68 19.80 29.80
C LEU E 71 2.46 19.70 31.10
N GLN E 72 2.03 20.43 32.13
CA GLN E 72 2.70 20.50 33.42
C GLN E 72 2.13 19.54 34.44
N ASP E 73 0.81 19.31 34.39
CA ASP E 73 0.12 18.54 35.42
C ASP E 73 -0.03 17.09 34.96
N LEU E 74 0.58 16.18 35.70
CA LEU E 74 0.58 14.75 35.39
C LEU E 74 -0.12 14.00 36.51
N GLY E 75 -1.24 13.38 36.19
CA GLY E 75 -2.00 12.61 37.15
C GLY E 75 -1.36 11.27 37.45
N LYS E 76 -2.10 10.45 38.21
CA LYS E 76 -1.56 9.23 38.79
C LYS E 76 -1.46 8.12 37.73
N LEU E 77 -0.26 7.62 37.50
CA LEU E 77 -0.11 6.45 36.64
C LEU E 77 -0.61 5.20 37.35
N LEU E 78 -1.26 4.29 36.61
CA LEU E 78 -1.66 2.98 37.14
C LEU E 78 -0.74 1.92 36.54
N ILE E 79 0.25 1.49 37.33
CA ILE E 79 1.29 0.54 36.90
C ILE E 79 1.00 -0.80 37.53
N GLY E 80 0.76 -1.81 36.73
CA GLY E 80 0.59 -3.11 37.35
C GLY E 80 1.91 -3.77 37.74
N GLU E 81 1.80 -4.90 38.44
CA GLU E 81 2.95 -5.69 38.88
C GLU E 81 3.09 -7.02 38.16
N ASN E 82 2.12 -7.40 37.34
CA ASN E 82 2.19 -8.54 36.45
C ASN E 82 1.29 -8.25 35.26
N THR E 83 1.30 -9.14 34.27
CA THR E 83 0.68 -8.84 32.99
C THR E 83 -0.81 -8.57 33.15
N GLN E 84 -1.50 -9.41 33.91
CA GLN E 84 -2.94 -9.23 34.11
C GLN E 84 -3.26 -7.90 34.78
N GLU E 85 -2.49 -7.54 35.81
CA GLU E 85 -2.72 -6.26 36.45
C GLU E 85 -2.44 -5.11 35.50
N MET E 86 -1.38 -5.23 34.67
CA MET E 86 -1.03 -4.13 33.79
C MET E 86 -2.14 -3.91 32.77
N LEU E 87 -2.69 -5.00 32.24
CA LEU E 87 -3.79 -4.89 31.31
C LEU E 87 -5.02 -4.28 31.97
N GLN E 88 -5.32 -4.70 33.20
CA GLN E 88 -6.49 -4.16 33.87
C GLN E 88 -6.29 -2.67 34.22
N CYS E 89 -5.05 -2.27 34.56
CA CYS E 89 -4.73 -0.87 34.79
C CYS E 89 -4.94 -0.03 33.53
N ASP E 90 -4.48 -0.53 32.39
CA ASP E 90 -4.69 0.17 31.14
C ASP E 90 -6.18 0.33 30.87
N LEU E 91 -6.95 -0.74 31.13
CA LEU E 91 -8.38 -0.72 30.86
C LEU E 91 -9.10 0.26 31.78
N ASN E 92 -8.71 0.30 33.06
CA ASN E 92 -9.29 1.28 33.98
C ASN E 92 -9.05 2.72 33.51
N LEU E 93 -7.83 3.01 33.03
CA LEU E 93 -7.52 4.33 32.50
C LEU E 93 -8.36 4.63 31.25
N GLU E 94 -8.45 3.67 30.33
CA GLU E 94 -9.23 3.86 29.12
C GLU E 94 -10.70 4.16 29.45
N LEU E 95 -11.26 3.45 30.43
CA LEU E 95 -12.66 3.69 30.79
C LEU E 95 -12.86 5.09 31.36
N LYS E 96 -11.93 5.56 32.18
CA LYS E 96 -11.99 6.94 32.63
C LYS E 96 -11.83 7.90 31.44
N ALA E 97 -10.91 7.59 30.51
CA ALA E 97 -10.66 8.49 29.40
C ALA E 97 -11.87 8.61 28.48
N THR E 98 -12.58 7.50 28.25
CA THR E 98 -13.72 7.58 27.35
C THR E 98 -14.90 8.25 28.01
N LYS E 99 -15.05 8.10 29.33
CA LYS E 99 -16.05 8.89 30.06
C LYS E 99 -15.80 10.40 29.88
N ASP E 100 -14.56 10.81 30.08
CA ASP E 100 -14.23 12.22 29.91
C ASP E 100 -14.41 12.68 28.46
N LEU E 101 -14.07 11.82 27.49
CA LEU E 101 -14.26 12.19 26.08
C LEU E 101 -15.74 12.45 25.80
N ARG E 102 -16.63 11.62 26.36
CA ARG E 102 -18.05 11.77 26.08
C ARG E 102 -18.58 13.09 26.65
N GLU E 103 -18.15 13.43 27.86
CA GLU E 103 -18.57 14.68 28.48
C GLU E 103 -18.03 15.87 27.70
N ALA E 104 -16.81 15.73 27.14
CA ALA E 104 -16.23 16.79 26.36
C ALA E 104 -17.02 16.98 25.07
N ILE E 105 -17.42 15.88 24.41
CA ILE E 105 -18.20 15.97 23.19
C ILE E 105 -19.55 16.64 23.47
N VAL E 106 -20.17 16.32 24.61
CA VAL E 106 -21.44 16.94 24.97
C VAL E 106 -21.30 18.46 24.98
N HIS E 107 -20.25 18.97 25.64
CA HIS E 107 -20.10 20.42 25.72
C HIS E 107 -19.76 21.05 24.37
N CYS E 108 -18.84 20.41 23.59
CA CYS E 108 -18.54 20.91 22.25
C CYS E 108 -19.80 21.03 21.42
N GLU E 109 -20.69 20.03 21.52
CA GLU E 109 -21.93 20.09 20.75
C GLU E 109 -22.80 21.27 21.19
N GLN E 110 -22.84 21.53 22.50
CA GLN E 110 -23.74 22.56 23.02
C GLN E 110 -23.28 23.96 22.66
N VAL E 111 -21.98 24.19 22.52
CA VAL E 111 -21.47 25.50 22.11
C VAL E 111 -21.09 25.53 20.62
N HIS E 112 -21.50 24.52 19.85
CA HIS E 112 -21.36 24.49 18.39
C HIS E 112 -19.91 24.45 17.92
N ASP E 113 -18.99 23.93 18.73
CA ASP E 113 -17.61 23.72 18.29
C ASP E 113 -17.56 22.32 17.66
N TYR E 114 -18.05 22.26 16.42
CA TYR E 114 -18.24 20.97 15.77
C TYR E 114 -16.92 20.34 15.33
N VAL E 115 -15.89 21.16 15.12
CA VAL E 115 -14.59 20.62 14.72
C VAL E 115 -13.90 19.99 15.91
N SER E 116 -13.98 20.63 17.08
CA SER E 116 -13.48 20.02 18.29
C SER E 116 -14.20 18.72 18.61
N ARG E 117 -15.53 18.69 18.40
CA ARG E 117 -16.26 17.44 18.56
C ARG E 117 -15.72 16.36 17.61
N ASP E 118 -15.46 16.71 16.36
CA ASP E 118 -15.01 15.70 15.41
C ASP E 118 -13.65 15.13 15.82
N LEU E 119 -12.74 15.98 16.27
CA LEU E 119 -11.46 15.51 16.79
C LEU E 119 -11.66 14.55 17.97
N LEU E 120 -12.49 14.93 18.94
CA LEU E 120 -12.71 14.08 20.10
C LEU E 120 -13.39 12.77 19.73
N LYS E 121 -14.31 12.78 18.75
CA LYS E 121 -14.93 11.54 18.30
C LYS E 121 -13.91 10.57 17.69
N ASP E 122 -13.01 11.09 16.86
CA ASP E 122 -11.95 10.24 16.29
C ASP E 122 -11.06 9.64 17.38
N ILE E 123 -10.68 10.45 18.37
CA ILE E 123 -9.90 9.91 19.49
C ILE E 123 -10.70 8.83 20.21
N LEU E 124 -12.02 9.05 20.40
CA LEU E 124 -12.84 8.08 21.11
C LEU E 124 -12.93 6.77 20.35
N GLU E 125 -12.98 6.84 19.02
CA GLU E 125 -12.96 5.65 18.19
C GLU E 125 -11.67 4.87 18.43
N SER E 126 -10.54 5.57 18.51
CA SER E 126 -9.28 4.91 18.83
CA SER E 126 -9.28 4.91 18.83
C SER E 126 -9.30 4.31 20.23
N GLU E 127 -9.84 5.06 21.21
CA GLU E 127 -9.85 4.52 22.56
C GLU E 127 -10.79 3.32 22.66
N GLU E 128 -11.93 3.32 21.97
CA GLU E 128 -12.79 2.15 22.03
C GLU E 128 -12.13 0.94 21.36
N GLU E 129 -11.31 1.16 20.34
CA GLU E 129 -10.50 0.07 19.77
C GLU E 129 -9.52 -0.48 20.80
N HIS E 130 -8.88 0.40 21.59
CA HIS E 130 -7.99 -0.07 22.63
CA HIS E 130 -7.99 -0.06 22.63
C HIS E 130 -8.75 -0.84 23.71
N ILE E 131 -9.94 -0.36 24.08
CA ILE E 131 -10.75 -1.07 25.05
C ILE E 131 -11.07 -2.48 24.56
N ASP E 132 -11.44 -2.59 23.29
CA ASP E 132 -11.72 -3.90 22.68
C ASP E 132 -10.50 -4.81 22.80
N TYR E 133 -9.32 -4.29 22.47
CA TYR E 133 -8.09 -5.07 22.56
C TYR E 133 -7.86 -5.55 23.99
N LEU E 134 -7.94 -4.64 24.98
CA LEU E 134 -7.66 -5.01 26.36
C LEU E 134 -8.67 -6.03 26.89
N GLU E 135 -9.97 -5.77 26.66
CA GLU E 135 -10.99 -6.70 27.14
C GLU E 135 -10.74 -8.08 26.55
N THR E 136 -10.37 -8.11 25.26
CA THR E 136 -10.11 -9.36 24.56
C THR E 136 -8.90 -10.09 25.15
N GLN E 137 -7.84 -9.34 25.51
CA GLN E 137 -6.66 -9.96 26.10
C GLN E 137 -7.01 -10.58 27.45
N LEU E 138 -7.78 -9.86 28.27
CA LEU E 138 -8.14 -10.37 29.58
C LEU E 138 -9.02 -11.59 29.45
N GLY E 139 -9.92 -11.60 28.48
CA GLY E 139 -10.68 -12.80 28.21
C GLY E 139 -9.82 -13.95 27.70
N LEU E 140 -8.84 -13.64 26.86
CA LEU E 140 -7.99 -14.70 26.33
C LEU E 140 -7.21 -15.39 27.45
N ILE E 141 -6.75 -14.62 28.43
CA ILE E 141 -6.08 -15.21 29.58
C ILE E 141 -6.97 -16.28 30.21
N GLN E 142 -8.26 -16.02 30.27
CA GLN E 142 -9.17 -17.00 30.88
C GLN E 142 -9.36 -18.19 29.96
N LYS E 143 -9.35 -17.99 28.66
CA LYS E 143 -9.70 -19.07 27.76
C LYS E 143 -8.53 -20.01 27.50
N VAL E 144 -7.31 -19.48 27.35
CA VAL E 144 -6.16 -20.31 27.02
C VAL E 144 -5.24 -20.52 28.21
N GLY E 145 -5.52 -19.86 29.34
CA GLY E 145 -4.67 -19.97 30.51
C GLY E 145 -3.49 -19.01 30.48
N LEU E 146 -3.03 -18.60 31.66
CA LEU E 146 -2.06 -17.51 31.70
C LEU E 146 -0.74 -17.90 31.04
N GLU E 147 -0.26 -19.12 31.32
CA GLU E 147 1.03 -19.54 30.79
C GLU E 147 1.04 -19.57 29.27
N ASN E 148 -0.04 -20.08 28.65
CA ASN E 148 -0.13 -20.03 27.18
C ASN E 148 -0.26 -18.58 26.70
N TYR E 149 -1.06 -17.77 27.38
CA TYR E 149 -1.25 -16.40 26.94
C TYR E 149 0.09 -15.70 26.88
N LEU E 150 0.88 -15.83 27.93
CA LEU E 150 2.19 -15.19 27.93
C LEU E 150 3.11 -15.79 26.88
N GLN E 151 3.05 -17.10 26.69
CA GLN E 151 3.88 -17.76 25.67
C GLN E 151 3.59 -17.18 24.30
N SER E 152 2.31 -16.98 24.01
CA SER E 152 1.91 -16.44 22.72
C SER E 152 2.34 -15.00 22.53
N HIS E 153 2.84 -14.34 23.57
CA HIS E 153 3.29 -12.95 23.48
C HIS E 153 4.80 -12.80 23.69
N MET E 154 5.55 -13.90 23.56
CA MET E 154 7.00 -13.83 23.75
C MET E 154 7.69 -13.26 22.51
N HIS E 155 7.29 -13.70 21.34
CA HIS E 155 7.96 -13.35 20.10
C HIS E 155 7.06 -12.43 19.27
N GLU E 156 7.65 -11.45 18.61
CA GLU E 156 6.98 -10.79 17.48
C GLU E 156 7.14 -11.65 16.23
N MET F 1 -17.34 -4.25 25.89
CA MET F 1 -17.71 -3.02 26.67
C MET F 1 -19.25 -3.02 26.75
N LYS F 2 -19.81 -2.88 27.94
CA LYS F 2 -21.26 -3.05 28.11
C LYS F 2 -21.98 -1.88 27.44
N GLY F 3 -22.70 -2.17 26.35
CA GLY F 3 -23.43 -1.14 25.64
C GLY F 3 -24.80 -0.86 26.22
N ASP F 4 -25.38 0.25 25.79
CA ASP F 4 -26.76 0.59 26.12
C ASP F 4 -27.71 -0.41 25.46
N LYS F 5 -28.67 -0.92 26.24
CA LYS F 5 -29.55 -1.97 25.74
C LYS F 5 -30.39 -1.51 24.55
N LYS F 6 -30.97 -0.32 24.63
CA LYS F 6 -31.75 0.20 23.51
C LYS F 6 -30.88 0.54 22.29
N VAL F 7 -29.63 0.97 22.48
CA VAL F 7 -28.73 1.07 21.32
C VAL F 7 -28.61 -0.27 20.63
N ILE F 8 -28.41 -1.33 21.43
CA ILE F 8 -28.25 -2.67 20.85
C ILE F 8 -29.54 -3.06 20.10
N GLN F 9 -30.69 -2.76 20.69
CA GLN F 9 -31.95 -3.01 19.99
C GLN F 9 -32.01 -2.23 18.68
N HIS F 10 -31.63 -0.97 18.69
CA HIS F 10 -31.66 -0.22 17.43
C HIS F 10 -30.71 -0.86 16.41
N LEU F 11 -29.50 -1.21 16.82
CA LEU F 11 -28.54 -1.83 15.90
C LEU F 11 -29.06 -3.14 15.34
N ASN F 12 -29.72 -3.94 16.18
CA ASN F 12 -30.34 -5.15 15.66
C ASN F 12 -31.47 -4.83 14.70
N LYS F 13 -32.17 -3.72 14.92
CA LYS F 13 -33.21 -3.33 13.96
C LYS F 13 -32.60 -2.91 12.62
N ILE F 14 -31.51 -2.15 12.65
CA ILE F 14 -30.80 -1.81 11.43
C ILE F 14 -30.28 -3.09 10.75
N LEU F 15 -29.69 -4.01 11.52
CA LEU F 15 -29.21 -5.28 10.98
C LEU F 15 -30.33 -6.04 10.29
N GLY F 16 -31.52 -6.05 10.91
CA GLY F 16 -32.66 -6.73 10.29
C GLY F 16 -33.02 -6.16 8.92
N ASN F 17 -32.94 -4.84 8.76
CA ASN F 17 -33.22 -4.23 7.47
C ASN F 17 -32.15 -4.63 6.46
N GLU F 18 -30.92 -4.73 6.92
CA GLU F 18 -29.79 -5.09 6.03
C GLU F 18 -29.97 -6.52 5.53
N LEU F 19 -30.43 -7.42 6.41
CA LEU F 19 -30.61 -8.81 6.01
C LEU F 19 -31.70 -8.95 4.96
N ILE F 20 -32.79 -8.19 5.10
CA ILE F 20 -33.79 -8.12 4.04
C ILE F 20 -33.15 -7.59 2.77
N ALA F 21 -32.42 -6.48 2.88
CA ALA F 21 -31.85 -5.84 1.71
C ALA F 21 -30.85 -6.74 1.00
N ILE F 22 -30.01 -7.46 1.76
CA ILE F 22 -29.05 -8.36 1.14
C ILE F 22 -29.77 -9.32 0.19
N ASN F 23 -30.79 -10.03 0.72
CA ASN F 23 -31.48 -11.04 -0.07
C ASN F 23 -32.31 -10.44 -1.19
N GLN F 24 -32.99 -9.32 -0.91
CA GLN F 24 -33.82 -8.69 -1.94
C GLN F 24 -32.97 -8.19 -3.09
N TYR F 25 -31.84 -7.55 -2.79
CA TYR F 25 -31.01 -7.05 -3.87
C TYR F 25 -30.32 -8.20 -4.60
N PHE F 26 -29.93 -9.25 -3.88
CA PHE F 26 -29.29 -10.38 -4.54
C PHE F 26 -30.27 -11.06 -5.50
N LEU F 27 -31.50 -11.29 -5.03
CA LEU F 27 -32.48 -11.91 -5.91
C LEU F 27 -32.78 -11.02 -7.11
N HIS F 28 -32.95 -9.72 -6.90
CA HIS F 28 -33.18 -8.83 -8.02
C HIS F 28 -32.02 -8.87 -9.01
N SER F 29 -30.79 -8.88 -8.50
CA SER F 29 -29.61 -8.97 -9.37
C SER F 29 -29.69 -10.19 -10.26
N ARG F 30 -29.94 -11.34 -9.65
CA ARG F 30 -29.93 -12.60 -10.40
C ARG F 30 -31.11 -12.68 -11.35
N MET F 31 -32.24 -12.04 -11.01
CA MET F 31 -33.34 -11.92 -11.98
C MET F 31 -32.93 -11.08 -13.17
N TRP F 32 -32.38 -9.90 -12.91
CA TRP F 32 -31.94 -9.05 -14.01
C TRP F 32 -30.91 -9.75 -14.89
N ASN F 33 -29.98 -10.51 -14.28
CA ASN F 33 -29.01 -11.26 -15.09
C ASN F 33 -29.71 -12.35 -15.91
N ASP F 34 -30.68 -13.02 -15.31
CA ASP F 34 -31.36 -14.08 -16.06
C ASP F 34 -32.11 -13.52 -17.26
N TRP F 35 -32.63 -12.29 -17.17
CA TRP F 35 -33.37 -11.69 -18.27
C TRP F 35 -32.43 -11.01 -19.28
N GLY F 36 -31.13 -11.07 -19.06
CA GLY F 36 -30.17 -10.46 -19.97
C GLY F 36 -29.90 -9.00 -19.71
N LEU F 37 -30.36 -8.46 -18.60
CA LEU F 37 -30.11 -7.06 -18.28
C LEU F 37 -28.93 -6.97 -17.32
N LYS F 38 -27.74 -7.22 -17.88
CA LYS F 38 -26.57 -7.51 -17.06
C LYS F 38 -26.00 -6.26 -16.40
N ARG F 39 -26.25 -5.09 -16.96
CA ARG F 39 -25.80 -3.86 -16.31
C ARG F 39 -26.57 -3.63 -15.03
N LEU F 40 -27.91 -3.78 -15.07
CA LEU F 40 -28.69 -3.77 -13.85
C LEU F 40 -28.26 -4.90 -12.91
N GLY F 41 -28.07 -6.10 -13.45
CA GLY F 41 -27.72 -7.21 -12.60
C GLY F 41 -26.43 -6.98 -11.83
N ALA F 42 -25.41 -6.44 -12.51
CA ALA F 42 -24.13 -6.14 -11.88
C ALA F 42 -24.25 -5.06 -10.84
N HIS F 43 -24.95 -3.97 -11.16
CA HIS F 43 -25.06 -2.87 -10.21
C HIS F 43 -25.81 -3.32 -8.97
N GLU F 44 -26.89 -4.10 -9.17
CA GLU F 44 -27.66 -4.60 -8.04
C GLU F 44 -26.83 -5.58 -7.21
N TYR F 45 -26.00 -6.41 -7.85
CA TYR F 45 -25.07 -7.26 -7.11
C TYR F 45 -24.20 -6.44 -6.18
N HIS F 46 -23.62 -5.35 -6.70
CA HIS F 46 -22.76 -4.52 -5.86
C HIS F 46 -23.54 -3.85 -4.74
N GLU F 47 -24.82 -3.56 -4.96
CA GLU F 47 -25.65 -3.03 -3.89
C GLU F 47 -25.83 -4.07 -2.79
N SER F 48 -26.05 -5.33 -3.17
CA SER F 48 -26.17 -6.40 -2.18
C SER F 48 -24.87 -6.56 -1.36
N ILE F 49 -23.71 -6.60 -2.04
CA ILE F 49 -22.43 -6.67 -1.36
C ILE F 49 -22.25 -5.51 -0.40
N ASP F 50 -22.65 -4.31 -0.79
CA ASP F 50 -22.56 -3.19 0.14
C ASP F 50 -23.34 -3.45 1.43
N GLU F 51 -24.56 -3.95 1.31
CA GLU F 51 -25.35 -4.22 2.50
C GLU F 51 -24.75 -5.35 3.33
N MET F 52 -24.10 -6.30 2.67
CA MET F 52 -23.35 -7.32 3.38
C MET F 52 -22.26 -6.69 4.25
N LYS F 53 -21.54 -5.73 3.68
CA LYS F 53 -20.48 -5.10 4.44
C LYS F 53 -21.05 -4.30 5.61
N HIS F 54 -22.18 -3.62 5.40
CA HIS F 54 -22.81 -2.89 6.51
C HIS F 54 -23.22 -3.86 7.61
N ALA F 55 -23.79 -4.99 7.23
CA ALA F 55 -24.23 -5.96 8.23
C ALA F 55 -23.05 -6.49 9.03
N ASP F 56 -21.93 -6.80 8.34
CA ASP F 56 -20.71 -7.20 9.03
C ASP F 56 -20.34 -6.17 10.10
N LYS F 57 -20.30 -4.88 9.73
CA LYS F 57 -19.93 -3.87 10.71
C LYS F 57 -20.93 -3.79 11.85
N LEU F 58 -22.21 -3.98 11.57
CA LEU F 58 -23.19 -3.92 12.64
C LEU F 58 -23.02 -5.10 13.59
N ILE F 59 -22.81 -6.29 13.02
CA ILE F 59 -22.59 -7.47 13.85
C ILE F 59 -21.38 -7.27 14.75
N GLU F 60 -20.31 -6.75 14.17
CA GLU F 60 -19.08 -6.53 14.95
C GLU F 60 -19.32 -5.55 16.08
N ARG F 61 -20.04 -4.46 15.80
CA ARG F 61 -20.31 -3.46 16.84
C ARG F 61 -21.18 -4.03 17.95
N ILE F 62 -22.23 -4.78 17.58
CA ILE F 62 -23.12 -5.35 18.59
C ILE F 62 -22.33 -6.29 19.50
N LEU F 63 -21.44 -7.10 18.93
CA LEU F 63 -20.66 -8.02 19.76
C LEU F 63 -19.72 -7.27 20.67
N PHE F 64 -19.09 -6.20 20.15
CA PHE F 64 -18.23 -5.37 21.00
C PHE F 64 -19.02 -4.83 22.19
N LEU F 65 -20.26 -4.41 21.96
CA LEU F 65 -21.11 -3.84 23.01
C LEU F 65 -21.78 -4.91 23.85
N GLU F 66 -21.45 -6.17 23.60
CA GLU F 66 -21.82 -7.30 24.44
C GLU F 66 -23.28 -7.64 24.27
N GLY F 67 -23.81 -7.43 23.07
CA GLY F 67 -25.14 -7.87 22.74
C GLY F 67 -25.08 -9.09 21.82
N LEU F 68 -26.27 -9.56 21.47
CA LEU F 68 -26.43 -10.73 20.61
C LEU F 68 -26.96 -10.26 19.26
N PRO F 69 -26.19 -10.34 18.17
CA PRO F 69 -26.73 -9.90 16.88
C PRO F 69 -27.78 -10.87 16.42
N ASN F 70 -28.86 -10.34 15.86
CA ASN F 70 -30.01 -11.15 15.46
C ASN F 70 -29.88 -11.46 13.97
N LEU F 71 -29.42 -12.67 13.65
CA LEU F 71 -29.39 -13.13 12.26
C LEU F 71 -30.47 -14.15 11.99
N GLN F 72 -31.41 -14.29 12.91
CA GLN F 72 -32.45 -15.31 12.83
C GLN F 72 -33.74 -14.80 12.21
N ASP F 73 -34.11 -13.55 12.46
CA ASP F 73 -35.41 -13.00 12.09
C ASP F 73 -35.29 -12.26 10.76
N LEU F 74 -35.91 -12.78 9.71
CA LEU F 74 -35.88 -12.14 8.40
C LEU F 74 -37.26 -11.56 8.11
N GLY F 75 -37.34 -10.24 7.95
CA GLY F 75 -38.56 -9.56 7.56
C GLY F 75 -38.93 -9.83 6.11
N LYS F 76 -39.93 -9.11 5.65
CA LYS F 76 -40.56 -9.42 4.36
C LYS F 76 -39.77 -8.83 3.20
N LEU F 77 -39.37 -9.69 2.28
CA LEU F 77 -38.74 -9.25 1.04
C LEU F 77 -39.77 -8.57 0.13
N LEU F 78 -39.36 -7.50 -0.53
CA LEU F 78 -40.18 -6.82 -1.54
C LEU F 78 -39.58 -7.12 -2.90
N ILE F 79 -40.13 -8.11 -3.61
CA ILE F 79 -39.61 -8.56 -4.90
C ILE F 79 -40.52 -8.05 -6.00
N GLY F 80 -39.97 -7.29 -6.94
CA GLY F 80 -40.75 -6.83 -8.07
C GLY F 80 -40.99 -7.93 -9.10
N GLU F 81 -41.93 -7.65 -10.00
CA GLU F 81 -42.26 -8.55 -11.09
C GLU F 81 -41.81 -8.01 -12.44
N ASN F 82 -41.40 -6.75 -12.50
CA ASN F 82 -40.73 -6.20 -13.66
C ASN F 82 -39.73 -5.17 -13.18
N THR F 83 -38.96 -4.61 -14.12
CA THR F 83 -37.84 -3.75 -13.75
C THR F 83 -38.30 -2.53 -12.98
N GLN F 84 -39.36 -1.89 -13.46
CA GLN F 84 -39.84 -0.72 -12.75
C GLN F 84 -40.25 -1.06 -11.31
N GLU F 85 -40.94 -2.18 -11.11
CA GLU F 85 -41.41 -2.53 -9.77
C GLU F 85 -40.23 -2.89 -8.87
N MET F 86 -39.28 -3.66 -9.41
CA MET F 86 -38.11 -4.03 -8.64
C MET F 86 -37.42 -2.80 -8.11
N LEU F 87 -37.21 -1.81 -8.98
CA LEU F 87 -36.59 -0.57 -8.55
C LEU F 87 -37.42 0.14 -7.49
N GLN F 88 -38.75 0.12 -7.63
CA GLN F 88 -39.60 0.75 -6.61
C GLN F 88 -39.56 -0.02 -5.30
N CYS F 89 -39.53 -1.35 -5.36
CA CYS F 89 -39.41 -2.14 -4.14
C CYS F 89 -38.10 -1.82 -3.41
N ASP F 90 -36.99 -1.76 -4.14
CA ASP F 90 -35.72 -1.35 -3.56
C ASP F 90 -35.85 0.04 -2.90
N LEU F 91 -36.49 0.97 -3.61
CA LEU F 91 -36.61 2.31 -3.06
C LEU F 91 -37.47 2.34 -1.80
N ASN F 92 -38.56 1.58 -1.79
CA ASN F 92 -39.39 1.53 -0.58
C ASN F 92 -38.62 0.96 0.61
N LEU F 93 -37.86 -0.10 0.40
CA LEU F 93 -37.03 -0.64 1.47
C LEU F 93 -36.02 0.40 1.95
N GLU F 94 -35.34 1.08 1.02
CA GLU F 94 -34.33 2.07 1.38
C GLU F 94 -34.91 3.19 2.23
N LEU F 95 -36.14 3.62 1.92
CA LEU F 95 -36.74 4.72 2.65
C LEU F 95 -37.08 4.30 4.07
N LYS F 96 -37.61 3.09 4.24
CA LYS F 96 -37.81 2.56 5.59
C LYS F 96 -36.48 2.44 6.32
N ALA F 97 -35.45 1.93 5.63
CA ALA F 97 -34.13 1.76 6.23
C ALA F 97 -33.56 3.08 6.74
N THR F 98 -33.64 4.14 5.92
CA THR F 98 -33.08 5.41 6.37
C THR F 98 -33.90 6.05 7.49
N LYS F 99 -35.21 5.80 7.51
CA LYS F 99 -36.00 6.20 8.68
C LYS F 99 -35.46 5.55 9.95
N ASP F 100 -35.29 4.23 9.91
CA ASP F 100 -34.80 3.52 11.08
C ASP F 100 -33.40 3.98 11.48
N LEU F 101 -32.56 4.31 10.49
CA LEU F 101 -31.21 4.78 10.79
C LEU F 101 -31.25 6.09 11.55
N ARG F 102 -32.09 7.02 11.11
CA ARG F 102 -32.14 8.31 11.79
C ARG F 102 -32.62 8.13 13.22
N GLU F 103 -33.65 7.32 13.43
CA GLU F 103 -34.15 7.12 14.79
C GLU F 103 -33.07 6.50 15.67
N ALA F 104 -32.31 5.56 15.10
CA ALA F 104 -31.20 4.95 15.82
C ALA F 104 -30.12 5.97 16.16
N ILE F 105 -29.82 6.89 15.23
CA ILE F 105 -28.83 7.92 15.52
C ILE F 105 -29.28 8.82 16.68
N VAL F 106 -30.56 9.21 16.69
CA VAL F 106 -31.05 10.03 17.79
C VAL F 106 -30.76 9.35 19.11
N HIS F 107 -31.05 8.06 19.18
CA HIS F 107 -30.90 7.40 20.47
C HIS F 107 -29.42 7.27 20.85
N CYS F 108 -28.56 6.93 19.88
CA CYS F 108 -27.12 6.93 20.13
C CYS F 108 -26.66 8.26 20.70
N GLU F 109 -27.06 9.36 20.06
CA GLU F 109 -26.70 10.68 20.54
C GLU F 109 -27.16 10.90 21.97
N GLN F 110 -28.42 10.54 22.27
CA GLN F 110 -28.97 10.75 23.59
C GLN F 110 -28.16 10.05 24.68
N VAL F 111 -27.68 8.83 24.41
CA VAL F 111 -26.93 8.12 25.44
C VAL F 111 -25.42 8.23 25.24
N HIS F 112 -24.98 9.15 24.38
CA HIS F 112 -23.56 9.45 24.21
C HIS F 112 -22.77 8.28 23.61
N ASP F 113 -23.40 7.42 22.81
CA ASP F 113 -22.66 6.38 22.08
C ASP F 113 -22.28 6.96 20.72
N TYR F 114 -21.23 7.78 20.74
CA TYR F 114 -20.88 8.56 19.55
C TYR F 114 -20.24 7.70 18.48
N VAL F 115 -19.59 6.59 18.86
CA VAL F 115 -18.98 5.71 17.88
C VAL F 115 -20.05 4.97 17.10
N SER F 116 -21.07 4.45 17.79
CA SER F 116 -22.21 3.84 17.10
C SER F 116 -22.89 4.83 16.17
N ARG F 117 -23.11 6.06 16.63
CA ARG F 117 -23.66 7.08 15.75
C ARG F 117 -22.82 7.23 14.48
N ASP F 118 -21.49 7.32 14.63
CA ASP F 118 -20.62 7.55 13.47
C ASP F 118 -20.76 6.41 12.46
N LEU F 119 -20.84 5.17 12.95
CA LEU F 119 -21.05 4.02 12.08
C LEU F 119 -22.39 4.12 11.34
N LEU F 120 -23.46 4.46 12.07
CA LEU F 120 -24.76 4.62 11.44
C LEU F 120 -24.77 5.76 10.44
N LYS F 121 -24.10 6.86 10.76
CA LYS F 121 -24.02 7.96 9.80
C LYS F 121 -23.37 7.48 8.49
N ASP F 122 -22.28 6.71 8.60
CA ASP F 122 -21.59 6.23 7.40
C ASP F 122 -22.51 5.34 6.58
N ILE F 123 -23.23 4.42 7.25
CA ILE F 123 -24.19 3.57 6.56
C ILE F 123 -25.25 4.43 5.91
N LEU F 124 -25.70 5.46 6.62
CA LEU F 124 -26.74 6.35 6.10
C LEU F 124 -26.28 7.07 4.84
N GLU F 125 -25.02 7.48 4.80
CA GLU F 125 -24.47 8.07 3.59
C GLU F 125 -24.55 7.09 2.42
N SER F 126 -24.19 5.83 2.67
CA SER F 126 -24.28 4.83 1.62
CA SER F 126 -24.28 4.83 1.62
C SER F 126 -25.72 4.62 1.18
N GLU F 127 -26.66 4.60 2.13
CA GLU F 127 -28.06 4.35 1.75
C GLU F 127 -28.63 5.54 0.98
N GLU F 128 -28.22 6.77 1.31
CA GLU F 128 -28.69 7.92 0.54
C GLU F 128 -28.12 7.93 -0.87
N GLU F 129 -26.90 7.42 -1.06
CA GLU F 129 -26.38 7.27 -2.42
C GLU F 129 -27.19 6.24 -3.20
N HIS F 130 -27.64 5.15 -2.54
CA HIS F 130 -28.47 4.18 -3.24
CA HIS F 130 -28.49 4.16 -3.21
C HIS F 130 -29.83 4.78 -3.61
N ILE F 131 -30.43 5.57 -2.71
CA ILE F 131 -31.70 6.23 -3.02
C ILE F 131 -31.54 7.15 -4.21
N ASP F 132 -30.48 7.96 -4.22
CA ASP F 132 -30.18 8.81 -5.36
C ASP F 132 -30.17 8.01 -6.65
N TYR F 133 -29.44 6.89 -6.64
CA TYR F 133 -29.38 6.02 -7.81
C TYR F 133 -30.76 5.52 -8.22
N LEU F 134 -31.53 4.99 -7.25
CA LEU F 134 -32.84 4.43 -7.57
C LEU F 134 -33.77 5.49 -8.11
N GLU F 135 -33.83 6.64 -7.45
CA GLU F 135 -34.69 7.72 -7.92
C GLU F 135 -34.28 8.13 -9.33
N THR F 136 -32.98 8.14 -9.58
CA THR F 136 -32.49 8.52 -10.89
C THR F 136 -32.89 7.50 -11.95
N GLN F 137 -32.80 6.20 -11.63
CA GLN F 137 -33.21 5.19 -12.59
C GLN F 137 -34.69 5.32 -12.93
N LEU F 138 -35.53 5.54 -11.93
CA LEU F 138 -36.96 5.67 -12.18
C LEU F 138 -37.26 6.91 -13.02
N GLY F 139 -36.56 8.01 -12.77
CA GLY F 139 -36.70 9.16 -13.63
C GLY F 139 -36.25 8.89 -15.05
N LEU F 140 -35.15 8.14 -15.21
CA LEU F 140 -34.64 7.88 -16.55
C LEU F 140 -35.65 7.08 -17.36
N ILE F 141 -36.34 6.13 -16.72
CA ILE F 141 -37.38 5.38 -17.45
C ILE F 141 -38.38 6.33 -18.07
N GLN F 142 -38.75 7.40 -17.34
CA GLN F 142 -39.74 8.34 -17.87
C GLN F 142 -39.14 9.21 -18.99
N LYS F 143 -37.86 9.58 -18.87
CA LYS F 143 -37.26 10.50 -19.84
C LYS F 143 -36.87 9.80 -21.15
N VAL F 144 -36.32 8.59 -21.09
CA VAL F 144 -35.88 7.93 -22.31
C VAL F 144 -36.84 6.84 -22.78
N GLY F 145 -37.86 6.51 -21.99
CA GLY F 145 -38.71 5.38 -22.33
C GLY F 145 -38.16 4.07 -21.80
N LEU F 146 -39.10 3.17 -21.42
CA LEU F 146 -38.69 1.91 -20.80
C LEU F 146 -37.84 1.06 -21.74
N GLU F 147 -38.23 0.96 -23.01
CA GLU F 147 -37.47 0.12 -23.94
C GLU F 147 -36.03 0.62 -24.12
N ASN F 148 -35.85 1.94 -24.29
CA ASN F 148 -34.48 2.49 -24.31
C ASN F 148 -33.79 2.22 -22.97
N TYR F 149 -34.50 2.44 -21.86
CA TYR F 149 -33.91 2.21 -20.53
C TYR F 149 -33.40 0.78 -20.38
N LEU F 150 -34.24 -0.21 -20.71
CA LEU F 150 -33.79 -1.58 -20.63
C LEU F 150 -32.66 -1.88 -21.62
N GLN F 151 -32.77 -1.35 -22.84
CA GLN F 151 -31.71 -1.54 -23.83
C GLN F 151 -30.36 -1.09 -23.26
N SER F 152 -30.34 0.07 -22.61
CA SER F 152 -29.14 0.64 -22.03
C SER F 152 -28.61 -0.14 -20.83
N HIS F 153 -29.32 -1.16 -20.36
CA HIS F 153 -28.84 -1.96 -19.23
C HIS F 153 -28.67 -3.42 -19.60
N MET F 154 -28.61 -3.72 -20.90
CA MET F 154 -28.35 -5.08 -21.34
C MET F 154 -26.89 -5.48 -21.12
N HIS F 155 -25.96 -4.61 -21.51
CA HIS F 155 -24.54 -4.93 -21.55
C HIS F 155 -23.79 -4.18 -20.46
N GLU F 156 -22.84 -4.85 -19.80
CA GLU F 156 -21.94 -4.16 -18.86
C GLU F 156 -20.94 -3.31 -19.65
N MET G 1 9.75 37.47 -52.21
CA MET G 1 8.45 38.17 -52.47
C MET G 1 8.64 39.66 -52.28
N LYS G 2 8.25 40.46 -53.26
CA LYS G 2 8.43 41.91 -53.13
C LYS G 2 7.47 42.46 -52.08
N GLY G 3 8.03 43.05 -51.04
CA GLY G 3 7.24 43.66 -50.00
C GLY G 3 6.98 45.16 -50.24
N ASP G 4 6.03 45.66 -49.47
CA ASP G 4 5.77 47.10 -49.39
C ASP G 4 6.98 47.79 -48.80
N LYS G 5 7.43 48.86 -49.46
CA LYS G 5 8.66 49.54 -49.05
C LYS G 5 8.56 50.11 -47.64
N LYS G 6 7.40 50.67 -47.28
CA LYS G 6 7.27 51.25 -45.96
C LYS G 6 7.13 50.18 -44.88
N VAL G 7 6.54 49.04 -45.19
CA VAL G 7 6.57 47.91 -44.24
C VAL G 7 8.03 47.61 -43.87
N ILE G 8 8.88 47.49 -44.90
CA ILE G 8 10.28 47.12 -44.68
C ILE G 8 10.99 48.18 -43.85
N GLN G 9 10.71 49.46 -44.11
CA GLN G 9 11.22 50.53 -43.24
C GLN G 9 10.71 50.40 -41.80
N HIS G 10 9.44 50.03 -41.63
CA HIS G 10 8.95 49.81 -40.28
C HIS G 10 9.65 48.61 -39.63
N LEU G 11 9.84 47.53 -40.37
CA LEU G 11 10.52 46.35 -39.82
C LEU G 11 11.95 46.68 -39.43
N ASN G 12 12.63 47.48 -40.25
CA ASN G 12 13.97 47.88 -39.89
C ASN G 12 13.99 48.79 -38.68
N LYS G 13 12.93 49.60 -38.49
CA LYS G 13 12.87 50.43 -37.29
C LYS G 13 12.69 49.56 -36.05
N ILE G 14 11.81 48.56 -36.13
CA ILE G 14 11.64 47.62 -35.01
C ILE G 14 12.94 46.85 -34.75
N LEU G 15 13.59 46.39 -35.84
CA LEU G 15 14.90 45.73 -35.71
C LEU G 15 15.89 46.64 -35.02
N GLY G 16 15.90 47.92 -35.37
CA GLY G 16 16.80 48.85 -34.69
C GLY G 16 16.55 48.90 -33.20
N ASN G 17 15.27 48.85 -32.78
CA ASN G 17 14.95 48.86 -31.36
C ASN G 17 15.47 47.59 -30.67
N GLU G 18 15.23 46.44 -31.29
CA GLU G 18 15.72 45.15 -30.77
C GLU G 18 17.24 45.15 -30.60
N LEU G 19 17.96 45.66 -31.60
CA LEU G 19 19.42 45.75 -31.51
C LEU G 19 19.86 46.58 -30.32
N ILE G 20 19.18 47.70 -30.07
CA ILE G 20 19.40 48.44 -28.83
C ILE G 20 19.10 47.54 -27.62
N ALA G 21 17.93 46.91 -27.62
CA ALA G 21 17.51 46.13 -26.46
C ALA G 21 18.48 44.98 -26.17
N ILE G 22 18.94 44.28 -27.21
CA ILE G 22 19.90 43.20 -27.00
C ILE G 22 21.07 43.66 -26.16
N ASN G 23 21.72 44.76 -26.57
CA ASN G 23 22.95 45.20 -25.91
C ASN G 23 22.67 45.79 -24.53
N GLN G 24 21.58 46.54 -24.40
CA GLN G 24 21.26 47.13 -23.11
C GLN G 24 20.93 46.05 -22.08
N TYR G 25 20.10 45.09 -22.45
CA TYR G 25 19.78 43.99 -21.52
C TYR G 25 21.01 43.13 -21.27
N PHE G 26 21.82 42.86 -22.30
CA PHE G 26 23.00 42.04 -22.06
C PHE G 26 23.96 42.71 -21.09
N LEU G 27 24.17 44.02 -21.24
CA LEU G 27 25.06 44.72 -20.33
C LEU G 27 24.46 44.83 -18.91
N HIS G 28 23.17 45.13 -18.81
CA HIS G 28 22.53 45.15 -17.49
C HIS G 28 22.64 43.76 -16.83
N SER G 29 22.46 42.69 -17.60
CA SER G 29 22.61 41.33 -17.05
C SER G 29 24.00 41.14 -16.47
N ARG G 30 25.02 41.52 -17.20
CA ARG G 30 26.36 41.27 -16.75
C ARG G 30 26.78 42.22 -15.64
N MET G 31 26.22 43.43 -15.60
CA MET G 31 26.42 44.28 -14.43
C MET G 31 25.83 43.62 -13.17
N TRP G 32 24.59 43.18 -13.26
CA TRP G 32 23.96 42.52 -12.11
C TRP G 32 24.74 41.29 -11.67
N ASN G 33 25.20 40.45 -12.62
CA ASN G 33 26.04 39.33 -12.20
C ASN G 33 27.29 39.79 -11.49
N ASP G 34 27.94 40.83 -12.04
CA ASP G 34 29.13 41.38 -11.42
C ASP G 34 28.86 41.88 -10.00
N TRP G 35 27.66 42.40 -9.75
CA TRP G 35 27.29 42.90 -8.43
C TRP G 35 26.80 41.79 -7.50
N GLY G 36 26.71 40.55 -7.97
CA GLY G 36 26.25 39.50 -7.08
C GLY G 36 24.74 39.38 -7.03
N LEU G 37 24.03 40.08 -7.91
CA LEU G 37 22.58 39.98 -7.98
C LEU G 37 22.23 39.03 -9.13
N LYS G 38 22.50 37.74 -8.88
CA LYS G 38 22.52 36.79 -9.99
C LYS G 38 21.13 36.44 -10.47
N ARG G 39 20.09 36.62 -9.64
CA ARG G 39 18.75 36.34 -10.11
C ARG G 39 18.27 37.40 -11.09
N LEU G 40 18.57 38.68 -10.83
CA LEU G 40 18.37 39.70 -11.85
C LEU G 40 19.24 39.45 -13.07
N GLY G 41 20.48 39.05 -12.85
CA GLY G 41 21.37 38.87 -13.98
C GLY G 41 20.86 37.79 -14.92
N ALA G 42 20.43 36.64 -14.33
CA ALA G 42 19.91 35.54 -15.14
C ALA G 42 18.63 35.94 -15.85
N HIS G 43 17.73 36.67 -15.18
CA HIS G 43 16.50 37.04 -15.83
C HIS G 43 16.75 38.03 -16.96
N GLU G 44 17.68 38.95 -16.74
CA GLU G 44 17.96 39.94 -17.77
C GLU G 44 18.68 39.29 -18.94
N TYR G 45 19.49 38.26 -18.66
CA TYR G 45 20.11 37.50 -19.75
C TYR G 45 19.04 36.91 -20.65
N HIS G 46 18.03 36.32 -20.05
CA HIS G 46 16.98 35.71 -20.86
C HIS G 46 16.16 36.74 -21.61
N GLU G 47 15.96 37.94 -21.03
CA GLU G 47 15.31 39.00 -21.79
C GLU G 47 16.14 39.36 -23.03
N SER G 48 17.47 39.43 -22.87
CA SER G 48 18.34 39.72 -24.00
C SER G 48 18.21 38.64 -25.09
N ILE G 49 18.21 37.37 -24.69
CA ILE G 49 18.08 36.28 -25.65
C ILE G 49 16.75 36.36 -26.36
N ASP G 50 15.68 36.69 -25.63
CA ASP G 50 14.38 36.85 -26.28
C ASP G 50 14.47 37.87 -27.40
N GLU G 51 15.16 38.99 -27.15
CA GLU G 51 15.25 40.06 -28.14
C GLU G 51 16.10 39.63 -29.30
N MET G 52 17.14 38.85 -29.01
CA MET G 52 17.94 38.26 -30.07
C MET G 52 17.07 37.43 -30.98
N LYS G 53 16.17 36.64 -30.40
CA LYS G 53 15.30 35.80 -31.20
C LYS G 53 14.32 36.64 -32.02
N HIS G 54 13.80 37.72 -31.44
CA HIS G 54 12.92 38.60 -32.21
C HIS G 54 13.68 39.21 -33.39
N ALA G 55 14.90 39.68 -33.15
CA ALA G 55 15.68 40.29 -34.22
C ALA G 55 15.92 39.29 -35.34
N ASP G 56 16.15 38.02 -34.98
CA ASP G 56 16.34 36.98 -35.99
C ASP G 56 15.12 36.90 -36.88
N LYS G 57 13.93 36.81 -36.28
CA LYS G 57 12.73 36.67 -37.09
C LYS G 57 12.52 37.90 -37.97
N LEU G 58 12.86 39.08 -37.47
CA LEU G 58 12.68 40.29 -38.28
C LEU G 58 13.65 40.31 -39.45
N ILE G 59 14.92 39.98 -39.17
CA ILE G 59 15.92 39.83 -40.23
C ILE G 59 15.42 38.85 -41.28
N GLU G 60 14.90 37.70 -40.83
CA GLU G 60 14.43 36.70 -41.79
C GLU G 60 13.25 37.23 -42.60
N ARG G 61 12.37 38.00 -41.97
CA ARG G 61 11.20 38.51 -42.70
C ARG G 61 11.59 39.56 -43.72
N ILE G 62 12.51 40.45 -43.35
CA ILE G 62 12.95 41.52 -44.25
C ILE G 62 13.60 40.93 -45.49
N LEU G 63 14.40 39.88 -45.33
CA LEU G 63 15.08 39.28 -46.46
C LEU G 63 14.09 38.59 -47.37
N PHE G 64 13.10 37.89 -46.80
CA PHE G 64 12.04 37.29 -47.61
C PHE G 64 11.29 38.35 -48.43
N LEU G 65 11.05 39.52 -47.85
CA LEU G 65 10.39 40.62 -48.52
C LEU G 65 11.37 41.39 -49.40
N GLU G 66 12.60 40.89 -49.54
CA GLU G 66 13.59 41.41 -50.47
C GLU G 66 14.05 42.81 -50.06
N GLY G 67 14.08 43.11 -48.77
CA GLY G 67 14.72 44.28 -48.25
C GLY G 67 16.10 43.98 -47.65
N LEU G 68 16.75 45.04 -47.15
CA LEU G 68 18.09 44.91 -46.61
C LEU G 68 18.04 45.14 -45.11
N PRO G 69 18.24 44.12 -44.27
CA PRO G 69 18.21 44.35 -42.84
C PRO G 69 19.31 45.30 -42.45
N ASN G 70 18.99 46.24 -41.58
CA ASN G 70 19.96 47.22 -41.11
C ASN G 70 20.50 46.75 -39.76
N LEU G 71 21.68 46.16 -39.76
CA LEU G 71 22.37 45.81 -38.52
C LEU G 71 23.50 46.77 -38.22
N GLN G 72 23.55 47.90 -38.93
CA GLN G 72 24.64 48.86 -38.85
C GLN G 72 24.32 50.03 -37.93
N ASP G 73 23.09 50.53 -37.96
CA ASP G 73 22.73 51.70 -37.18
C ASP G 73 22.25 51.26 -35.80
N LEU G 74 22.99 51.68 -34.78
CA LEU G 74 22.65 51.37 -33.40
C LEU G 74 22.32 52.66 -32.68
N GLY G 75 21.10 52.76 -32.16
CA GLY G 75 20.65 53.93 -31.41
C GLY G 75 21.26 53.99 -30.02
N LYS G 76 20.80 54.97 -29.24
CA LYS G 76 21.39 55.19 -27.92
C LYS G 76 20.93 54.11 -26.96
N LEU G 77 21.87 53.51 -26.25
CA LEU G 77 21.57 52.58 -25.17
C LEU G 77 21.22 53.36 -23.92
N LEU G 78 20.20 52.91 -23.20
CA LEU G 78 19.85 53.48 -21.91
C LEU G 78 20.45 52.59 -20.83
N ILE G 79 21.60 52.96 -20.29
CA ILE G 79 22.31 52.16 -19.29
C ILE G 79 22.19 52.84 -17.94
N GLY G 80 21.66 52.13 -16.95
CA GLY G 80 21.56 52.68 -15.62
C GLY G 80 22.79 52.35 -14.83
N GLU G 81 22.91 53.00 -13.67
CA GLU G 81 24.03 52.71 -12.78
C GLU G 81 23.56 52.18 -11.43
N ASN G 82 22.27 51.89 -11.29
CA ASN G 82 21.75 51.21 -10.11
C ASN G 82 20.53 50.42 -10.54
N THR G 83 20.13 49.50 -9.66
CA THR G 83 19.10 48.54 -10.04
C THR G 83 17.81 49.24 -10.45
N GLN G 84 17.34 50.17 -9.62
CA GLN G 84 16.09 50.85 -9.97
C GLN G 84 16.23 51.58 -11.29
N GLU G 85 17.36 52.23 -11.50
CA GLU G 85 17.51 52.98 -12.74
C GLU G 85 17.61 52.05 -13.95
N MET G 86 18.31 50.92 -13.80
CA MET G 86 18.42 49.97 -14.92
C MET G 86 17.05 49.47 -15.33
N LEU G 87 16.22 49.11 -14.34
CA LEU G 87 14.87 48.65 -14.65
C LEU G 87 14.05 49.77 -15.31
N GLN G 88 14.19 51.00 -14.83
CA GLN G 88 13.45 52.11 -15.43
C GLN G 88 13.92 52.40 -16.86
N CYS G 89 15.24 52.27 -17.11
CA CYS G 89 15.76 52.35 -18.47
C CYS G 89 15.17 51.27 -19.36
N ASP G 90 15.11 50.02 -18.86
CA ASP G 90 14.48 48.97 -19.65
C ASP G 90 13.05 49.31 -19.95
N LEU G 91 12.30 49.77 -18.94
CA LEU G 91 10.90 50.13 -19.13
C LEU G 91 10.76 51.25 -20.17
N ASN G 92 11.63 52.24 -20.10
CA ASN G 92 11.50 53.34 -21.06
C ASN G 92 11.76 52.83 -22.48
N LEU G 93 12.76 51.96 -22.66
CA LEU G 93 13.00 51.41 -23.98
C LEU G 93 11.81 50.60 -24.46
N GLU G 94 11.21 49.80 -23.57
CA GLU G 94 10.08 48.97 -23.97
C GLU G 94 8.88 49.82 -24.39
N LEU G 95 8.62 50.89 -23.67
CA LEU G 95 7.46 51.70 -24.02
C LEU G 95 7.69 52.37 -25.37
N LYS G 96 8.90 52.85 -25.61
CA LYS G 96 9.23 53.34 -26.94
C LYS G 96 9.13 52.21 -27.96
N ALA G 97 9.57 51.00 -27.60
CA ALA G 97 9.51 49.90 -28.56
C ALA G 97 8.08 49.51 -28.89
N THR G 98 7.19 49.48 -27.91
CA THR G 98 5.81 49.06 -28.18
C THR G 98 5.03 50.14 -28.96
N LYS G 99 5.29 51.42 -28.68
CA LYS G 99 4.77 52.47 -29.57
C LYS G 99 5.11 52.19 -31.03
N ASP G 100 6.38 51.88 -31.32
CA ASP G 100 6.77 51.65 -32.71
C ASP G 100 6.11 50.42 -33.29
N LEU G 101 5.96 49.36 -32.49
CA LEU G 101 5.28 48.16 -32.99
C LEU G 101 3.85 48.45 -33.37
N ARG G 102 3.16 49.27 -32.56
CA ARG G 102 1.77 49.62 -32.85
C ARG G 102 1.68 50.39 -34.18
N GLU G 103 2.56 51.36 -34.38
CA GLU G 103 2.51 52.10 -35.65
C GLU G 103 2.84 51.19 -36.83
N ALA G 104 3.80 50.26 -36.63
CA ALA G 104 4.15 49.34 -37.71
C ALA G 104 2.97 48.44 -38.07
N ILE G 105 2.26 47.94 -37.05
CA ILE G 105 1.10 47.08 -37.31
C ILE G 105 0.02 47.85 -38.07
N VAL G 106 -0.26 49.09 -37.65
CA VAL G 106 -1.21 49.91 -38.40
C VAL G 106 -0.87 49.88 -39.88
N HIS G 107 0.41 50.12 -40.21
CA HIS G 107 0.74 50.19 -41.63
C HIS G 107 0.63 48.83 -42.32
N CYS G 108 1.06 47.74 -41.67
CA CYS G 108 0.89 46.42 -42.29
C CYS G 108 -0.58 46.14 -42.58
N GLU G 109 -1.47 46.48 -41.64
CA GLU G 109 -2.88 46.29 -41.88
C GLU G 109 -3.32 47.07 -43.11
N GLN G 110 -2.91 48.34 -43.18
CA GLN G 110 -3.36 49.19 -44.28
C GLN G 110 -2.98 48.58 -45.63
N VAL G 111 -1.76 48.07 -45.76
CA VAL G 111 -1.29 47.54 -47.04
C VAL G 111 -1.49 46.03 -47.13
N HIS G 112 -2.20 45.44 -46.17
CA HIS G 112 -2.63 44.06 -46.24
C HIS G 112 -1.47 43.07 -46.02
N ASP G 113 -0.41 43.48 -45.34
CA ASP G 113 0.69 42.55 -45.06
C ASP G 113 0.38 41.86 -43.73
N TYR G 114 -0.52 40.90 -43.80
CA TYR G 114 -1.11 40.32 -42.59
C TYR G 114 -0.14 39.35 -41.90
N VAL G 115 0.76 38.74 -42.64
CA VAL G 115 1.79 37.91 -42.00
C VAL G 115 2.78 38.76 -41.23
N SER G 116 3.27 39.85 -41.83
CA SER G 116 4.11 40.77 -41.06
C SER G 116 3.39 41.28 -39.82
N ARG G 117 2.09 41.59 -39.92
CA ARG G 117 1.38 42.05 -38.75
C ARG G 117 1.40 40.98 -37.66
N ASP G 118 1.17 39.73 -38.05
CA ASP G 118 1.12 38.64 -37.07
C ASP G 118 2.46 38.48 -36.36
N LEU G 119 3.57 38.53 -37.13
CA LEU G 119 4.88 38.54 -36.49
C LEU G 119 5.00 39.67 -35.48
N LEU G 120 4.60 40.88 -35.87
CA LEU G 120 4.76 42.02 -34.97
C LEU G 120 3.86 41.87 -33.75
N LYS G 121 2.66 41.35 -33.93
CA LYS G 121 1.76 41.12 -32.81
C LYS G 121 2.40 40.16 -31.81
N ASP G 122 3.04 39.09 -32.32
CA ASP G 122 3.71 38.14 -31.41
C ASP G 122 4.83 38.85 -30.64
N ILE G 123 5.61 39.67 -31.35
CA ILE G 123 6.66 40.42 -30.67
C ILE G 123 6.05 41.35 -29.63
N LEU G 124 4.94 41.99 -29.96
CA LEU G 124 4.29 42.93 -29.04
C LEU G 124 3.80 42.22 -27.78
N GLU G 125 3.31 41.00 -27.92
CA GLU G 125 2.91 40.21 -26.75
C GLU G 125 4.09 39.94 -25.83
N SER G 126 5.26 39.61 -26.39
CA SER G 126 6.44 39.41 -25.57
CA SER G 126 6.45 39.41 -25.57
C SER G 126 6.88 40.71 -24.89
N GLU G 127 6.85 41.84 -25.62
CA GLU G 127 7.26 43.08 -24.98
C GLU G 127 6.29 43.52 -23.89
N GLU G 128 4.99 43.27 -24.07
CA GLU G 128 4.06 43.59 -23.00
C GLU G 128 4.27 42.68 -21.79
N GLU G 129 4.70 41.42 -22.00
CA GLU G 129 5.12 40.60 -20.86
C GLU G 129 6.34 41.20 -20.16
N HIS G 130 7.31 41.70 -20.92
CA HIS G 130 8.47 42.31 -20.28
C HIS G 130 8.07 43.58 -19.53
N ILE G 131 7.15 44.36 -20.10
CA ILE G 131 6.69 45.57 -19.41
C ILE G 131 6.02 45.19 -18.09
N ASP G 132 5.18 44.17 -18.12
CA ASP G 132 4.59 43.70 -16.87
C ASP G 132 5.66 43.32 -15.85
N TYR G 133 6.66 42.53 -16.26
CA TYR G 133 7.74 42.17 -15.34
C TYR G 133 8.41 43.40 -14.76
N LEU G 134 8.76 44.36 -15.62
CA LEU G 134 9.48 45.55 -15.18
C LEU G 134 8.64 46.38 -14.21
N GLU G 135 7.41 46.66 -14.59
CA GLU G 135 6.52 47.42 -13.72
C GLU G 135 6.37 46.74 -12.38
N THR G 136 6.20 45.42 -12.40
CA THR G 136 6.11 44.66 -11.17
C THR G 136 7.37 44.80 -10.33
N GLN G 137 8.55 44.71 -10.95
CA GLN G 137 9.78 44.84 -10.16
C GLN G 137 9.84 46.20 -9.48
N LEU G 138 9.60 47.26 -10.24
CA LEU G 138 9.61 48.60 -9.67
C LEU G 138 8.60 48.74 -8.53
N GLY G 139 7.41 48.19 -8.71
CA GLY G 139 6.46 48.16 -7.61
C GLY G 139 6.97 47.39 -6.40
N LEU G 140 7.61 46.23 -6.64
CA LEU G 140 8.12 45.48 -5.50
C LEU G 140 9.13 46.28 -4.73
N ILE G 141 9.97 47.04 -5.42
CA ILE G 141 10.97 47.84 -4.72
C ILE G 141 10.28 48.76 -3.72
N GLN G 142 9.11 49.31 -4.09
CA GLN G 142 8.38 50.19 -3.18
C GLN G 142 7.73 49.42 -2.04
N LYS G 143 7.24 48.20 -2.30
CA LYS G 143 6.54 47.44 -1.27
C LYS G 143 7.48 46.82 -0.26
N VAL G 144 8.53 46.13 -0.71
CA VAL G 144 9.41 45.41 0.21
C VAL G 144 10.61 46.25 0.61
N GLY G 145 10.87 47.36 -0.06
CA GLY G 145 12.05 48.15 0.23
C GLY G 145 13.25 47.69 -0.60
N LEU G 146 14.15 48.64 -0.89
CA LEU G 146 15.21 48.35 -1.85
C LEU G 146 16.14 47.25 -1.35
N GLU G 147 16.52 47.29 -0.08
CA GLU G 147 17.49 46.35 0.44
C GLU G 147 16.96 44.92 0.42
N ASN G 148 15.68 44.74 0.82
CA ASN G 148 15.04 43.43 0.69
C ASN G 148 14.88 43.03 -0.75
N TYR G 149 14.52 43.99 -1.61
CA TYR G 149 14.33 43.62 -3.01
C TYR G 149 15.62 43.06 -3.59
N LEU G 150 16.74 43.70 -3.30
CA LEU G 150 18.03 43.26 -3.84
C LEU G 150 18.44 41.97 -3.18
N GLN G 151 18.21 41.85 -1.88
CA GLN G 151 18.47 40.61 -1.17
C GLN G 151 17.81 39.43 -1.88
N SER G 152 16.56 39.62 -2.28
CA SER G 152 15.78 38.57 -2.90
C SER G 152 16.26 38.24 -4.30
N HIS G 153 17.18 39.03 -4.85
CA HIS G 153 17.71 38.77 -6.17
C HIS G 153 19.20 38.43 -6.16
N MET G 154 19.76 38.15 -4.97
CA MET G 154 21.15 37.70 -4.91
C MET G 154 21.32 36.31 -5.54
N HIS G 155 20.49 35.36 -5.13
CA HIS G 155 20.63 33.95 -5.51
C HIS G 155 19.59 33.54 -6.55
N GLU G 156 20.01 32.70 -7.50
CA GLU G 156 19.04 31.93 -8.30
C GLU G 156 18.49 30.75 -7.48
N MET H 1 -15.90 -39.06 9.05
CA MET H 1 -17.30 -39.31 8.61
C MET H 1 -17.45 -40.80 8.33
N LYS H 2 -18.39 -41.48 8.96
CA LYS H 2 -18.51 -42.92 8.83
C LYS H 2 -18.96 -43.30 7.42
N GLY H 3 -18.11 -43.99 6.68
CA GLY H 3 -18.48 -44.45 5.36
C GLY H 3 -19.07 -45.85 5.33
N ASP H 4 -19.76 -46.13 4.24
CA ASP H 4 -20.21 -47.47 3.89
C ASP H 4 -19.06 -48.48 3.92
N LYS H 5 -19.27 -49.58 4.63
CA LYS H 5 -18.22 -50.59 4.77
C LYS H 5 -17.84 -51.19 3.41
N LYS H 6 -18.82 -51.43 2.55
CA LYS H 6 -18.52 -51.99 1.24
C LYS H 6 -17.89 -50.97 0.28
N VAL H 7 -18.25 -49.69 0.38
CA VAL H 7 -17.50 -48.68 -0.35
C VAL H 7 -16.02 -48.76 0.03
N ILE H 8 -15.74 -48.75 1.33
CA ILE H 8 -14.34 -48.81 1.76
C ILE H 8 -13.66 -50.07 1.22
N GLN H 9 -14.40 -51.18 1.18
CA GLN H 9 -13.79 -52.41 0.65
C GLN H 9 -13.46 -52.25 -0.81
N HIS H 10 -14.39 -51.67 -1.57
CA HIS H 10 -14.14 -51.40 -2.98
C HIS H 10 -12.95 -50.45 -3.15
N LEU H 11 -12.87 -49.42 -2.30
CA LEU H 11 -11.77 -48.47 -2.41
C LEU H 11 -10.45 -49.14 -2.11
N ASN H 12 -10.43 -50.03 -1.12
CA ASN H 12 -9.20 -50.76 -0.81
C ASN H 12 -8.83 -51.73 -1.93
N LYS H 13 -9.81 -52.21 -2.69
CA LYS H 13 -9.49 -53.04 -3.84
C LYS H 13 -8.85 -52.21 -4.95
N ILE H 14 -9.42 -51.04 -5.26
CA ILE H 14 -8.79 -50.13 -6.21
C ILE H 14 -7.39 -49.80 -5.74
N LEU H 15 -7.27 -49.43 -4.46
CA LEU H 15 -5.97 -49.13 -3.90
C LEU H 15 -5.01 -50.27 -4.17
N GLY H 16 -5.46 -51.50 -3.96
CA GLY H 16 -4.58 -52.63 -4.16
C GLY H 16 -4.11 -52.74 -5.59
N ASN H 17 -4.99 -52.43 -6.55
CA ASN H 17 -4.60 -52.43 -7.95
C ASN H 17 -3.56 -51.34 -8.21
N GLU H 18 -3.72 -50.17 -7.58
CA GLU H 18 -2.78 -49.06 -7.76
C GLU H 18 -1.39 -49.41 -7.25
N LEU H 19 -1.31 -50.13 -6.12
CA LEU H 19 0.01 -50.51 -5.59
C LEU H 19 0.74 -51.45 -6.52
N ILE H 20 0.00 -52.35 -7.15
CA ILE H 20 0.63 -53.20 -8.15
C ILE H 20 1.08 -52.36 -9.33
N ALA H 21 0.20 -51.49 -9.82
CA ALA H 21 0.55 -50.69 -10.98
C ALA H 21 1.81 -49.87 -10.73
N ILE H 22 1.93 -49.32 -9.52
CA ILE H 22 3.06 -48.45 -9.20
C ILE H 22 4.36 -49.22 -9.37
N ASN H 23 4.46 -50.39 -8.73
CA ASN H 23 5.67 -51.19 -8.77
C ASN H 23 5.90 -51.75 -10.16
N GLN H 24 4.82 -52.17 -10.82
CA GLN H 24 4.97 -52.76 -12.14
C GLN H 24 5.45 -51.72 -13.15
N TYR H 25 4.80 -50.56 -13.18
CA TYR H 25 5.23 -49.51 -14.09
C TYR H 25 6.61 -49.00 -13.71
N PHE H 26 6.89 -48.90 -12.41
CA PHE H 26 8.20 -48.37 -12.04
C PHE H 26 9.30 -49.33 -12.49
N LEU H 27 9.09 -50.64 -12.31
CA LEU H 27 10.15 -51.56 -12.70
C LEU H 27 10.30 -51.60 -14.22
N HIS H 28 9.19 -51.52 -14.94
CA HIS H 28 9.28 -51.48 -16.40
C HIS H 28 10.04 -50.22 -16.86
N SER H 29 9.73 -49.06 -16.27
CA SER H 29 10.47 -47.84 -16.57
C SER H 29 11.96 -48.08 -16.43
N ARG H 30 12.38 -48.65 -15.32
CA ARG H 30 13.80 -48.80 -15.07
C ARG H 30 14.44 -49.87 -15.94
N MET H 31 13.66 -50.86 -16.40
CA MET H 31 14.19 -51.85 -17.32
C MET H 31 14.42 -51.21 -18.70
N TRP H 32 13.43 -50.45 -19.16
CA TRP H 32 13.60 -49.75 -20.42
C TRP H 32 14.81 -48.81 -20.39
N ASN H 33 14.97 -48.05 -19.30
CA ASN H 33 16.13 -47.17 -19.22
C ASN H 33 17.42 -47.97 -19.29
N ASP H 34 17.49 -49.08 -18.56
CA ASP H 34 18.67 -49.93 -18.60
C ASP H 34 18.93 -50.47 -20.00
N TRP H 35 17.89 -50.72 -20.78
CA TRP H 35 18.07 -51.22 -22.14
C TRP H 35 18.35 -50.11 -23.15
N GLY H 36 18.39 -48.84 -22.72
CA GLY H 36 18.59 -47.73 -23.61
C GLY H 36 17.36 -47.30 -24.35
N LEU H 37 16.18 -47.75 -23.93
CA LEU H 37 14.94 -47.26 -24.51
C LEU H 37 14.39 -46.12 -23.62
N LYS H 38 15.11 -44.99 -23.66
CA LYS H 38 14.89 -43.93 -22.67
C LYS H 38 13.54 -43.25 -22.82
N ARG H 39 12.98 -43.20 -24.04
CA ARG H 39 11.69 -42.56 -24.20
C ARG H 39 10.57 -43.39 -23.58
N LEU H 40 10.62 -44.71 -23.76
CA LEU H 40 9.70 -45.58 -23.02
C LEU H 40 9.94 -45.48 -21.54
N GLY H 41 11.20 -45.43 -21.13
CA GLY H 41 11.48 -45.40 -19.70
C GLY H 41 10.89 -44.17 -19.03
N ALA H 42 10.96 -43.01 -19.72
CA ALA H 42 10.43 -41.76 -19.17
C ALA H 42 8.91 -41.78 -19.15
N HIS H 43 8.30 -42.21 -20.25
CA HIS H 43 6.86 -42.25 -20.29
C HIS H 43 6.32 -43.17 -19.20
N GLU H 44 6.98 -44.32 -19.00
CA GLU H 44 6.50 -45.30 -18.02
C GLU H 44 6.68 -44.77 -16.60
N TYR H 45 7.77 -44.05 -16.36
CA TYR H 45 7.98 -43.38 -15.08
C TYR H 45 6.83 -42.40 -14.79
N GLU H 47 3.68 -42.44 -15.90
CA GLU H 47 2.61 -43.42 -15.59
C GLU H 47 2.70 -43.95 -14.13
N SER H 48 3.88 -44.35 -13.70
CA SER H 48 4.03 -44.80 -12.32
C SER H 48 3.71 -43.66 -11.35
N ILE H 49 4.17 -42.45 -11.68
CA ILE H 49 3.86 -41.28 -10.86
C ILE H 49 2.35 -41.05 -10.83
N ASP H 50 1.70 -41.16 -11.98
CA ASP H 50 0.27 -40.93 -12.01
C ASP H 50 -0.47 -41.89 -11.09
N GLU H 51 -0.03 -43.17 -11.03
CA GLU H 51 -0.69 -44.13 -10.15
C GLU H 51 -0.37 -43.84 -8.70
N MET H 52 0.83 -43.36 -8.42
CA MET H 52 1.16 -42.93 -7.06
C MET H 52 0.20 -41.85 -6.58
N LYS H 53 -0.16 -40.92 -7.47
CA LYS H 53 -1.09 -39.85 -7.12
C LYS H 53 -2.50 -40.37 -6.90
N HIS H 54 -2.97 -41.27 -7.76
CA HIS H 54 -4.24 -41.96 -7.53
C HIS H 54 -4.26 -42.66 -6.17
N ALA H 55 -3.19 -43.39 -5.84
CA ALA H 55 -3.15 -44.10 -4.57
C ALA H 55 -3.29 -43.12 -3.42
N ASP H 56 -2.53 -42.03 -3.46
CA ASP H 56 -2.60 -40.99 -2.43
C ASP H 56 -4.05 -40.54 -2.21
N LYS H 57 -4.77 -40.21 -3.28
CA LYS H 57 -6.14 -39.75 -3.10
C LYS H 57 -7.03 -40.86 -2.51
N LEU H 58 -6.83 -42.11 -2.93
CA LEU H 58 -7.60 -43.22 -2.37
C LEU H 58 -7.34 -43.37 -0.87
N ILE H 59 -6.08 -43.32 -0.49
CA ILE H 59 -5.71 -43.38 0.92
C ILE H 59 -6.38 -42.27 1.69
N GLU H 60 -6.39 -41.06 1.11
CA GLU H 60 -6.98 -39.92 1.81
C GLU H 60 -8.48 -40.08 1.96
N ARG H 61 -9.17 -40.57 0.93
CA ARG H 61 -10.60 -40.78 1.01
C ARG H 61 -10.97 -41.88 2.02
N ILE H 62 -10.20 -42.98 2.03
CA ILE H 62 -10.49 -44.06 2.96
C ILE H 62 -10.35 -43.59 4.41
N LEU H 63 -9.27 -42.85 4.71
CA LEU H 63 -9.11 -42.28 6.05
C LEU H 63 -10.24 -41.31 6.39
N PHE H 64 -10.68 -40.47 5.45
CA PHE H 64 -11.79 -39.57 5.75
C PHE H 64 -13.04 -40.35 6.13
N LEU H 65 -13.28 -41.48 5.46
CA LEU H 65 -14.45 -42.31 5.70
C LEU H 65 -14.23 -43.27 6.87
N GLU H 66 -13.14 -43.10 7.61
CA GLU H 66 -12.84 -43.85 8.82
C GLU H 66 -12.58 -45.33 8.56
N GLY H 67 -12.03 -45.66 7.37
CA GLY H 67 -11.52 -46.98 7.09
C GLY H 67 -10.01 -47.09 7.28
N LEU H 68 -9.51 -48.32 7.13
CA LEU H 68 -8.07 -48.56 7.22
C LEU H 68 -7.52 -48.79 5.82
N PRO H 69 -6.71 -47.89 5.27
CA PRO H 69 -6.17 -48.13 3.93
C PRO H 69 -5.23 -49.32 3.94
N ASN H 70 -5.44 -50.25 3.01
CA ASN H 70 -4.60 -51.44 2.94
C ASN H 70 -3.38 -51.20 2.06
N LEU H 71 -2.24 -50.91 2.68
CA LEU H 71 -0.99 -50.86 1.94
C LEU H 71 -0.15 -52.10 2.17
N GLN H 72 -0.69 -53.13 2.82
CA GLN H 72 0.08 -54.29 3.22
C GLN H 72 0.02 -55.41 2.19
N ASP H 73 -1.11 -55.56 1.50
CA ASP H 73 -1.37 -56.67 0.59
C ASP H 73 -1.06 -56.27 -0.85
N LEU H 74 -0.03 -56.87 -1.41
CA LEU H 74 0.42 -56.59 -2.76
C LEU H 74 0.16 -57.81 -3.63
N GLY H 75 -0.82 -57.70 -4.52
CA GLY H 75 -1.08 -58.71 -5.54
C GLY H 75 0.05 -58.89 -6.54
N LYS H 76 -0.18 -59.75 -7.52
CA LYS H 76 0.92 -60.20 -8.37
C LYS H 76 1.23 -59.15 -9.43
N LEU H 77 2.52 -58.82 -9.57
CA LEU H 77 2.97 -57.95 -10.64
C LEU H 77 3.07 -58.73 -11.95
N LEU H 78 2.68 -58.09 -13.04
CA LEU H 78 2.84 -58.62 -14.40
C LEU H 78 4.04 -57.94 -15.05
N ILE H 79 5.19 -58.60 -15.02
CA ILE H 79 6.45 -58.07 -15.53
C ILE H 79 6.77 -58.79 -16.83
N GLY H 80 6.87 -58.05 -17.91
CA GLY H 80 7.23 -58.68 -19.17
C GLY H 80 8.73 -58.93 -19.31
N GLU H 81 9.08 -59.67 -20.36
CA GLU H 81 10.49 -59.94 -20.62
C GLU H 81 11.01 -59.25 -21.87
N ASN H 82 10.15 -58.62 -22.65
CA ASN H 82 10.54 -57.72 -23.72
C ASN H 82 9.51 -56.61 -23.78
N THR H 83 9.74 -55.67 -24.70
CA THR H 83 8.95 -54.44 -24.73
C THR H 83 7.49 -54.73 -25.03
N GLN H 84 7.23 -55.56 -26.04
CA GLN H 84 5.85 -55.93 -26.37
C GLN H 84 5.14 -56.55 -25.16
N GLU H 85 5.80 -57.50 -24.51
CA GLU H 85 5.21 -58.12 -23.33
C GLU H 85 4.92 -57.11 -22.23
N MET H 86 5.85 -56.19 -21.99
CA MET H 86 5.67 -55.22 -20.92
C MET H 86 4.44 -54.36 -21.17
N LEU H 87 4.31 -53.84 -22.39
CA LEU H 87 3.13 -53.06 -22.74
C LEU H 87 1.86 -53.87 -22.56
N GLN H 88 1.89 -55.13 -23.00
CA GLN H 88 0.74 -56.01 -22.81
CA GLN H 88 0.75 -56.03 -22.80
C GLN H 88 0.47 -56.28 -21.33
N CYS H 89 1.52 -56.48 -20.54
CA CYS H 89 1.31 -56.63 -19.11
C CYS H 89 0.61 -55.41 -18.52
N ASP H 90 1.02 -54.22 -18.95
CA ASP H 90 0.37 -52.98 -18.46
C ASP H 90 -1.09 -52.97 -18.92
N LEU H 91 -1.34 -53.30 -20.19
CA LEU H 91 -2.70 -53.29 -20.70
C LEU H 91 -3.58 -54.25 -19.90
N ASN H 92 -3.07 -55.46 -19.61
CA ASN H 92 -3.89 -56.42 -18.90
C ASN H 92 -4.19 -55.94 -17.47
N LEU H 93 -3.20 -55.40 -16.79
CA LEU H 93 -3.46 -54.82 -15.47
C LEU H 93 -4.49 -53.71 -15.56
N GLU H 94 -4.39 -52.82 -16.57
CA GLU H 94 -5.33 -51.71 -16.71
C GLU H 94 -6.76 -52.21 -16.97
N LEU H 95 -6.90 -53.31 -17.69
CA LEU H 95 -8.26 -53.76 -18.02
C LEU H 95 -8.93 -54.36 -16.79
N LYS H 96 -8.15 -55.06 -15.96
CA LYS H 96 -8.66 -55.49 -14.67
C LYS H 96 -9.03 -54.28 -13.81
N ALA H 97 -8.14 -53.29 -13.76
CA ALA H 97 -8.36 -52.13 -12.89
C ALA H 97 -9.63 -51.38 -13.28
N THR H 98 -9.86 -51.17 -14.59
CA THR H 98 -11.03 -50.44 -15.02
C THR H 98 -12.31 -51.23 -14.76
N LYS H 99 -12.26 -52.56 -14.85
CA LYS H 99 -13.42 -53.37 -14.46
C LYS H 99 -13.73 -53.19 -12.97
N ASP H 100 -12.70 -53.22 -12.13
CA ASP H 100 -12.93 -53.05 -10.71
C ASP H 100 -13.43 -51.66 -10.38
N LEU H 101 -12.98 -50.64 -11.13
CA LEU H 101 -13.49 -49.29 -10.92
C LEU H 101 -14.97 -49.20 -11.23
N ARG H 102 -15.40 -49.78 -12.36
CA ARG H 102 -16.82 -49.70 -12.72
C ARG H 102 -17.70 -50.37 -11.66
N GLU H 103 -17.25 -51.52 -11.14
CA GLU H 103 -18.03 -52.20 -10.10
C GLU H 103 -18.10 -51.36 -8.83
N ALA H 104 -17.01 -50.67 -8.51
CA ALA H 104 -17.01 -49.82 -7.32
C ALA H 104 -17.91 -48.61 -7.53
N ILE H 105 -17.90 -48.03 -8.74
CA ILE H 105 -18.82 -46.93 -9.00
C ILE H 105 -20.27 -47.38 -8.87
N VAL H 106 -20.61 -48.57 -9.39
CA VAL H 106 -21.99 -49.04 -9.29
C VAL H 106 -22.43 -48.99 -7.83
N HIS H 107 -21.58 -49.51 -6.95
CA HIS H 107 -21.93 -49.59 -5.54
C HIS H 107 -21.96 -48.22 -4.88
N CYS H 108 -20.95 -47.38 -5.13
CA CYS H 108 -21.01 -46.00 -4.64
C CYS H 108 -22.34 -45.35 -5.00
N GLU H 109 -22.83 -45.57 -6.22
CA GLU H 109 -24.08 -44.94 -6.63
C GLU H 109 -25.25 -45.51 -5.84
N GLN H 110 -25.28 -46.82 -5.66
CA GLN H 110 -26.36 -47.45 -4.89
C GLN H 110 -26.45 -46.87 -3.49
N VAL H 111 -25.31 -46.71 -2.81
CA VAL H 111 -25.34 -46.24 -1.42
C VAL H 111 -25.21 -44.73 -1.34
N HIS H 112 -25.25 -44.04 -2.48
CA HIS H 112 -25.35 -42.58 -2.54
C HIS H 112 -24.05 -41.89 -2.15
N ASP H 113 -22.93 -42.58 -2.27
CA ASP H 113 -21.63 -41.98 -1.99
C ASP H 113 -21.12 -41.35 -3.29
N TYR H 114 -21.71 -40.21 -3.61
CA TYR H 114 -21.44 -39.57 -4.89
C TYR H 114 -20.04 -38.95 -4.96
N VAL H 115 -19.43 -38.61 -3.82
CA VAL H 115 -18.09 -38.05 -3.83
C VAL H 115 -17.06 -39.14 -4.15
N SER H 116 -17.17 -40.29 -3.48
CA SER H 116 -16.34 -41.43 -3.86
C SER H 116 -16.56 -41.78 -5.33
N ARG H 117 -17.80 -41.72 -5.80
CA ARG H 117 -18.03 -42.03 -7.21
C ARG H 117 -17.25 -41.09 -8.11
N ASP H 118 -17.33 -39.78 -7.81
CA ASP H 118 -16.64 -38.79 -8.61
C ASP H 118 -15.13 -39.03 -8.63
N LEU H 119 -14.57 -39.40 -7.49
CA LEU H 119 -13.13 -39.69 -7.45
C LEU H 119 -12.80 -40.91 -8.31
N LEU H 120 -13.58 -41.98 -8.17
CA LEU H 120 -13.31 -43.18 -8.99
C LEU H 120 -13.44 -42.88 -10.47
N LYS H 121 -14.40 -42.03 -10.83
CA LYS H 121 -14.60 -41.67 -12.22
C LYS H 121 -13.39 -40.93 -12.79
N ASP H 122 -12.82 -40.01 -12.01
CA ASP H 122 -11.63 -39.29 -12.45
C ASP H 122 -10.47 -40.24 -12.67
N ILE H 123 -10.30 -41.18 -11.74
CA ILE H 123 -9.26 -42.21 -11.88
C ILE H 123 -9.54 -43.06 -13.13
N LEU H 124 -10.79 -43.49 -13.27
CA LEU H 124 -11.16 -44.25 -14.47
C LEU H 124 -10.80 -43.49 -15.74
N GLU H 125 -11.01 -42.17 -15.75
CA GLU H 125 -10.65 -41.36 -16.91
C GLU H 125 -9.15 -41.47 -17.20
N SER H 126 -8.32 -41.34 -16.16
CA SER H 126 -6.87 -41.48 -16.35
CA SER H 126 -6.88 -41.47 -16.39
C SER H 126 -6.52 -42.88 -16.86
N GLU H 127 -7.15 -43.92 -16.30
CA GLU H 127 -6.80 -45.28 -16.73
C GLU H 127 -7.23 -45.53 -18.18
N GLU H 128 -8.35 -44.94 -18.63
CA GLU H 128 -8.75 -45.15 -20.02
C GLU H 128 -7.81 -44.43 -20.98
N GLU H 129 -7.30 -43.27 -20.58
CA GLU H 129 -6.25 -42.62 -21.37
C GLU H 129 -5.01 -43.49 -21.45
N HIS H 130 -4.68 -44.17 -20.34
CA HIS H 130 -3.50 -45.02 -20.34
C HIS H 130 -3.70 -46.23 -21.26
N ILE H 131 -4.92 -46.77 -21.28
CA ILE H 131 -5.27 -47.85 -22.20
C ILE H 131 -5.16 -47.39 -23.63
N ASP H 132 -5.61 -46.18 -23.92
CA ASP H 132 -5.47 -45.62 -25.26
C ASP H 132 -4.01 -45.59 -25.68
N TYR H 133 -3.14 -45.13 -24.78
CA TYR H 133 -1.72 -45.07 -25.10
C TYR H 133 -1.15 -46.47 -25.36
N LEU H 134 -1.47 -47.43 -24.50
CA LEU H 134 -0.94 -48.79 -24.62
C LEU H 134 -1.43 -49.48 -25.90
N GLU H 135 -2.72 -49.36 -26.20
CA GLU H 135 -3.23 -49.96 -27.41
C GLU H 135 -2.56 -49.33 -28.62
N THR H 136 -2.39 -48.02 -28.60
CA THR H 136 -1.75 -47.33 -29.72
C THR H 136 -0.32 -47.81 -29.90
N GLN H 137 0.42 -47.97 -28.81
CA GLN H 137 1.79 -48.46 -28.90
C GLN H 137 1.85 -49.88 -29.47
N LEU H 138 0.93 -50.76 -29.05
CA LEU H 138 1.01 -52.13 -29.52
C LEU H 138 0.66 -52.21 -31.01
N GLY H 139 -0.26 -51.35 -31.45
CA GLY H 139 -0.54 -51.23 -32.87
C GLY H 139 0.59 -50.63 -33.67
N LEU H 140 1.36 -49.72 -33.08
CA LEU H 140 2.45 -49.12 -33.82
C LEU H 140 3.54 -50.14 -34.09
N ILE H 141 3.75 -51.05 -33.13
CA ILE H 141 4.69 -52.15 -33.30
C ILE H 141 4.37 -52.95 -34.58
N GLN H 142 3.08 -53.22 -34.83
CA GLN H 142 2.66 -53.89 -36.05
C GLN H 142 2.92 -53.00 -37.26
N LYS H 143 2.55 -51.73 -37.18
CA LYS H 143 2.48 -50.87 -38.34
C LYS H 143 3.87 -50.48 -38.84
N VAL H 144 4.80 -50.18 -37.93
CA VAL H 144 6.15 -49.75 -38.32
C VAL H 144 7.20 -50.84 -38.15
N GLY H 145 6.86 -51.95 -37.49
CA GLY H 145 7.80 -53.04 -37.20
C GLY H 145 8.52 -52.80 -35.89
N LEU H 146 8.91 -53.90 -35.25
CA LEU H 146 9.47 -53.82 -33.90
C LEU H 146 10.78 -53.05 -33.88
N GLU H 147 11.65 -53.28 -34.87
CA GLU H 147 12.96 -52.65 -34.86
C GLU H 147 12.83 -51.13 -35.01
N ASN H 148 11.93 -50.67 -35.89
CA ASN H 148 11.65 -49.24 -35.98
C ASN H 148 10.97 -48.71 -34.74
N TYR H 149 10.06 -49.50 -34.14
CA TYR H 149 9.37 -49.02 -32.96
C TYR H 149 10.33 -48.82 -31.81
N LEU H 150 11.23 -49.79 -31.56
CA LEU H 150 12.22 -49.61 -30.51
C LEU H 150 13.17 -48.47 -30.83
N GLN H 151 13.60 -48.35 -32.09
CA GLN H 151 14.49 -47.26 -32.48
C GLN H 151 13.89 -45.91 -32.12
N SER H 152 12.60 -45.74 -32.41
CA SER H 152 11.89 -44.50 -32.12
C SER H 152 11.77 -44.20 -30.64
N HIS H 153 12.08 -45.17 -29.75
CA HIS H 153 11.98 -44.93 -28.31
C HIS H 153 13.32 -45.01 -27.60
N MET H 154 14.43 -44.93 -28.33
CA MET H 154 15.75 -44.89 -27.70
C MET H 154 16.00 -43.56 -26.99
N HIS H 155 15.77 -42.45 -27.67
CA HIS H 155 16.09 -41.12 -27.18
C HIS H 155 14.83 -40.35 -26.84
N GLU H 156 14.85 -39.59 -25.76
CA GLU H 156 13.82 -38.57 -25.56
C GLU H 156 14.20 -37.30 -26.33
N MET I 1 0.55 48.71 -16.93
CA MET I 1 0.62 49.60 -18.13
C MET I 1 -0.75 50.26 -18.34
N LYS I 2 -0.84 51.58 -18.30
CA LYS I 2 -2.15 52.23 -18.32
C LYS I 2 -2.89 51.90 -19.60
N GLY I 3 -4.00 51.18 -19.47
CA GLY I 3 -4.79 50.82 -20.63
C GLY I 3 -5.84 51.86 -20.98
N ASP I 4 -6.46 51.65 -22.14
CA ASP I 4 -7.57 52.49 -22.57
C ASP I 4 -8.81 52.19 -21.74
N LYS I 5 -9.42 53.24 -21.19
CA LYS I 5 -10.52 53.01 -20.26
C LYS I 5 -11.65 52.23 -20.90
N LYS I 6 -11.92 52.46 -22.18
CA LYS I 6 -13.04 51.81 -22.82
C LYS I 6 -12.71 50.35 -23.18
N VAL I 7 -11.44 50.06 -23.46
CA VAL I 7 -10.98 48.68 -23.52
C VAL I 7 -11.29 47.96 -22.23
N ILE I 8 -10.89 48.55 -21.09
CA ILE I 8 -11.14 47.92 -19.79
C ILE I 8 -12.63 47.69 -19.56
N GLN I 9 -13.47 48.68 -19.92
CA GLN I 9 -14.91 48.50 -19.75
C GLN I 9 -15.41 47.36 -20.59
N HIS I 10 -14.90 47.27 -21.82
CA HIS I 10 -15.23 46.16 -22.70
C HIS I 10 -14.78 44.83 -22.10
N LEU I 11 -13.55 44.79 -21.58
CA LEU I 11 -13.08 43.55 -20.94
C LEU I 11 -13.96 43.17 -19.76
N ASN I 12 -14.36 44.16 -18.94
CA ASN I 12 -15.28 43.86 -17.84
C ASN I 12 -16.65 43.40 -18.34
N LYS I 13 -17.11 43.91 -19.47
CA LYS I 13 -18.36 43.38 -20.01
C LYS I 13 -18.19 41.93 -20.45
N ILE I 14 -17.05 41.61 -21.07
CA ILE I 14 -16.82 40.22 -21.43
C ILE I 14 -16.72 39.35 -20.18
N LEU I 15 -15.97 39.83 -19.18
CA LEU I 15 -15.85 39.09 -17.94
C LEU I 15 -17.21 38.87 -17.32
N GLY I 16 -18.09 39.87 -17.41
CA GLY I 16 -19.41 39.75 -16.82
C GLY I 16 -20.21 38.65 -17.48
N ASN I 17 -20.10 38.54 -18.81
CA ASN I 17 -20.71 37.42 -19.54
C ASN I 17 -20.11 36.09 -19.10
N GLU I 18 -18.80 36.06 -18.84
CA GLU I 18 -18.19 34.80 -18.44
C GLU I 18 -18.68 34.37 -17.06
N LEU I 19 -18.87 35.32 -16.15
CA LEU I 19 -19.35 34.96 -14.81
C LEU I 19 -20.74 34.33 -14.89
N ILE I 20 -21.61 34.88 -15.75
CA ILE I 20 -22.91 34.27 -15.99
C ILE I 20 -22.75 32.85 -16.54
N ALA I 21 -21.87 32.68 -17.54
CA ALA I 21 -21.77 31.39 -18.21
C ALA I 21 -21.19 30.33 -17.26
N ILE I 22 -20.20 30.71 -16.45
CA ILE I 22 -19.63 29.79 -15.45
C ILE I 22 -20.74 29.18 -14.62
N ASN I 23 -21.60 30.03 -14.04
CA ASN I 23 -22.65 29.53 -13.13
C ASN I 23 -23.75 28.79 -13.88
N GLN I 24 -24.17 29.31 -15.03
CA GLN I 24 -25.23 28.67 -15.81
C GLN I 24 -24.79 27.28 -16.27
N TYR I 25 -23.57 27.17 -16.81
CA TYR I 25 -23.11 25.87 -17.27
C TYR I 25 -22.90 24.93 -16.09
N PHE I 26 -22.33 25.44 -15.00
CA PHE I 26 -22.09 24.57 -13.86
C PHE I 26 -23.40 24.02 -13.32
N LEU I 27 -24.42 24.88 -13.19
CA LEU I 27 -25.71 24.39 -12.70
C LEU I 27 -26.34 23.43 -13.70
N HIS I 28 -26.29 23.76 -14.99
CA HIS I 28 -26.82 22.82 -15.97
C HIS I 28 -26.09 21.49 -15.87
N SER I 29 -24.78 21.52 -15.66
CA SER I 29 -24.01 20.29 -15.55
C SER I 29 -24.50 19.44 -14.39
N ARG I 30 -24.70 20.07 -13.23
CA ARG I 30 -25.07 19.28 -12.06
C ARG I 30 -26.51 18.82 -12.12
N MET I 31 -27.37 19.59 -12.78
CA MET I 31 -28.72 19.10 -13.05
C MET I 31 -28.68 17.84 -13.89
N TRP I 32 -27.91 17.87 -14.97
CA TRP I 32 -27.85 16.73 -15.86
C TRP I 32 -27.29 15.50 -15.15
N ASN I 33 -26.25 15.68 -14.33
CA ASN I 33 -25.74 14.57 -13.53
C ASN I 33 -26.80 14.05 -12.56
N ASP I 34 -27.50 14.97 -11.87
CA ASP I 34 -28.57 14.53 -10.98
C ASP I 34 -29.60 13.70 -11.72
N TRP I 35 -29.90 14.05 -12.99
CA TRP I 35 -30.90 13.31 -13.75
C TRP I 35 -30.35 12.03 -14.36
N GLY I 36 -29.07 11.72 -14.16
CA GLY I 36 -28.51 10.52 -14.75
C GLY I 36 -28.05 10.69 -16.19
N LEU I 37 -27.96 11.94 -16.67
CA LEU I 37 -27.48 12.25 -18.02
C LEU I 37 -26.03 12.68 -17.91
N LYS I 38 -25.19 11.71 -17.53
CA LYS I 38 -23.84 12.00 -17.07
C LYS I 38 -22.94 12.47 -18.21
N ARG I 39 -23.19 12.04 -19.45
CA ARG I 39 -22.37 12.53 -20.56
C ARG I 39 -22.64 14.00 -20.84
N LEU I 40 -23.92 14.43 -20.75
CA LEU I 40 -24.20 15.86 -20.83
C LEU I 40 -23.59 16.60 -19.65
N GLY I 41 -23.72 16.02 -18.45
CA GLY I 41 -23.16 16.68 -17.28
C GLY I 41 -21.65 16.87 -17.41
N ALA I 42 -20.95 15.82 -17.84
CA ALA I 42 -19.50 15.92 -17.98
C ALA I 42 -19.10 16.95 -19.03
N HIS I 43 -19.78 16.94 -20.18
CA HIS I 43 -19.44 17.93 -21.19
C HIS I 43 -19.72 19.34 -20.68
N GLU I 44 -20.84 19.53 -20.01
CA GLU I 44 -21.22 20.87 -19.59
C GLU I 44 -20.29 21.36 -18.50
N TYR I 45 -19.79 20.44 -17.67
CA TYR I 45 -18.76 20.76 -16.69
C TYR I 45 -17.52 21.31 -17.37
N HIS I 46 -17.07 20.66 -18.46
CA HIS I 46 -15.87 21.15 -19.13
C HIS I 46 -16.12 22.50 -19.83
N GLU I 47 -17.35 22.75 -20.31
CA GLU I 47 -17.70 24.09 -20.80
C GLU I 47 -17.54 25.12 -19.68
N SER I 48 -18.05 24.81 -18.48
CA SER I 48 -17.93 25.71 -17.36
C SER I 48 -16.47 25.96 -17.00
N ILE I 49 -15.66 24.90 -16.92
CA ILE I 49 -14.22 25.11 -16.67
C ILE I 49 -13.59 25.99 -17.76
N ASP I 50 -13.93 25.75 -19.02
CA ASP I 50 -13.37 26.58 -20.08
C ASP I 50 -13.69 28.05 -19.82
N GLU I 51 -14.92 28.34 -19.37
CA GLU I 51 -15.27 29.73 -19.15
C GLU I 51 -14.53 30.28 -17.93
N MET I 52 -14.29 29.44 -16.92
CA MET I 52 -13.44 29.88 -15.80
C MET I 52 -12.04 30.28 -16.28
N LYS I 53 -11.47 29.49 -17.19
CA LYS I 53 -10.14 29.85 -17.69
C LYS I 53 -10.20 31.16 -18.48
N HIS I 54 -11.24 31.36 -19.30
CA HIS I 54 -11.36 32.63 -20.01
C HIS I 54 -11.44 33.79 -19.01
N ALA I 55 -12.23 33.63 -17.96
CA ALA I 55 -12.38 34.68 -16.96
C ALA I 55 -11.06 34.99 -16.28
N ASP I 56 -10.25 33.97 -16.01
CA ASP I 56 -8.95 34.21 -15.38
C ASP I 56 -8.10 35.12 -16.27
N LYS I 57 -8.01 34.78 -17.55
CA LYS I 57 -7.17 35.54 -18.45
C LYS I 57 -7.66 36.98 -18.57
N LEU I 58 -8.99 37.16 -18.59
CA LEU I 58 -9.54 38.52 -18.64
C LEU I 58 -9.17 39.30 -17.38
N ILE I 59 -9.33 38.68 -16.22
CA ILE I 59 -9.00 39.33 -14.95
C ILE I 59 -7.55 39.75 -14.95
N GLU I 60 -6.67 38.83 -15.39
CA GLU I 60 -5.25 39.14 -15.45
C GLU I 60 -4.96 40.31 -16.40
N ARG I 61 -5.53 40.28 -17.58
CA ARG I 61 -5.32 41.39 -18.54
C ARG I 61 -5.81 42.72 -17.96
N ILE I 62 -7.00 42.74 -17.35
CA ILE I 62 -7.52 43.98 -16.78
C ILE I 62 -6.55 44.54 -15.75
N LEU I 63 -6.02 43.69 -14.87
CA LEU I 63 -5.13 44.20 -13.85
C LEU I 63 -3.84 44.70 -14.46
N PHE I 64 -3.30 43.97 -15.46
CA PHE I 64 -2.13 44.47 -16.16
C PHE I 64 -2.39 45.88 -16.70
N LEU I 65 -3.57 46.11 -17.27
CA LEU I 65 -3.97 47.41 -17.82
C LEU I 65 -4.39 48.42 -16.73
N GLU I 66 -4.22 48.05 -15.46
CA GLU I 66 -4.44 48.94 -14.33
C GLU I 66 -5.91 49.32 -14.17
N GLY I 67 -6.81 48.45 -14.63
CA GLY I 67 -8.21 48.54 -14.31
C GLY I 67 -8.59 47.66 -13.12
N LEU I 68 -9.84 47.78 -12.72
CA LEU I 68 -10.43 47.00 -11.64
C LEU I 68 -11.36 45.95 -12.23
N PRO I 69 -11.03 44.67 -12.13
CA PRO I 69 -11.96 43.66 -12.64
C PRO I 69 -13.22 43.62 -11.81
N ASN I 70 -14.34 43.44 -12.48
CA ASN I 70 -15.65 43.47 -11.83
C ASN I 70 -16.12 42.03 -11.69
N LEU I 71 -15.90 41.47 -10.51
CA LEU I 71 -16.49 40.18 -10.15
C LEU I 71 -17.70 40.34 -9.23
N GLN I 72 -18.23 41.56 -9.10
CA GLN I 72 -19.35 41.83 -8.20
C GLN I 72 -20.70 41.74 -8.90
N ASP I 73 -20.79 42.12 -10.19
CA ASP I 73 -22.04 42.23 -10.89
C ASP I 73 -22.32 40.97 -11.69
N LEU I 74 -23.40 40.28 -11.32
CA LEU I 74 -23.79 39.02 -11.91
C LEU I 74 -25.12 39.21 -12.61
N GLY I 75 -25.12 39.02 -13.93
CA GLY I 75 -26.31 39.16 -14.74
C GLY I 75 -27.21 37.95 -14.63
N LYS I 76 -28.28 37.99 -15.40
CA LYS I 76 -29.34 36.99 -15.29
C LYS I 76 -28.90 35.68 -15.90
N LEU I 77 -28.96 34.61 -15.12
CA LEU I 77 -28.74 33.28 -15.64
C LEU I 77 -30.00 32.79 -16.34
N LEU I 78 -29.79 32.05 -17.41
CA LEU I 78 -30.84 31.43 -18.20
C LEU I 78 -30.77 29.94 -17.92
N ILE I 79 -31.69 29.46 -17.08
CA ILE I 79 -31.72 28.06 -16.64
C ILE I 79 -32.91 27.40 -17.31
N GLY I 80 -32.68 26.30 -18.02
CA GLY I 80 -33.80 25.59 -18.61
C GLY I 80 -34.50 24.67 -17.60
N GLU I 81 -35.65 24.13 -18.04
CA GLU I 81 -36.41 23.17 -17.26
C GLU I 81 -36.37 21.77 -17.85
N ASN I 82 -35.83 21.61 -19.04
CA ASN I 82 -35.60 20.30 -19.63
C ASN I 82 -34.38 20.42 -20.51
N THR I 83 -33.93 19.27 -21.05
CA THR I 83 -32.67 19.25 -21.77
C THR I 83 -32.70 20.19 -22.97
N GLN I 84 -33.74 20.10 -23.79
CA GLN I 84 -33.82 21.00 -24.96
C GLN I 84 -33.72 22.47 -24.54
N GLU I 85 -34.44 22.87 -23.49
CA GLU I 85 -34.41 24.26 -23.07
C GLU I 85 -33.05 24.67 -22.55
N MET I 86 -32.38 23.77 -21.80
CA MET I 86 -31.08 24.13 -21.24
C MET I 86 -30.08 24.40 -22.37
N LEU I 87 -30.06 23.52 -23.37
CA LEU I 87 -29.22 23.75 -24.55
C LEU I 87 -29.55 25.07 -25.23
N GLN I 88 -30.84 25.37 -25.41
CA GLN I 88 -31.23 26.62 -26.05
C GLN I 88 -30.83 27.82 -25.19
N CYS I 89 -30.88 27.68 -23.86
CA CYS I 89 -30.45 28.76 -22.98
C CYS I 89 -28.95 29.01 -23.13
N ASP I 90 -28.14 27.93 -23.12
CA ASP I 90 -26.71 28.07 -23.38
C ASP I 90 -26.49 28.76 -24.73
N LEU I 91 -27.21 28.31 -25.75
CA LEU I 91 -26.97 28.87 -27.08
C LEU I 91 -27.29 30.36 -27.10
N ASN I 92 -28.38 30.76 -26.43
CA ASN I 92 -28.77 32.17 -26.39
C ASN I 92 -27.71 33.02 -25.73
N LEU I 93 -27.22 32.57 -24.56
CA LEU I 93 -26.13 33.28 -23.88
C LEU I 93 -24.89 33.36 -24.76
N GLU I 94 -24.55 32.26 -25.46
CA GLU I 94 -23.36 32.27 -26.35
C GLU I 94 -23.49 33.31 -27.46
N LEU I 95 -24.67 33.46 -28.05
CA LEU I 95 -24.83 34.45 -29.11
C LEU I 95 -24.70 35.87 -28.57
N LYS I 96 -25.22 36.12 -27.38
CA LYS I 96 -24.95 37.40 -26.75
C LYS I 96 -23.46 37.60 -26.54
N ALA I 97 -22.76 36.55 -26.08
CA ALA I 97 -21.35 36.75 -25.73
C ALA I 97 -20.49 37.01 -26.98
N THR I 98 -20.79 36.35 -28.09
CA THR I 98 -19.97 36.53 -29.28
C THR I 98 -20.24 37.89 -29.93
N LYS I 99 -21.50 38.34 -29.87
CA LYS I 99 -21.80 39.71 -30.28
C LYS I 99 -20.93 40.66 -29.50
N ASP I 100 -20.88 40.48 -28.17
CA ASP I 100 -20.13 41.40 -27.34
C ASP I 100 -18.62 41.28 -27.58
N LEU I 101 -18.14 40.06 -27.82
CA LEU I 101 -16.73 39.88 -28.17
C LEU I 101 -16.37 40.66 -29.44
N ARG I 102 -17.20 40.52 -30.49
CA ARG I 102 -16.96 41.23 -31.75
C ARG I 102 -16.86 42.73 -31.53
N GLU I 103 -17.76 43.30 -30.70
CA GLU I 103 -17.72 44.74 -30.48
C GLU I 103 -16.49 45.15 -29.70
N ALA I 104 -16.05 44.32 -28.75
CA ALA I 104 -14.85 44.69 -27.99
C ALA I 104 -13.62 44.64 -28.90
N ILE I 105 -13.60 43.70 -29.83
CA ILE I 105 -12.47 43.56 -30.74
C ILE I 105 -12.37 44.78 -31.64
N VAL I 106 -13.50 45.20 -32.21
CA VAL I 106 -13.53 46.45 -32.97
C VAL I 106 -12.84 47.56 -32.19
N HIS I 107 -13.23 47.71 -30.92
CA HIS I 107 -12.66 48.82 -30.15
C HIS I 107 -11.18 48.62 -29.87
N CYS I 108 -10.76 47.41 -29.51
CA CYS I 108 -9.33 47.20 -29.30
C CYS I 108 -8.54 47.57 -30.54
N GLU I 109 -9.03 47.16 -31.71
CA GLU I 109 -8.34 47.46 -32.95
C GLU I 109 -8.24 48.97 -33.17
N GLN I 110 -9.31 49.68 -32.88
CA GLN I 110 -9.31 51.13 -33.08
C GLN I 110 -8.28 51.82 -32.20
N VAL I 111 -8.09 51.35 -30.97
CA VAL I 111 -7.11 52.03 -30.12
C VAL I 111 -5.76 51.30 -30.16
N HIS I 112 -5.61 50.30 -31.03
CA HIS I 112 -4.32 49.64 -31.24
C HIS I 112 -3.89 48.77 -30.06
N ASP I 113 -4.83 48.32 -29.24
CA ASP I 113 -4.54 47.31 -28.22
C ASP I 113 -4.62 45.93 -28.88
N TYR I 114 -3.58 45.63 -29.66
CA TYR I 114 -3.60 44.41 -30.45
C TYR I 114 -3.47 43.15 -29.59
N VAL I 115 -2.86 43.27 -28.41
CA VAL I 115 -2.76 42.12 -27.50
C VAL I 115 -4.12 41.80 -26.89
N SER I 116 -4.86 42.82 -26.42
CA SER I 116 -6.21 42.51 -25.96
C SER I 116 -7.05 41.91 -27.07
N ARG I 117 -6.93 42.45 -28.28
CA ARG I 117 -7.65 41.87 -29.41
C ARG I 117 -7.32 40.40 -29.59
N ASP I 118 -6.02 40.05 -29.53
CA ASP I 118 -5.61 38.65 -29.71
C ASP I 118 -6.25 37.75 -28.65
N LEU I 119 -6.25 38.19 -27.40
CA LEU I 119 -6.93 37.41 -26.36
C LEU I 119 -8.42 37.23 -26.67
N LEU I 120 -9.10 38.29 -27.10
CA LEU I 120 -10.53 38.18 -27.30
C LEU I 120 -10.85 37.31 -28.49
N LYS I 121 -10.00 37.38 -29.53
CA LYS I 121 -10.16 36.48 -30.66
C LYS I 121 -10.07 35.02 -30.21
N ASP I 122 -9.11 34.70 -29.34
CA ASP I 122 -8.96 33.32 -28.87
C ASP I 122 -10.20 32.88 -28.11
N ILE I 123 -10.71 33.75 -27.24
CA ILE I 123 -11.95 33.47 -26.55
C ILE I 123 -13.08 33.27 -27.55
N LEU I 124 -13.14 34.11 -28.58
CA LEU I 124 -14.20 33.99 -29.58
C LEU I 124 -14.14 32.67 -30.33
N GLU I 125 -12.92 32.21 -30.66
CA GLU I 125 -12.80 30.90 -31.29
C GLU I 125 -13.36 29.82 -30.39
N SER I 126 -13.09 29.89 -29.08
CA SER I 126 -13.65 28.92 -28.15
CA SER I 126 -13.64 28.93 -28.14
C SER I 126 -15.17 28.99 -28.13
N GLU I 127 -15.73 30.21 -28.09
CA GLU I 127 -17.18 30.36 -27.99
C GLU I 127 -17.87 29.90 -29.28
N GLU I 128 -17.27 30.17 -30.44
CA GLU I 128 -17.87 29.62 -31.65
C GLU I 128 -17.82 28.10 -31.68
N GLU I 129 -16.77 27.48 -31.11
CA GLU I 129 -16.79 26.03 -30.94
C GLU I 129 -17.93 25.58 -30.04
N HIS I 130 -18.18 26.29 -28.94
CA HIS I 130 -19.33 25.94 -28.11
CA HIS I 130 -19.35 25.98 -28.09
C HIS I 130 -20.65 26.10 -28.88
N ILE I 131 -20.76 27.15 -29.70
CA ILE I 131 -21.96 27.32 -30.52
C ILE I 131 -22.15 26.15 -31.47
N ASP I 132 -21.07 25.75 -32.17
CA ASP I 132 -21.18 24.55 -33.01
C ASP I 132 -21.69 23.36 -32.21
N TYR I 133 -21.11 23.14 -31.02
CA TYR I 133 -21.55 22.03 -30.20
C TYR I 133 -23.03 22.16 -29.88
N LEU I 134 -23.46 23.34 -29.46
CA LEU I 134 -24.85 23.51 -29.05
C LEU I 134 -25.81 23.33 -30.23
N GLU I 135 -25.51 23.97 -31.36
CA GLU I 135 -26.36 23.82 -32.55
C GLU I 135 -26.43 22.38 -32.98
N THR I 136 -25.30 21.67 -32.90
CA THR I 136 -25.29 20.25 -33.26
C THR I 136 -26.18 19.41 -32.34
N GLN I 137 -26.11 19.62 -31.03
CA GLN I 137 -26.97 18.86 -30.12
C GLN I 137 -28.46 19.09 -30.42
N LEU I 138 -28.85 20.35 -30.62
CA LEU I 138 -30.25 20.64 -30.90
C LEU I 138 -30.68 20.01 -32.22
N GLY I 139 -29.79 20.03 -33.22
CA GLY I 139 -30.05 19.30 -34.45
C GLY I 139 -30.19 17.81 -34.25
N LEU I 140 -29.33 17.22 -33.40
CA LEU I 140 -29.41 15.78 -33.16
C LEU I 140 -30.73 15.39 -32.49
N ILE I 141 -31.26 16.23 -31.61
CA ILE I 141 -32.52 15.89 -30.96
C ILE I 141 -33.61 15.69 -32.01
N GLN I 142 -33.60 16.52 -33.06
CA GLN I 142 -34.58 16.40 -34.15
C GLN I 142 -34.34 15.15 -34.99
N LYS I 143 -33.07 14.77 -35.20
CA LYS I 143 -32.76 13.68 -36.11
C LYS I 143 -32.93 12.31 -35.46
N VAL I 144 -32.51 12.16 -34.21
CA VAL I 144 -32.60 10.86 -33.56
C VAL I 144 -33.81 10.75 -32.65
N GLY I 145 -34.46 11.86 -32.32
CA GLY I 145 -35.54 11.89 -31.36
C GLY I 145 -35.03 12.18 -29.96
N LEU I 146 -35.89 12.79 -29.14
CA LEU I 146 -35.45 13.23 -27.82
C LEU I 146 -35.08 12.05 -26.93
N GLU I 147 -35.85 10.95 -27.02
CA GLU I 147 -35.61 9.83 -26.12
C GLU I 147 -34.29 9.14 -26.46
N ASN I 148 -34.00 8.97 -27.74
CA ASN I 148 -32.70 8.44 -28.15
C ASN I 148 -31.58 9.40 -27.79
N TYR I 149 -31.79 10.71 -28.00
CA TYR I 149 -30.75 11.66 -27.67
C TYR I 149 -30.39 11.60 -26.19
N LEU I 150 -31.40 11.51 -25.32
CA LEU I 150 -31.12 11.44 -23.90
C LEU I 150 -30.47 10.12 -23.55
N GLN I 151 -30.97 9.03 -24.16
CA GLN I 151 -30.40 7.72 -23.95
C GLN I 151 -28.89 7.73 -24.23
N SER I 152 -28.49 8.39 -25.32
CA SER I 152 -27.10 8.48 -25.75
C SER I 152 -26.27 9.35 -24.83
N HIS I 153 -26.89 10.05 -23.89
CA HIS I 153 -26.17 10.91 -22.97
C HIS I 153 -26.28 10.43 -21.52
N MET I 154 -26.71 9.18 -21.31
CA MET I 154 -26.78 8.62 -19.96
C MET I 154 -25.39 8.31 -19.40
N HIS I 155 -24.56 7.60 -20.17
CA HIS I 155 -23.31 7.07 -19.65
C HIS I 155 -22.15 7.84 -20.27
N GLU I 156 -21.12 8.09 -19.46
CA GLU I 156 -19.88 8.64 -20.01
C GLU I 156 -19.14 7.52 -20.74
N MET J 1 26.62 -55.57 -16.56
CA MET J 1 27.87 -56.10 -15.95
C MET J 1 27.49 -57.15 -14.91
N LYS J 2 27.98 -58.38 -15.02
CA LYS J 2 27.51 -59.43 -14.12
C LYS J 2 27.92 -59.12 -12.69
N GLY J 3 26.93 -58.90 -11.82
CA GLY J 3 27.24 -58.68 -10.43
C GLY J 3 27.37 -59.99 -9.66
N ASP J 4 27.95 -59.86 -8.47
CA ASP J 4 28.05 -60.95 -7.51
C ASP J 4 26.65 -61.35 -7.02
N LYS J 5 26.38 -62.66 -6.98
CA LYS J 5 25.02 -63.10 -6.67
C LYS J 5 24.59 -62.66 -5.28
N LYS J 6 25.50 -62.71 -4.31
CA LYS J 6 25.17 -62.39 -2.93
C LYS J 6 25.10 -60.89 -2.72
N VAL J 7 25.88 -60.10 -3.47
CA VAL J 7 25.65 -58.65 -3.49
C VAL J 7 24.21 -58.36 -3.88
N ILE J 8 23.77 -58.95 -4.97
CA ILE J 8 22.43 -58.70 -5.46
C ILE J 8 21.38 -59.10 -4.44
N GLN J 9 21.60 -60.20 -3.72
CA GLN J 9 20.65 -60.60 -2.71
C GLN J 9 20.58 -59.55 -1.62
N HIS J 10 21.73 -59.06 -1.18
CA HIS J 10 21.76 -58.00 -0.18
C HIS J 10 21.01 -56.76 -0.69
N LEU J 11 21.30 -56.34 -1.92
CA LEU J 11 20.62 -55.18 -2.48
C LEU J 11 19.12 -55.39 -2.50
N ASN J 12 18.67 -56.59 -2.88
CA ASN J 12 17.22 -56.84 -2.88
C ASN J 12 16.67 -56.83 -1.46
N LYS J 13 17.47 -57.21 -0.48
CA LYS J 13 17.01 -57.13 0.89
C LYS J 13 16.84 -55.68 1.33
N ILE J 14 17.86 -54.85 1.08
CA ILE J 14 17.74 -53.42 1.37
C ILE J 14 16.51 -52.86 0.69
N LEU J 15 16.35 -53.15 -0.60
CA LEU J 15 15.18 -52.69 -1.32
C LEU J 15 13.89 -53.12 -0.65
N GLY J 16 13.82 -54.39 -0.25
CA GLY J 16 12.64 -54.86 0.45
C GLY J 16 12.32 -54.01 1.67
N ASN J 17 13.36 -53.64 2.43
CA ASN J 17 13.15 -52.74 3.57
C ASN J 17 12.64 -51.37 3.12
N GLU J 18 13.17 -50.86 1.98
CA GLU J 18 12.72 -49.56 1.45
C GLU J 18 11.26 -49.60 1.05
N LEU J 19 10.81 -50.71 0.47
CA LEU J 19 9.40 -50.81 0.09
C LEU J 19 8.48 -50.78 1.31
N ILE J 20 8.90 -51.44 2.39
CA ILE J 20 8.15 -51.35 3.64
C ILE J 20 8.10 -49.91 4.09
N ALA J 21 9.26 -49.25 4.11
CA ALA J 21 9.35 -47.88 4.61
C ALA J 21 8.52 -46.92 3.77
N ILE J 22 8.54 -47.07 2.45
CA ILE J 22 7.73 -46.19 1.60
C ILE J 22 6.26 -46.22 2.02
N ASN J 23 5.69 -47.42 2.20
CA ASN J 23 4.27 -47.51 2.51
C ASN J 23 3.97 -47.15 3.97
N GLN J 24 4.81 -47.60 4.90
CA GLN J 24 4.63 -47.26 6.30
C GLN J 24 4.66 -45.74 6.52
N TYR J 25 5.67 -45.09 5.94
CA TYR J 25 5.78 -43.62 6.06
C TYR J 25 4.65 -42.92 5.32
N PHE J 26 4.26 -43.41 4.14
CA PHE J 26 3.23 -42.71 3.41
C PHE J 26 1.91 -42.79 4.16
N LEU J 27 1.60 -43.96 4.71
CA LEU J 27 0.38 -44.11 5.49
C LEU J 27 0.44 -43.27 6.76
N HIS J 28 1.57 -43.29 7.47
CA HIS J 28 1.67 -42.46 8.67
C HIS J 28 1.47 -40.99 8.30
N SER J 29 2.00 -40.58 7.14
CA SER J 29 1.88 -39.19 6.71
C SER J 29 0.41 -38.81 6.56
N ARG J 30 -0.34 -39.65 5.85
CA ARG J 30 -1.74 -39.34 5.58
C ARG J 30 -2.60 -39.50 6.82
N MET J 31 -2.17 -40.33 7.78
CA MET J 31 -2.91 -40.42 9.04
C MET J 31 -2.76 -39.12 9.82
N TRP J 32 -1.53 -38.61 9.87
CA TRP J 32 -1.27 -37.37 10.57
C TRP J 32 -2.03 -36.21 9.94
N ASN J 33 -2.02 -36.12 8.60
CA ASN J 33 -2.81 -35.12 7.91
C ASN J 33 -4.28 -35.23 8.24
N ASP J 34 -4.82 -36.46 8.23
CA ASP J 34 -6.22 -36.67 8.57
C ASP J 34 -6.53 -36.15 9.98
N TRP J 35 -5.59 -36.30 10.89
CA TRP J 35 -5.76 -35.87 12.27
C TRP J 35 -5.50 -34.39 12.48
N GLY J 36 -5.17 -33.65 11.41
CA GLY J 36 -4.84 -32.25 11.54
C GLY J 36 -3.46 -31.98 12.03
N LEU J 37 -2.57 -32.97 12.02
CA LEU J 37 -1.20 -32.74 12.43
C LEU J 37 -0.34 -32.58 11.17
N LYS J 38 -0.61 -31.48 10.45
CA LYS J 38 -0.10 -31.32 9.07
C LYS J 38 1.41 -31.17 9.01
N ARG J 39 2.04 -30.66 10.06
CA ARG J 39 3.48 -30.53 9.98
C ARG J 39 4.15 -31.90 10.11
N LEU J 40 3.64 -32.77 10.98
CA LEU J 40 4.11 -34.16 10.99
C LEU J 40 3.81 -34.82 9.66
N GLY J 41 2.60 -34.61 9.15
CA GLY J 41 2.24 -35.22 7.89
C GLY J 41 3.13 -34.79 6.74
N ALA J 42 3.51 -33.50 6.72
CA ALA J 42 4.40 -33.03 5.64
C ALA J 42 5.78 -33.64 5.78
N HIS J 43 6.33 -33.62 6.98
CA HIS J 43 7.68 -34.16 7.16
C HIS J 43 7.69 -35.65 6.86
N GLU J 44 6.62 -36.36 7.24
CA GLU J 44 6.58 -37.81 7.03
C GLU J 44 6.39 -38.11 5.55
N TYR J 45 5.68 -37.25 4.85
CA TYR J 45 5.62 -37.34 3.40
C TYR J 45 7.01 -37.28 2.78
N HIS J 46 7.85 -36.34 3.23
CA HIS J 46 9.17 -36.21 2.61
C HIS J 46 10.07 -37.39 2.96
N GLU J 47 9.88 -37.98 4.15
CA GLU J 47 10.62 -39.20 4.47
C GLU J 47 10.26 -40.32 3.49
N SER J 48 8.97 -40.47 3.19
CA SER J 48 8.51 -41.45 2.22
C SER J 48 9.13 -41.21 0.85
N ILE J 49 9.18 -39.95 0.41
CA ILE J 49 9.77 -39.63 -0.89
C ILE J 49 11.24 -39.98 -0.88
N ASP J 50 11.93 -39.67 0.23
CA ASP J 50 13.33 -40.02 0.33
C ASP J 50 13.52 -41.51 0.11
N GLU J 51 12.64 -42.34 0.70
CA GLU J 51 12.82 -43.80 0.58
C GLU J 51 12.46 -44.25 -0.82
N MET J 52 11.51 -43.55 -1.46
CA MET J 52 11.22 -43.82 -2.86
C MET J 52 12.44 -43.59 -3.73
N LYS J 53 13.21 -42.53 -3.44
CA LYS J 53 14.40 -42.26 -4.26
C LYS J 53 15.49 -43.29 -4.01
N HIS J 54 15.66 -43.73 -2.76
CA HIS J 54 16.62 -44.80 -2.46
C HIS J 54 16.25 -46.07 -3.21
N ALA J 55 14.98 -46.43 -3.16
CA ALA J 55 14.48 -47.59 -3.87
C ALA J 55 14.84 -47.50 -5.35
N ASP J 56 14.60 -46.33 -5.94
CA ASP J 56 14.95 -46.12 -7.35
C ASP J 56 16.43 -46.44 -7.59
N LYS J 57 17.32 -45.90 -6.76
CA LYS J 57 18.73 -46.11 -7.00
C LYS J 57 19.09 -47.58 -6.87
N LEU J 58 18.49 -48.28 -5.89
CA LEU J 58 18.75 -49.72 -5.74
C LEU J 58 18.27 -50.51 -6.95
N ILE J 59 17.05 -50.24 -7.41
CA ILE J 59 16.51 -50.88 -8.60
C ILE J 59 17.47 -50.67 -9.77
N GLU J 60 17.91 -49.43 -9.97
CA GLU J 60 18.80 -49.17 -11.11
C GLU J 60 20.09 -49.95 -10.96
N ARG J 61 20.65 -50.00 -9.75
CA ARG J 61 21.91 -50.69 -9.53
C ARG J 61 21.75 -52.19 -9.75
N ILE J 62 20.64 -52.75 -9.29
CA ILE J 62 20.39 -54.18 -9.45
C ILE J 62 20.30 -54.55 -10.94
N LEU J 63 19.57 -53.74 -11.72
CA LEU J 63 19.45 -54.00 -13.16
C LEU J 63 20.79 -53.90 -13.86
N PHE J 64 21.62 -52.93 -13.47
CA PHE J 64 22.94 -52.81 -14.07
C PHE J 64 23.77 -54.05 -13.80
N LEU J 65 23.65 -54.62 -12.60
CA LEU J 65 24.40 -55.81 -12.22
C LEU J 65 23.75 -57.10 -12.71
N GLU J 66 22.70 -56.98 -13.51
CA GLU J 66 22.04 -58.07 -14.23
C GLU J 66 21.23 -58.97 -13.31
N GLY J 67 20.75 -58.41 -12.20
CA GLY J 67 19.84 -59.09 -11.31
C GLY J 67 18.41 -58.64 -11.51
N LEU J 68 17.49 -59.35 -10.83
CA LEU J 68 16.08 -59.03 -10.91
C LEU J 68 15.67 -58.28 -9.65
N PRO J 69 15.32 -57.00 -9.75
CA PRO J 69 14.84 -56.29 -8.55
C PRO J 69 13.52 -56.86 -8.06
N ASN J 70 13.47 -57.13 -6.74
CA ASN J 70 12.29 -57.72 -6.09
C ASN J 70 11.39 -56.60 -5.57
N LEU J 71 10.33 -56.31 -6.31
CA LEU J 71 9.28 -55.36 -5.92
C LEU J 71 7.97 -56.08 -5.63
N GLN J 72 8.02 -57.40 -5.47
CA GLN J 72 6.83 -58.23 -5.33
C GLN J 72 6.56 -58.60 -3.88
N ASP J 73 7.61 -58.81 -3.10
CA ASP J 73 7.49 -59.29 -1.73
C ASP J 73 7.55 -58.10 -0.79
N LEU J 74 6.47 -57.93 -0.03
CA LEU J 74 6.35 -56.81 0.89
C LEU J 74 6.31 -57.37 2.30
N GLY J 75 7.31 -57.04 3.11
CA GLY J 75 7.31 -57.35 4.51
C GLY J 75 6.24 -56.59 5.29
N LYS J 76 6.22 -56.86 6.60
CA LYS J 76 5.15 -56.37 7.45
C LYS J 76 5.33 -54.89 7.76
N LEU J 77 4.29 -54.09 7.49
CA LEU J 77 4.32 -52.70 7.91
C LEU J 77 4.10 -52.60 9.41
N LEU J 78 4.86 -51.71 10.06
CA LEU J 78 4.67 -51.34 11.47
C LEU J 78 3.92 -50.01 11.53
N ILE J 79 2.61 -50.08 11.75
CA ILE J 79 1.70 -48.94 11.79
C ILE J 79 1.29 -48.64 13.24
N GLY J 80 1.62 -47.45 13.72
CA GLY J 80 1.14 -47.04 15.04
C GLY J 80 -0.34 -46.66 15.05
N GLU J 81 -0.90 -46.57 16.28
CA GLU J 81 -2.27 -46.12 16.49
C GLU J 81 -2.33 -44.73 17.13
N ASN J 82 -1.19 -44.17 17.51
CA ASN J 82 -1.08 -42.77 17.93
C ASN J 82 0.30 -42.26 17.54
N THR J 83 0.52 -40.96 17.74
CA THR J 83 1.75 -40.33 17.27
C THR J 83 2.98 -40.99 17.87
N GLN J 84 2.97 -41.25 19.17
CA GLN J 84 4.16 -41.82 19.77
C GLN J 84 4.48 -43.19 19.19
N GLU J 85 3.45 -44.02 19.01
CA GLU J 85 3.65 -45.34 18.41
C GLU J 85 4.14 -45.24 16.98
N MET J 86 3.60 -44.31 16.20
CA MET J 86 3.99 -44.21 14.80
C MET J 86 5.47 -43.90 14.69
N LEU J 87 5.94 -42.96 15.54
CA LEU J 87 7.34 -42.59 15.57
C LEU J 87 8.22 -43.74 16.04
N GLN J 88 7.75 -44.49 17.03
CA GLN J 88 8.52 -45.63 17.48
C GLN J 88 8.56 -46.71 16.41
N CYS J 89 7.46 -46.90 15.68
CA CYS J 89 7.45 -47.90 14.62
C CYS J 89 8.40 -47.52 13.49
N ASP J 90 8.47 -46.23 13.15
CA ASP J 90 9.47 -45.76 12.18
C ASP J 90 10.88 -46.03 12.69
N LEU J 91 11.14 -45.74 13.97
CA LEU J 91 12.48 -45.90 14.49
C LEU J 91 12.89 -47.38 14.53
N ASN J 92 11.97 -48.25 14.94
CA ASN J 92 12.29 -49.68 14.93
C ASN J 92 12.57 -50.16 13.52
N LEU J 93 11.78 -49.72 12.54
CA LEU J 93 12.07 -50.10 11.15
C LEU J 93 13.43 -49.56 10.69
N GLU J 94 13.77 -48.32 11.07
CA GLU J 94 15.06 -47.76 10.68
C GLU J 94 16.22 -48.55 11.27
N LEU J 95 16.06 -49.05 12.51
CA LEU J 95 17.19 -49.71 13.17
C LEU J 95 17.48 -51.06 12.54
N LYS J 96 16.43 -51.73 12.09
CA LYS J 96 16.61 -52.94 11.30
C LYS J 96 17.14 -52.63 9.90
N ALA J 97 16.75 -51.49 9.30
CA ALA J 97 17.30 -51.13 7.99
C ALA J 97 18.79 -50.87 8.07
N THR J 98 19.22 -50.18 9.12
CA THR J 98 20.62 -49.83 9.17
C THR J 98 21.45 -51.06 9.50
N LYS J 99 20.93 -51.96 10.35
CA LYS J 99 21.58 -53.26 10.53
C LYS J 99 21.79 -53.95 9.19
N ASP J 100 20.72 -54.08 8.41
CA ASP J 100 20.84 -54.75 7.13
C ASP J 100 21.82 -54.01 6.21
N LEU J 101 21.82 -52.68 6.25
CA LEU J 101 22.75 -51.92 5.41
C LEU J 101 24.19 -52.22 5.80
N ARG J 102 24.47 -52.29 7.11
CA ARG J 102 25.84 -52.59 7.53
C ARG J 102 26.29 -53.95 7.03
N GLU J 103 25.41 -54.95 7.11
CA GLU J 103 25.79 -56.29 6.66
C GLU J 103 26.01 -56.33 5.15
N ALA J 104 25.25 -55.54 4.40
CA ALA J 104 25.43 -55.50 2.96
C ALA J 104 26.78 -54.87 2.61
N ILE J 105 27.15 -53.79 3.28
CA ILE J 105 28.43 -53.14 3.02
C ILE J 105 29.60 -54.10 3.30
N VAL J 106 29.53 -54.82 4.42
CA VAL J 106 30.55 -55.82 4.71
C VAL J 106 30.78 -56.69 3.50
N HIS J 107 29.70 -57.23 2.94
CA HIS J 107 29.88 -58.16 1.84
C HIS J 107 30.39 -57.45 0.58
N CYS J 108 29.77 -56.31 0.22
CA CYS J 108 30.27 -55.51 -0.90
C CYS J 108 31.76 -55.26 -0.76
N GLU J 109 32.21 -54.92 0.45
CA GLU J 109 33.63 -54.70 0.64
C GLU J 109 34.41 -55.99 0.36
N GLN J 110 33.87 -57.13 0.80
CA GLN J 110 34.62 -58.39 0.69
C GLN J 110 34.79 -58.79 -0.76
N VAL J 111 33.78 -58.60 -1.60
CA VAL J 111 33.89 -58.99 -2.99
C VAL J 111 34.29 -57.84 -3.91
N HIS J 112 34.66 -56.68 -3.33
CA HIS J 112 35.25 -55.55 -4.07
C HIS J 112 34.26 -54.80 -4.94
N ASP J 113 32.98 -54.87 -4.60
CA ASP J 113 31.96 -54.08 -5.28
C ASP J 113 31.88 -52.72 -4.61
N TYR J 114 32.90 -51.91 -4.87
CA TYR J 114 33.07 -50.68 -4.12
C TYR J 114 32.02 -49.64 -4.47
N VAL J 115 31.48 -49.70 -5.70
CA VAL J 115 30.40 -48.79 -6.10
C VAL J 115 29.08 -49.15 -5.42
N SER J 116 28.78 -50.45 -5.28
CA SER J 116 27.62 -50.82 -4.46
C SER J 116 27.81 -50.36 -3.02
N ARG J 117 29.02 -50.51 -2.48
CA ARG J 117 29.25 -50.04 -1.12
C ARG J 117 29.01 -48.54 -0.98
N ASP J 118 29.48 -47.73 -1.95
CA ASP J 118 29.31 -46.28 -1.87
C ASP J 118 27.83 -45.90 -1.90
N LEU J 119 27.04 -46.57 -2.75
CA LEU J 119 25.60 -46.33 -2.77
C LEU J 119 24.97 -46.63 -1.41
N LEU J 120 25.25 -47.82 -0.87
CA LEU J 120 24.67 -48.21 0.40
C LEU J 120 25.12 -47.28 1.51
N LYS J 121 26.37 -46.83 1.48
CA LYS J 121 26.84 -45.90 2.49
C LYS J 121 26.06 -44.57 2.38
N ASP J 122 25.77 -44.12 1.18
CA ASP J 122 24.97 -42.90 1.06
C ASP J 122 23.57 -43.12 1.61
N ILE J 123 22.95 -44.26 1.30
CA ILE J 123 21.63 -44.55 1.87
C ILE J 123 21.71 -44.59 3.39
N LEU J 124 22.77 -45.23 3.92
CA LEU J 124 22.94 -45.35 5.37
C LEU J 124 23.05 -43.98 6.05
N GLU J 125 23.72 -43.03 5.40
CA GLU J 125 23.78 -41.67 5.93
C GLU J 125 22.37 -41.05 6.00
N SER J 126 21.57 -41.26 4.96
CA SER J 126 20.20 -40.78 4.99
CA SER J 126 20.19 -40.78 4.99
C SER J 126 19.44 -41.40 6.17
N GLU J 127 19.55 -42.72 6.31
CA GLU J 127 18.81 -43.38 7.38
C GLU J 127 19.27 -42.94 8.76
N GLU J 128 20.58 -42.73 8.97
CA GLU J 128 21.00 -42.24 10.29
C GLU J 128 20.48 -40.81 10.53
N GLU J 129 20.30 -40.04 9.47
CA GLU J 129 19.65 -38.73 9.63
C GLU J 129 18.18 -38.89 10.03
N HIS J 130 17.49 -39.88 9.45
CA HIS J 130 16.11 -40.12 9.86
CA HIS J 130 16.11 -40.13 9.85
C HIS J 130 16.04 -40.59 11.31
N ILE J 131 17.00 -41.42 11.74
CA ILE J 131 17.04 -41.89 13.12
C ILE J 131 17.27 -40.73 14.06
N ASP J 132 18.21 -39.86 13.73
CA ASP J 132 18.42 -38.64 14.51
C ASP J 132 17.11 -37.86 14.65
N TYR J 133 16.37 -37.69 13.54
CA TYR J 133 15.10 -36.98 13.60
C TYR J 133 14.10 -37.69 14.50
N LEU J 134 13.99 -39.01 14.37
CA LEU J 134 13.00 -39.76 15.15
C LEU J 134 13.33 -39.75 16.64
N GLU J 135 14.60 -40.00 16.97
CA GLU J 135 15.03 -39.96 18.37
C GLU J 135 14.78 -38.60 18.98
N THR J 136 15.08 -37.54 18.22
CA THR J 136 14.83 -36.18 18.69
C THR J 136 13.33 -35.92 18.91
N GLN J 137 12.46 -36.40 18.01
CA GLN J 137 11.04 -36.21 18.20
C GLN J 137 10.56 -36.90 19.47
N LEU J 138 11.00 -38.14 19.69
CA LEU J 138 10.56 -38.85 20.89
C LEU J 138 11.07 -38.14 22.13
N GLY J 139 12.26 -37.56 22.05
CA GLY J 139 12.79 -36.80 23.16
C GLY J 139 12.01 -35.52 23.41
N LEU J 140 11.59 -34.84 22.32
CA LEU J 140 10.79 -33.62 22.44
C LEU J 140 9.45 -33.90 23.11
N ILE J 141 8.81 -35.03 22.77
CA ILE J 141 7.56 -35.40 23.42
C ILE J 141 7.74 -35.42 24.93
N GLN J 142 8.91 -35.89 25.40
CA GLN J 142 9.20 -35.84 26.82
C GLN J 142 9.45 -34.42 27.30
N LYS J 143 10.24 -33.64 26.56
CA LYS J 143 10.66 -32.35 27.09
C LYS J 143 9.51 -31.32 27.08
N VAL J 144 8.68 -31.30 26.04
CA VAL J 144 7.63 -30.28 25.98
C VAL J 144 6.28 -30.83 26.39
N GLY J 145 6.13 -32.14 26.52
CA GLY J 145 4.84 -32.71 26.83
C GLY J 145 4.09 -33.07 25.56
N LEU J 146 3.28 -34.12 25.66
CA LEU J 146 2.64 -34.59 24.44
C LEU J 146 1.73 -33.52 23.85
N GLU J 147 0.94 -32.81 24.68
CA GLU J 147 -0.03 -31.85 24.13
C GLU J 147 0.67 -30.73 23.37
N ASN J 148 1.74 -30.20 23.94
CA ASN J 148 2.54 -29.18 23.28
C ASN J 148 3.21 -29.74 22.02
N TYR J 149 3.76 -30.96 22.11
CA TYR J 149 4.38 -31.56 20.95
C TYR J 149 3.39 -31.65 19.79
N LEU J 150 2.18 -32.11 20.06
CA LEU J 150 1.20 -32.25 19.00
C LEU J 150 0.76 -30.89 18.49
N GLN J 151 0.54 -29.94 19.41
CA GLN J 151 0.17 -28.58 19.05
C GLN J 151 1.18 -27.98 18.09
N SER J 152 2.46 -28.16 18.38
CA SER J 152 3.53 -27.62 17.56
C SER J 152 3.59 -28.25 16.18
N HIS J 153 2.80 -29.30 15.90
CA HIS J 153 2.80 -29.96 14.60
C HIS J 153 1.45 -29.91 13.89
N MET J 154 0.55 -29.02 14.34
CA MET J 154 -0.73 -28.86 13.67
C MET J 154 -0.56 -28.12 12.35
N HIS J 155 0.18 -27.02 12.36
CA HIS J 155 0.26 -26.13 11.22
C HIS J 155 1.62 -26.24 10.56
N GLU J 156 1.63 -26.30 9.23
CA GLU J 156 2.88 -26.24 8.48
C GLU J 156 3.49 -24.84 8.59
N MET K 1 -35.63 -22.41 -19.38
CA MET K 1 -35.91 -23.83 -19.70
C MET K 1 -36.76 -24.40 -18.57
N LYS K 2 -37.99 -24.77 -18.87
CA LYS K 2 -38.90 -25.23 -17.83
C LYS K 2 -38.32 -26.48 -17.18
N GLY K 3 -38.11 -26.41 -15.85
CA GLY K 3 -37.55 -27.52 -15.11
C GLY K 3 -38.61 -28.41 -14.45
N ASP K 4 -38.14 -29.52 -13.92
CA ASP K 4 -38.96 -30.44 -13.14
C ASP K 4 -39.37 -29.76 -11.84
N LYS K 5 -40.66 -29.85 -11.50
CA LYS K 5 -41.16 -29.14 -10.32
C LYS K 5 -40.46 -29.62 -9.06
N LYS K 6 -40.34 -30.93 -8.89
CA LYS K 6 -39.74 -31.45 -7.68
C LYS K 6 -38.24 -31.17 -7.63
N VAL K 7 -37.55 -31.16 -8.77
CA VAL K 7 -36.14 -30.77 -8.75
C VAL K 7 -36.00 -29.38 -8.15
N ILE K 8 -36.85 -28.45 -8.59
CA ILE K 8 -36.79 -27.08 -8.11
C ILE K 8 -37.07 -27.03 -6.62
N GLN K 9 -38.01 -27.84 -6.14
CA GLN K 9 -38.29 -27.88 -4.71
C GLN K 9 -37.07 -28.38 -3.94
N HIS K 10 -36.40 -29.42 -4.46
CA HIS K 10 -35.15 -29.86 -3.86
C HIS K 10 -34.14 -28.73 -3.86
N LEU K 11 -33.98 -28.03 -5.00
CA LEU K 11 -33.01 -26.93 -5.06
C LEU K 11 -33.33 -25.85 -4.04
N ASN K 12 -34.61 -25.51 -3.89
CA ASN K 12 -34.96 -24.51 -2.89
C ASN K 12 -34.75 -25.03 -1.47
N LYS K 13 -34.88 -26.33 -1.25
CA LYS K 13 -34.58 -26.85 0.07
C LYS K 13 -33.09 -26.71 0.37
N ILE K 14 -32.23 -27.10 -0.59
CA ILE K 14 -30.77 -26.98 -0.40
C ILE K 14 -30.39 -25.52 -0.18
N LEU K 15 -30.98 -24.62 -0.97
CA LEU K 15 -30.78 -23.18 -0.77
C LEU K 15 -31.17 -22.75 0.64
N GLY K 16 -32.28 -23.28 1.17
CA GLY K 16 -32.65 -22.97 2.54
C GLY K 16 -31.56 -23.34 3.52
N ASN K 17 -30.99 -24.54 3.37
CA ASN K 17 -29.88 -24.96 4.22
C ASN K 17 -28.69 -24.02 4.07
N GLU K 18 -28.41 -23.57 2.85
CA GLU K 18 -27.31 -22.63 2.62
C GLU K 18 -27.56 -21.32 3.34
N LEU K 19 -28.80 -20.84 3.36
CA LEU K 19 -29.07 -19.57 3.99
C LEU K 19 -28.82 -19.64 5.48
N ILE K 20 -29.20 -20.77 6.11
CA ILE K 20 -28.90 -20.99 7.52
C ILE K 20 -27.40 -20.97 7.73
N ALA K 21 -26.70 -21.76 6.92
CA ALA K 21 -25.25 -21.90 7.05
C ALA K 21 -24.54 -20.55 6.90
N ILE K 22 -24.94 -19.75 5.92
CA ILE K 22 -24.29 -18.45 5.73
C ILE K 22 -24.34 -17.66 7.02
N ASN K 23 -25.53 -17.55 7.60
CA ASN K 23 -25.72 -16.73 8.80
C ASN K 23 -25.08 -17.36 10.02
N GLN K 24 -25.22 -18.67 10.20
CA GLN K 24 -24.60 -19.32 11.36
C GLN K 24 -23.09 -19.20 11.31
N TYR K 25 -22.48 -19.48 10.15
CA TYR K 25 -21.02 -19.37 10.05
C TYR K 25 -20.55 -17.92 10.17
N PHE K 26 -21.31 -16.97 9.62
CA PHE K 26 -20.86 -15.58 9.73
C PHE K 26 -20.91 -15.11 11.17
N LEU K 27 -21.95 -15.49 11.91
CA LEU K 27 -22.01 -15.13 13.32
C LEU K 27 -20.91 -15.84 14.11
N HIS K 28 -20.74 -17.15 13.92
CA HIS K 28 -19.63 -17.86 14.59
C HIS K 28 -18.29 -17.17 14.30
N SER K 29 -18.06 -16.79 13.04
CA SER K 29 -16.83 -16.11 12.68
C SER K 29 -16.62 -14.85 13.52
N ARG K 30 -17.64 -14.01 13.58
CA ARG K 30 -17.51 -12.73 14.27
C ARG K 30 -17.45 -12.91 15.79
N MET K 31 -18.10 -13.94 16.33
CA MET K 31 -17.91 -14.27 17.73
C MET K 31 -16.46 -14.62 18.02
N TRP K 32 -15.86 -15.50 17.19
CA TRP K 32 -14.48 -15.91 17.42
C TRP K 32 -13.54 -14.71 17.32
N ASN K 33 -13.76 -13.85 16.31
CA ASN K 33 -12.93 -12.66 16.19
C ASN K 33 -13.07 -11.77 17.42
N ASP K 34 -14.30 -11.56 17.88
CA ASP K 34 -14.53 -10.77 19.10
C ASP K 34 -13.80 -11.37 20.31
N TRP K 35 -13.71 -12.72 20.40
CA TRP K 35 -12.98 -13.36 21.48
C TRP K 35 -11.46 -13.37 21.28
N GLY K 36 -10.95 -12.87 20.17
CA GLY K 36 -9.52 -12.90 19.91
C GLY K 36 -9.00 -14.20 19.35
N LEU K 37 -9.87 -15.08 18.92
CA LEU K 37 -9.48 -16.30 18.21
C LEU K 37 -9.57 -16.05 16.71
N LYS K 38 -8.61 -15.27 16.20
CA LYS K 38 -8.74 -14.73 14.84
C LYS K 38 -8.52 -15.78 13.75
N ARG K 39 -7.75 -16.82 14.04
CA ARG K 39 -7.57 -17.86 13.02
C ARG K 39 -8.87 -18.64 12.82
N LEU K 40 -9.58 -18.93 13.90
CA LEU K 40 -10.91 -19.52 13.78
C LEU K 40 -11.86 -18.56 13.08
N GLY K 41 -11.82 -17.30 13.48
CA GLY K 41 -12.69 -16.32 12.83
C GLY K 41 -12.48 -16.25 11.33
N ALA K 42 -11.21 -16.22 10.91
CA ALA K 42 -10.93 -16.10 9.47
C ALA K 42 -11.39 -17.34 8.73
N HIS K 43 -11.11 -18.53 9.29
CA HIS K 43 -11.50 -19.75 8.61
C HIS K 43 -13.02 -19.87 8.52
N GLU K 44 -13.73 -19.56 9.61
CA GLU K 44 -15.18 -19.60 9.59
C GLU K 44 -15.76 -18.57 8.61
N TYR K 45 -15.13 -17.41 8.48
CA TYR K 45 -15.56 -16.42 7.49
C TYR K 45 -15.50 -17.00 6.09
N HIS K 46 -14.37 -17.64 5.74
CA HIS K 46 -14.23 -18.26 4.43
C HIS K 46 -15.26 -19.37 4.22
N GLU K 47 -15.62 -20.11 5.27
CA GLU K 47 -16.70 -21.08 5.16
C GLU K 47 -18.04 -20.40 4.84
N SER K 48 -18.31 -19.26 5.48
CA SER K 48 -19.52 -18.50 5.17
C SER K 48 -19.53 -18.05 3.71
N ILE K 49 -18.40 -17.52 3.23
CA ILE K 49 -18.30 -17.08 1.84
C ILE K 49 -18.57 -18.24 0.89
N ASP K 50 -17.99 -19.42 1.18
CA ASP K 50 -18.20 -20.58 0.32
C ASP K 50 -19.69 -20.91 0.19
N GLU K 51 -20.43 -20.88 1.31
CA GLU K 51 -21.89 -21.09 1.25
C GLU K 51 -22.61 -19.96 0.49
N MET K 52 -22.14 -18.71 0.62
CA MET K 52 -22.70 -17.65 -0.23
C MET K 52 -22.52 -17.96 -1.71
N LYS K 53 -21.36 -18.48 -2.11
CA LYS K 53 -21.16 -18.82 -3.51
C LYS K 53 -22.03 -20.00 -3.93
N HIS K 54 -22.20 -20.99 -3.05
CA HIS K 54 -23.13 -22.09 -3.35
C HIS K 54 -24.55 -21.58 -3.55
N ALA K 55 -24.99 -20.61 -2.73
CA ALA K 55 -26.35 -20.11 -2.82
C ALA K 55 -26.57 -19.32 -4.09
N ASP K 56 -25.56 -18.55 -4.49
CA ASP K 56 -25.60 -17.90 -5.78
C ASP K 56 -25.86 -18.90 -6.89
N LYS K 57 -25.08 -20.00 -6.94
CA LYS K 57 -25.23 -20.97 -8.02
C LYS K 57 -26.62 -21.59 -8.00
N LEU K 58 -27.15 -21.87 -6.81
CA LEU K 58 -28.49 -22.45 -6.72
C LEU K 58 -29.54 -21.47 -7.18
N ILE K 59 -29.42 -20.22 -6.76
CA ILE K 59 -30.35 -19.19 -7.20
C ILE K 59 -30.31 -19.09 -8.71
N GLU K 60 -29.11 -19.16 -9.29
CA GLU K 60 -28.97 -19.04 -10.74
C GLU K 60 -29.57 -20.24 -11.46
N ARG K 61 -29.38 -21.42 -10.90
CA ARG K 61 -29.95 -22.62 -11.52
C ARG K 61 -31.47 -22.59 -11.44
N ILE K 62 -32.03 -22.24 -10.27
CA ILE K 62 -33.49 -22.20 -10.10
C ILE K 62 -34.11 -21.25 -11.10
N LEU K 63 -33.52 -20.06 -11.27
CA LEU K 63 -34.09 -19.10 -12.19
C LEU K 63 -34.01 -19.61 -13.62
N PHE K 64 -32.92 -20.29 -13.99
CA PHE K 64 -32.81 -20.81 -15.35
C PHE K 64 -33.87 -21.87 -15.60
N LEU K 65 -34.11 -22.74 -14.60
CA LEU K 65 -35.17 -23.75 -14.67
C LEU K 65 -36.58 -23.15 -14.49
N GLU K 66 -36.69 -21.82 -14.41
CA GLU K 66 -37.93 -21.05 -14.36
C GLU K 66 -38.70 -21.25 -13.05
N GLY K 67 -38.00 -21.61 -11.98
CA GLY K 67 -38.57 -21.57 -10.64
C GLY K 67 -38.33 -20.24 -9.95
N LEU K 68 -38.89 -20.13 -8.73
CA LEU K 68 -38.74 -18.96 -7.87
C LEU K 68 -37.81 -19.28 -6.71
N PRO K 69 -36.62 -18.68 -6.63
CA PRO K 69 -35.74 -18.96 -5.49
C PRO K 69 -36.36 -18.45 -4.21
N ASN K 70 -36.32 -19.27 -3.16
CA ASN K 70 -36.86 -18.88 -1.86
C ASN K 70 -35.73 -18.31 -1.01
N LEU K 71 -35.66 -16.98 -0.94
CA LEU K 71 -34.77 -16.28 -0.02
C LEU K 71 -35.52 -15.68 1.17
N GLN K 72 -36.79 -16.05 1.35
CA GLN K 72 -37.64 -15.50 2.40
C GLN K 72 -37.64 -16.35 3.68
N ASP K 73 -37.65 -17.67 3.53
CA ASP K 73 -37.80 -18.59 4.66
C ASP K 73 -36.44 -19.02 5.19
N LEU K 74 -36.18 -18.69 6.44
CA LEU K 74 -34.90 -18.92 7.09
C LEU K 74 -35.12 -19.88 8.27
N GLY K 75 -34.52 -21.06 8.21
CA GLY K 75 -34.65 -22.02 9.29
C GLY K 75 -33.82 -21.63 10.50
N LYS K 76 -33.77 -22.56 11.44
CA LYS K 76 -33.21 -22.28 12.77
C LYS K 76 -31.68 -22.32 12.73
N LEU K 77 -31.05 -21.21 13.11
CA LEU K 77 -29.62 -21.18 13.34
C LEU K 77 -29.25 -22.00 14.59
N LEU K 78 -28.17 -22.76 14.49
CA LEU K 78 -27.59 -23.46 15.64
C LEU K 78 -26.35 -22.68 16.07
N ILE K 79 -26.48 -21.89 17.13
CA ILE K 79 -25.40 -21.02 17.59
C ILE K 79 -24.82 -21.60 18.86
N GLY K 80 -23.54 -21.86 18.86
CA GLY K 80 -22.93 -22.39 20.07
C GLY K 80 -22.66 -21.29 21.09
N GLU K 81 -22.35 -21.72 22.31
CA GLU K 81 -21.99 -20.82 23.38
C GLU K 81 -20.51 -20.91 23.74
N ASN K 82 -19.76 -21.81 23.12
CA ASN K 82 -18.33 -21.89 23.30
C ASN K 82 -17.76 -22.59 22.06
N THR K 83 -16.44 -22.59 21.95
CA THR K 83 -15.83 -23.05 20.71
C THR K 83 -16.25 -24.47 20.35
N GLN K 84 -16.14 -25.41 21.30
CA GLN K 84 -16.50 -26.79 21.00
C GLN K 84 -17.96 -26.89 20.54
N GLU K 85 -18.86 -26.20 21.23
CA GLU K 85 -20.27 -26.22 20.83
C GLU K 85 -20.46 -25.61 19.45
N MET K 86 -19.74 -24.52 19.15
CA MET K 86 -19.93 -23.90 17.85
C MET K 86 -19.51 -24.85 16.73
N LEU K 87 -18.38 -25.52 16.92
CA LEU K 87 -17.94 -26.51 15.94
C LEU K 87 -18.96 -27.63 15.79
N GLN K 88 -19.52 -28.10 16.91
CA GLN K 88 -20.48 -29.20 16.83
C GLN K 88 -21.77 -28.75 16.19
N CYS K 89 -22.21 -27.52 16.47
CA CYS K 89 -23.37 -26.96 15.77
C CYS K 89 -23.12 -26.85 14.28
N ASP K 90 -21.91 -26.42 13.86
CA ASP K 90 -21.61 -26.40 12.44
C ASP K 90 -21.69 -27.82 11.88
N LEU K 91 -21.14 -28.79 12.62
CA LEU K 91 -21.11 -30.15 12.13
C LEU K 91 -22.53 -30.71 12.00
N ASN K 92 -23.38 -30.47 13.00
CA ASN K 92 -24.76 -30.94 12.92
C ASN K 92 -25.47 -30.39 11.68
N LEU K 93 -25.32 -29.08 11.43
CA LEU K 93 -25.89 -28.50 10.22
C LEU K 93 -25.35 -29.13 8.94
N GLU K 94 -24.04 -29.38 8.88
CA GLU K 94 -23.48 -29.98 7.67
C GLU K 94 -24.06 -31.38 7.42
N LEU K 95 -24.20 -32.18 8.48
CA LEU K 95 -24.71 -33.53 8.28
C LEU K 95 -26.14 -33.52 7.76
N LYS K 96 -26.96 -32.59 8.25
CA LYS K 96 -28.28 -32.40 7.66
C LYS K 96 -28.16 -31.96 6.21
N ALA K 97 -27.24 -31.03 5.93
CA ALA K 97 -27.11 -30.55 4.55
C ALA K 97 -26.68 -31.66 3.60
N THR K 98 -25.72 -32.50 4.02
CA THR K 98 -25.29 -33.53 3.09
C THR K 98 -26.39 -34.58 2.89
N LYS K 99 -27.16 -34.88 3.93
CA LYS K 99 -28.34 -35.74 3.74
C LYS K 99 -29.26 -35.17 2.68
N ASP K 100 -29.59 -33.88 2.78
CA ASP K 100 -30.52 -33.30 1.82
C ASP K 100 -29.94 -33.26 0.41
N LEU K 101 -28.63 -33.08 0.29
CA LEU K 101 -28.02 -33.08 -1.05
C LEU K 101 -28.13 -34.47 -1.70
N ARG K 102 -27.90 -35.53 -0.93
CA ARG K 102 -28.00 -36.88 -1.48
C ARG K 102 -29.40 -37.18 -2.00
N GLU K 103 -30.45 -36.83 -1.23
CA GLU K 103 -31.82 -37.09 -1.68
C GLU K 103 -32.14 -36.32 -2.95
N ALA K 104 -31.71 -35.06 -3.03
CA ALA K 104 -31.90 -34.26 -4.23
C ALA K 104 -31.16 -34.85 -5.44
N ILE K 105 -29.93 -35.33 -5.24
CA ILE K 105 -29.21 -35.94 -6.35
C ILE K 105 -29.97 -37.15 -6.88
N VAL K 106 -30.42 -38.02 -5.97
CA VAL K 106 -31.27 -39.15 -6.36
C VAL K 106 -32.39 -38.69 -7.29
N HIS K 107 -33.11 -37.62 -6.90
CA HIS K 107 -34.25 -37.21 -7.71
C HIS K 107 -33.83 -36.58 -9.04
N CYS K 108 -32.73 -35.81 -9.06
CA CYS K 108 -32.23 -35.30 -10.33
C CYS K 108 -31.86 -36.43 -11.28
N GLU K 109 -31.22 -37.47 -10.77
CA GLU K 109 -30.86 -38.61 -11.61
C GLU K 109 -32.12 -39.22 -12.22
N GLN K 110 -33.16 -39.41 -11.42
CA GLN K 110 -34.35 -40.12 -11.86
C GLN K 110 -35.05 -39.40 -13.00
N VAL K 111 -35.08 -38.06 -12.97
CA VAL K 111 -35.68 -37.32 -14.06
C VAL K 111 -34.65 -36.77 -15.03
N HIS K 112 -33.42 -37.26 -14.98
CA HIS K 112 -32.42 -37.00 -16.00
C HIS K 112 -31.95 -35.54 -16.02
N ASP K 113 -32.07 -34.84 -14.89
CA ASP K 113 -31.58 -33.47 -14.79
C ASP K 113 -30.12 -33.54 -14.37
N TYR K 114 -29.26 -33.90 -15.33
CA TYR K 114 -27.88 -34.27 -15.02
C TYR K 114 -27.03 -33.05 -14.68
N VAL K 115 -27.36 -31.89 -15.22
CA VAL K 115 -26.63 -30.68 -14.89
C VAL K 115 -26.90 -30.27 -13.44
N SER K 116 -28.18 -30.23 -13.03
CA SER K 116 -28.48 -29.98 -11.63
C SER K 116 -27.76 -30.96 -10.73
N ARG K 117 -27.68 -32.23 -11.16
CA ARG K 117 -26.99 -33.23 -10.35
C ARG K 117 -25.52 -32.84 -10.17
N ASP K 118 -24.88 -32.40 -11.26
CA ASP K 118 -23.47 -32.05 -11.21
C ASP K 118 -23.23 -30.86 -10.28
N LEU K 119 -24.11 -29.86 -10.33
CA LEU K 119 -23.99 -28.75 -9.41
C LEU K 119 -24.07 -29.23 -7.96
N LEU K 120 -25.07 -30.06 -7.67
CA LEU K 120 -25.23 -30.56 -6.32
C LEU K 120 -24.05 -31.41 -5.89
N LYS K 121 -23.51 -32.22 -6.81
CA LYS K 121 -22.35 -33.03 -6.47
C LYS K 121 -21.15 -32.15 -6.10
N ASP K 122 -20.96 -31.06 -6.87
CA ASP K 122 -19.90 -30.10 -6.55
C ASP K 122 -20.10 -29.50 -5.16
N ILE K 123 -21.34 -29.14 -4.84
CA ILE K 123 -21.62 -28.59 -3.51
C ILE K 123 -21.39 -29.64 -2.44
N LEU K 124 -21.83 -30.89 -2.69
CA LEU K 124 -21.59 -31.96 -1.73
C LEU K 124 -20.11 -32.16 -1.48
N GLU K 125 -19.29 -32.04 -2.54
CA GLU K 125 -17.85 -32.15 -2.35
C GLU K 125 -17.32 -31.09 -1.39
N SER K 126 -17.74 -29.82 -1.57
CA SER K 126 -17.30 -28.79 -0.64
CA SER K 126 -17.30 -28.80 -0.64
C SER K 126 -17.80 -29.08 0.77
N GLU K 127 -19.07 -29.50 0.90
CA GLU K 127 -19.61 -29.79 2.24
C GLU K 127 -18.89 -30.95 2.92
N GLU K 128 -18.52 -32.00 2.16
CA GLU K 128 -17.72 -33.05 2.80
C GLU K 128 -16.34 -32.56 3.22
N GLU K 129 -15.73 -31.64 2.48
CA GLU K 129 -14.47 -31.07 2.94
C GLU K 129 -14.66 -30.27 4.24
N HIS K 130 -15.75 -29.53 4.35
CA HIS K 130 -16.02 -28.84 5.62
C HIS K 130 -16.24 -29.83 6.77
N ILE K 131 -17.00 -30.90 6.53
CA ILE K 131 -17.17 -31.93 7.54
C ILE K 131 -15.81 -32.47 7.99
N ASP K 132 -14.93 -32.76 7.03
CA ASP K 132 -13.56 -33.19 7.36
C ASP K 132 -12.90 -32.17 8.30
N TYR K 133 -12.96 -30.90 7.93
CA TYR K 133 -12.36 -29.85 8.74
C TYR K 133 -12.94 -29.86 10.15
N LEU K 134 -14.27 -29.90 10.26
CA LEU K 134 -14.90 -29.81 11.56
C LEU K 134 -14.60 -31.05 12.43
N GLU K 135 -14.65 -32.24 11.85
CA GLU K 135 -14.32 -33.45 12.62
C GLU K 135 -12.89 -33.39 13.11
N THR K 136 -11.98 -32.91 12.26
CA THR K 136 -10.59 -32.81 12.63
C THR K 136 -10.40 -31.83 13.79
N GLN K 137 -11.08 -30.68 13.73
CA GLN K 137 -10.95 -29.71 14.82
C GLN K 137 -11.42 -30.30 16.15
N LEU K 138 -12.59 -30.93 16.15
CA LEU K 138 -13.08 -31.59 17.35
C LEU K 138 -12.07 -32.62 17.87
N GLY K 139 -11.43 -33.39 16.96
CA GLY K 139 -10.42 -34.32 17.42
C GLY K 139 -9.20 -33.63 18.00
N LEU K 140 -8.78 -32.52 17.40
CA LEU K 140 -7.59 -31.84 17.90
C LEU K 140 -7.83 -31.34 19.33
N ILE K 141 -9.03 -30.89 19.62
CA ILE K 141 -9.33 -30.42 20.95
C ILE K 141 -9.06 -31.51 21.96
N GLN K 142 -9.49 -32.73 21.63
CA GLN K 142 -9.21 -33.88 22.50
C GLN K 142 -7.73 -34.19 22.55
N LYS K 143 -7.02 -34.07 21.42
CA LYS K 143 -5.63 -34.50 21.40
C LYS K 143 -4.70 -33.48 22.04
N VAL K 144 -4.89 -32.18 21.80
CA VAL K 144 -3.95 -31.19 22.34
C VAL K 144 -4.52 -30.48 23.55
N GLY K 145 -5.79 -30.68 23.85
CA GLY K 145 -6.43 -29.99 24.98
C GLY K 145 -7.01 -28.66 24.55
N LEU K 146 -8.08 -28.23 25.22
CA LEU K 146 -8.81 -27.06 24.76
C LEU K 146 -7.95 -25.80 24.81
N GLU K 147 -7.18 -25.63 25.88
CA GLU K 147 -6.41 -24.39 26.00
C GLU K 147 -5.37 -24.28 24.90
N ASN K 148 -4.64 -25.37 24.59
CA ASN K 148 -3.71 -25.35 23.48
C ASN K 148 -4.45 -25.18 22.16
N TYR K 149 -5.62 -25.80 22.02
CA TYR K 149 -6.35 -25.66 20.79
C TYR K 149 -6.71 -24.19 20.54
N LEU K 150 -7.23 -23.52 21.58
CA LEU K 150 -7.60 -22.11 21.47
C LEU K 150 -6.38 -21.25 21.22
N GLN K 151 -5.30 -21.50 21.97
CA GLN K 151 -4.04 -20.77 21.77
C GLN K 151 -3.60 -20.79 20.32
N SER K 152 -3.71 -21.95 19.66
CA SER K 152 -3.23 -22.11 18.30
C SER K 152 -4.15 -21.41 17.30
N HIS K 153 -5.29 -20.90 17.73
CA HIS K 153 -6.22 -20.21 16.85
C HIS K 153 -6.40 -18.75 17.21
N MET K 154 -5.46 -18.20 17.99
CA MET K 154 -5.51 -16.80 18.35
C MET K 154 -5.06 -15.90 17.21
N HIS K 155 -3.97 -16.28 16.54
CA HIS K 155 -3.30 -15.48 15.53
C HIS K 155 -3.42 -16.15 14.16
N GLU K 156 -3.43 -15.36 13.10
CA GLU K 156 -3.46 -15.92 11.74
C GLU K 156 -2.05 -16.16 11.19
N MET L 1 64.56 16.98 -12.68
CA MET L 1 65.13 17.97 -13.67
C MET L 1 65.58 19.20 -12.86
N LYS L 2 66.78 19.70 -13.08
CA LYS L 2 67.33 20.70 -12.14
C LYS L 2 66.76 22.06 -12.52
N GLY L 3 65.93 22.62 -11.66
CA GLY L 3 65.36 23.92 -11.94
C GLY L 3 66.28 25.08 -11.59
N ASP L 4 65.88 26.23 -12.10
CA ASP L 4 66.46 27.52 -11.79
C ASP L 4 66.24 27.86 -10.32
N LYS L 5 67.34 28.21 -9.63
CA LYS L 5 67.28 28.37 -8.19
C LYS L 5 66.27 29.44 -7.81
N LYS L 6 66.25 30.56 -8.53
CA LYS L 6 65.33 31.62 -8.15
C LYS L 6 63.89 31.28 -8.51
N VAL L 7 63.66 30.49 -9.57
CA VAL L 7 62.32 30.01 -9.83
C VAL L 7 61.81 29.20 -8.63
N ILE L 8 62.64 28.28 -8.12
CA ILE L 8 62.22 27.49 -6.97
C ILE L 8 61.95 28.38 -5.75
N GLN L 9 62.73 29.45 -5.57
CA GLN L 9 62.48 30.36 -4.47
C GLN L 9 61.14 31.07 -4.64
N HIS L 10 60.84 31.53 -5.86
CA HIS L 10 59.52 32.09 -6.13
C HIS L 10 58.41 31.08 -5.84
N LEU L 11 58.60 29.82 -6.25
CA LEU L 11 57.58 28.80 -6.03
C LEU L 11 57.36 28.54 -4.55
N ASN L 12 58.44 28.48 -3.76
CA ASN L 12 58.27 28.34 -2.32
C ASN L 12 57.57 29.55 -1.71
N LYS L 13 57.80 30.75 -2.27
CA LYS L 13 57.10 31.91 -1.74
C LYS L 13 55.60 31.84 -2.04
N ILE L 14 55.25 31.43 -3.26
CA ILE L 14 53.84 31.25 -3.60
C ILE L 14 53.22 30.20 -2.69
N LEU L 15 53.95 29.09 -2.47
CA LEU L 15 53.50 28.03 -1.57
C LEU L 15 53.27 28.55 -0.16
N GLY L 16 54.20 29.38 0.32
CA GLY L 16 54.01 29.98 1.63
C GLY L 16 52.73 30.78 1.73
N ASN L 17 52.40 31.53 0.68
CA ASN L 17 51.11 32.22 0.62
C ASN L 17 49.97 31.23 0.69
N GLU L 18 50.11 30.08 0.02
CA GLU L 18 49.00 29.11 0.00
C GLU L 18 48.80 28.53 1.38
N LEU L 19 49.88 28.30 2.14
CA LEU L 19 49.74 27.69 3.45
C LEU L 19 49.04 28.64 4.42
N ILE L 20 49.31 29.94 4.31
CA ILE L 20 48.58 30.94 5.05
C ILE L 20 47.09 30.87 4.69
N ALA L 21 46.79 30.91 3.40
CA ALA L 21 45.40 30.99 2.96
C ALA L 21 44.61 29.75 3.39
N ILE L 22 45.21 28.57 3.23
CA ILE L 22 44.57 27.32 3.67
C ILE L 22 44.09 27.45 5.11
N ASN L 23 45.00 27.82 6.03
CA ASN L 23 44.64 27.87 7.45
C ASN L 23 43.68 29.00 7.72
N GLN L 24 43.90 30.15 7.08
CA GLN L 24 43.06 31.30 7.30
C GLN L 24 41.64 31.05 6.83
N TYR L 25 41.50 30.51 5.62
CA TYR L 25 40.16 30.23 5.12
C TYR L 25 39.51 29.11 5.92
N PHE L 26 40.27 28.11 6.34
CA PHE L 26 39.65 27.02 7.09
C PHE L 26 39.11 27.53 8.43
N LEU L 27 39.89 28.35 9.13
CA LEU L 27 39.41 28.90 10.39
C LEU L 27 38.20 29.79 10.17
N HIS L 28 38.24 30.65 9.14
CA HIS L 28 37.08 31.49 8.87
C HIS L 28 35.84 30.65 8.59
N SER L 29 36.01 29.57 7.82
CA SER L 29 34.89 28.66 7.56
C SER L 29 34.28 28.16 8.85
N ARG L 30 35.12 27.67 9.74
CA ARG L 30 34.63 27.02 10.94
C ARG L 30 34.08 28.06 11.93
N MET L 31 34.65 29.27 11.93
CA MET L 31 34.05 30.37 12.66
C MET L 31 32.63 30.65 12.15
N TRP L 32 32.50 30.81 10.82
CA TRP L 32 31.18 31.09 10.26
C TRP L 32 30.18 29.97 10.55
N ASN L 33 30.62 28.70 10.50
CA ASN L 33 29.73 27.60 10.87
C ASN L 33 29.33 27.69 12.34
N ASP L 34 30.30 27.95 13.21
CA ASP L 34 30.01 28.14 14.63
C ASP L 34 28.97 29.25 14.84
N TRP L 35 29.03 30.33 14.07
CA TRP L 35 28.12 31.45 14.25
C TRP L 35 26.76 31.22 13.59
N GLY L 36 26.59 30.12 12.88
CA GLY L 36 25.33 29.82 12.22
C GLY L 36 25.21 30.40 10.84
N LEU L 37 26.30 30.87 10.25
CA LEU L 37 26.28 31.41 8.90
C LEU L 37 26.80 30.36 7.91
N LYS L 38 25.98 29.32 7.73
CA LYS L 38 26.48 28.08 7.12
C LYS L 38 26.80 28.24 5.64
N ARG L 39 26.10 29.12 4.94
CA ARG L 39 26.39 29.30 3.53
C ARG L 39 27.78 29.90 3.35
N LEU L 40 28.16 30.83 4.23
CA LEU L 40 29.52 31.35 4.22
C LEU L 40 30.51 30.28 4.66
N GLY L 41 30.14 29.48 5.65
CA GLY L 41 31.08 28.49 6.13
C GLY L 41 31.38 27.46 5.07
N ALA L 42 30.36 27.09 4.28
CA ALA L 42 30.55 26.10 3.22
C ALA L 42 31.36 26.68 2.09
N HIS L 43 31.07 27.92 1.71
CA HIS L 43 31.79 28.52 0.61
C HIS L 43 33.27 28.70 0.96
N GLU L 44 33.55 29.14 2.20
CA GLU L 44 34.93 29.35 2.64
C GLU L 44 35.69 28.03 2.76
N TYR L 45 34.98 26.96 3.14
CA TYR L 45 35.58 25.64 3.17
C TYR L 45 36.07 25.25 1.78
N HIS L 46 35.26 25.49 0.74
CA HIS L 46 35.67 25.16 -0.61
C HIS L 46 36.82 26.03 -1.09
N GLU L 47 36.87 27.29 -0.66
CA GLU L 47 38.04 28.11 -0.97
C GLU L 47 39.28 27.52 -0.32
N SER L 48 39.16 27.04 0.91
CA SER L 48 40.30 26.41 1.59
C SER L 48 40.79 25.19 0.82
N ILE L 49 39.86 24.30 0.44
CA ILE L 49 40.22 23.10 -0.34
C ILE L 49 40.93 23.50 -1.63
N ASP L 50 40.42 24.54 -2.31
CA ASP L 50 41.03 25.00 -3.55
C ASP L 50 42.49 25.43 -3.34
N GLU L 51 42.77 26.12 -2.25
CA GLU L 51 44.16 26.48 -1.96
C GLU L 51 44.98 25.25 -1.60
N MET L 52 44.38 24.27 -0.94
CA MET L 52 45.06 22.99 -0.70
C MET L 52 45.51 22.34 -2.01
N LYS L 53 44.62 22.32 -3.00
CA LYS L 53 44.96 21.73 -4.30
C LYS L 53 46.10 22.51 -4.97
N HIS L 54 46.04 23.84 -4.94
CA HIS L 54 47.14 24.64 -5.47
C HIS L 54 48.46 24.32 -4.75
N ALA L 55 48.42 24.19 -3.42
CA ALA L 55 49.65 23.87 -2.71
C ALA L 55 50.19 22.52 -3.15
N ASP L 56 49.31 21.53 -3.32
CA ASP L 56 49.72 20.24 -3.86
C ASP L 56 50.49 20.41 -5.17
N LYS L 57 49.94 21.16 -6.12
CA LYS L 57 50.59 21.27 -7.42
C LYS L 57 51.95 21.97 -7.31
N LEU L 58 52.06 22.96 -6.44
CA LEU L 58 53.34 23.65 -6.29
C LEU L 58 54.39 22.74 -5.66
N ILE L 59 53.98 21.97 -4.66
CA ILE L 59 54.87 21.02 -4.00
C ILE L 59 55.38 20.01 -5.02
N GLU L 60 54.48 19.53 -5.88
CA GLU L 60 54.88 18.57 -6.90
C GLU L 60 55.81 19.20 -7.92
N ARG L 61 55.53 20.44 -8.34
CA ARG L 61 56.45 21.11 -9.27
C ARG L 61 57.83 21.32 -8.65
N ILE L 62 57.87 21.75 -7.40
CA ILE L 62 59.14 22.02 -6.73
C ILE L 62 59.98 20.74 -6.63
N LEU L 63 59.36 19.64 -6.22
CA LEU L 63 60.07 18.37 -6.16
C LEU L 63 60.59 17.95 -7.54
N PHE L 64 59.78 18.14 -8.58
CA PHE L 64 60.23 17.78 -9.91
C PHE L 64 61.46 18.60 -10.30
N LEU L 65 61.48 19.89 -9.92
CA LEU L 65 62.60 20.77 -10.23
C LEU L 65 63.78 20.55 -9.28
N GLU L 66 63.67 19.59 -8.36
CA GLU L 66 64.73 19.18 -7.43
C GLU L 66 65.00 20.25 -6.37
N GLY L 67 63.95 20.91 -5.92
CA GLY L 67 64.02 21.83 -4.81
C GLY L 67 63.37 21.21 -3.59
N LEU L 68 63.48 21.93 -2.44
CA LEU L 68 62.86 21.50 -1.20
C LEU L 68 61.61 22.33 -0.97
N PRO L 69 60.42 21.74 -1.02
CA PRO L 69 59.20 22.51 -0.70
C PRO L 69 59.23 22.93 0.75
N ASN L 70 58.98 24.22 0.99
CA ASN L 70 58.98 24.75 2.35
C ASN L 70 57.56 24.69 2.92
N LEU L 71 57.30 23.68 3.74
CA LEU L 71 56.05 23.59 4.50
C LEU L 71 56.26 23.87 5.97
N GLN L 72 57.38 24.48 6.33
CA GLN L 72 57.74 24.73 7.74
C GLN L 72 57.44 26.17 8.16
N ASP L 73 57.62 27.11 7.24
CA ASP L 73 57.52 28.53 7.53
C ASP L 73 56.12 29.03 7.19
N LEU L 74 55.39 29.40 8.21
CA LEU L 74 54.01 29.86 8.08
C LEU L 74 53.98 31.33 8.47
N GLY L 75 53.67 32.19 7.51
CA GLY L 75 53.51 33.60 7.76
C GLY L 75 52.29 33.88 8.62
N LYS L 76 51.97 35.17 8.69
CA LYS L 76 50.94 35.69 9.59
C LYS L 76 49.56 35.49 8.98
N LEU L 77 48.70 34.78 9.70
CA LEU L 77 47.30 34.67 9.35
C LEU L 77 46.58 35.99 9.58
N LEU L 78 45.69 36.34 8.67
CA LEU L 78 44.79 37.48 8.82
C LEU L 78 43.41 36.97 9.22
N ILE L 79 43.11 36.98 10.52
CA ILE L 79 41.83 36.49 11.03
C ILE L 79 40.92 37.67 11.36
N GLY L 80 39.76 37.74 10.74
CA GLY L 80 38.83 38.82 11.07
C GLY L 80 38.09 38.55 12.38
N GLU L 81 37.44 39.58 12.92
CA GLU L 81 36.63 39.43 14.13
C GLU L 81 35.14 39.59 13.85
N ASN L 82 34.78 39.77 12.59
CA ASN L 82 33.39 39.80 12.16
C ASN L 82 33.39 39.54 10.66
N THR L 83 32.21 39.36 10.09
CA THR L 83 32.10 38.86 8.74
C THR L 83 32.77 39.80 7.75
N GLN L 84 32.53 41.10 7.88
CA GLN L 84 33.15 42.07 6.99
C GLN L 84 34.67 42.00 7.07
N GLU L 85 35.21 41.97 8.29
CA GLU L 85 36.65 41.90 8.45
C GLU L 85 37.19 40.61 7.86
N MET L 86 36.49 39.49 8.06
CA MET L 86 37.05 38.24 7.58
C MET L 86 37.12 38.26 6.06
N LEU L 87 36.07 38.76 5.42
CA LEU L 87 36.08 38.87 3.97
C LEU L 87 37.21 39.78 3.51
N GLN L 88 37.35 40.94 4.17
CA GLN L 88 38.44 41.86 3.82
CA GLN L 88 38.44 41.85 3.84
C GLN L 88 39.80 41.22 4.10
N CYS L 89 39.91 40.46 5.20
CA CYS L 89 41.16 39.77 5.47
C CYS L 89 41.53 38.82 4.33
N ASP L 90 40.56 38.04 3.82
CA ASP L 90 40.84 37.17 2.69
C ASP L 90 41.26 37.99 1.47
N LEU L 91 40.59 39.13 1.24
CA LEU L 91 40.92 39.95 0.09
C LEU L 91 42.34 40.50 0.18
N ASN L 92 42.72 41.02 1.35
CA ASN L 92 44.09 41.52 1.53
C ASN L 92 45.13 40.43 1.24
N LEU L 93 44.92 39.23 1.78
CA LEU L 93 45.83 38.14 1.47
C LEU L 93 45.83 37.83 -0.03
N GLU L 94 44.66 37.84 -0.68
CA GLU L 94 44.62 37.50 -2.11
C GLU L 94 45.40 38.52 -2.94
N LEU L 95 45.28 39.80 -2.60
CA LEU L 95 46.00 40.83 -3.37
C LEU L 95 47.50 40.70 -3.19
N LYS L 96 47.97 40.35 -1.99
CA LYS L 96 49.39 40.06 -1.82
C LYS L 96 49.79 38.83 -2.63
N ALA L 97 48.96 37.79 -2.64
CA ALA L 97 49.32 36.56 -3.35
C ALA L 97 49.37 36.77 -4.85
N THR L 98 48.49 37.61 -5.40
CA THR L 98 48.49 37.80 -6.84
C THR L 98 49.67 38.67 -7.29
N LYS L 99 50.02 39.67 -6.48
CA LYS L 99 51.27 40.40 -6.70
C LYS L 99 52.44 39.44 -6.79
N ASP L 100 52.57 38.57 -5.78
CA ASP L 100 53.66 37.59 -5.77
C ASP L 100 53.61 36.66 -6.99
N LEU L 101 52.42 36.20 -7.38
CA LEU L 101 52.30 35.38 -8.58
C LEU L 101 52.83 36.12 -9.81
N ARG L 102 52.42 37.39 -9.99
CA ARG L 102 52.87 38.17 -11.14
C ARG L 102 54.39 38.25 -11.19
N GLU L 103 55.02 38.54 -10.06
CA GLU L 103 56.48 38.62 -10.02
C GLU L 103 57.13 37.28 -10.35
N ALA L 104 56.56 36.18 -9.85
CA ALA L 104 57.11 34.86 -10.15
C ALA L 104 57.01 34.54 -11.64
N ILE L 105 55.89 34.91 -12.26
CA ILE L 105 55.70 34.64 -13.68
C ILE L 105 56.74 35.42 -14.50
N VAL L 106 57.00 36.67 -14.13
CA VAL L 106 58.04 37.46 -14.82
C VAL L 106 59.35 36.69 -14.85
N HIS L 107 59.79 36.21 -13.69
CA HIS L 107 61.07 35.51 -13.67
C HIS L 107 61.01 34.17 -14.39
N CYS L 108 59.90 33.42 -14.27
CA CYS L 108 59.75 32.21 -15.07
C CYS L 108 59.95 32.50 -16.55
N GLU L 109 59.33 33.58 -17.04
CA GLU L 109 59.41 33.92 -18.46
C GLU L 109 60.84 34.24 -18.86
N GLN L 110 61.56 34.97 -17.99
CA GLN L 110 62.92 35.38 -18.28
C GLN L 110 63.88 34.20 -18.36
N VAL L 111 63.66 33.14 -17.56
CA VAL L 111 64.55 31.98 -17.61
C VAL L 111 63.93 30.83 -18.41
N HIS L 112 62.84 31.09 -19.13
CA HIS L 112 62.26 30.15 -20.08
C HIS L 112 61.65 28.92 -19.43
N ASP L 113 61.21 29.05 -18.19
CA ASP L 113 60.49 27.98 -17.50
C ASP L 113 58.99 28.18 -17.76
N TYR L 114 58.60 27.85 -18.99
CA TYR L 114 57.25 28.11 -19.45
C TYR L 114 56.21 27.23 -18.76
N VAL L 115 56.57 26.02 -18.37
CA VAL L 115 55.60 25.15 -17.69
C VAL L 115 55.28 25.71 -16.30
N SER L 116 56.31 26.12 -15.54
CA SER L 116 56.04 26.78 -14.26
C SER L 116 55.19 28.02 -14.46
N ARG L 117 55.51 28.84 -15.47
CA ARG L 117 54.67 29.99 -15.77
C ARG L 117 53.22 29.55 -15.94
N ASP L 118 53.00 28.47 -16.71
CA ASP L 118 51.65 28.02 -17.01
C ASP L 118 50.93 27.61 -15.73
N LEU L 119 51.63 26.87 -14.86
CA LEU L 119 51.02 26.51 -13.59
C LEU L 119 50.66 27.75 -12.76
N LEU L 120 51.56 28.75 -12.72
CA LEU L 120 51.29 29.94 -11.92
C LEU L 120 50.15 30.74 -12.53
N LYS L 121 50.06 30.79 -13.86
CA LYS L 121 48.96 31.47 -14.52
C LYS L 121 47.61 30.83 -14.17
N ASP L 122 47.54 29.50 -14.17
CA ASP L 122 46.30 28.84 -13.75
C ASP L 122 45.94 29.18 -12.32
N ILE L 123 46.92 29.19 -11.42
CA ILE L 123 46.68 29.56 -10.03
C ILE L 123 46.21 31.00 -9.96
N LEU L 124 46.87 31.90 -10.72
CA LEU L 124 46.47 33.30 -10.76
C LEU L 124 45.03 33.47 -11.20
N GLU L 125 44.60 32.70 -12.21
CA GLU L 125 43.22 32.75 -12.66
C GLU L 125 42.26 32.37 -11.53
N SER L 126 42.57 31.30 -10.79
CA SER L 126 41.75 30.92 -9.66
CA SER L 126 41.74 30.92 -9.66
C SER L 126 41.70 32.04 -8.62
N GLU L 127 42.85 32.62 -8.28
CA GLU L 127 42.87 33.68 -7.29
C GLU L 127 42.09 34.92 -7.76
N GLU L 128 42.14 35.27 -9.05
CA GLU L 128 41.36 36.44 -9.44
C GLU L 128 39.87 36.15 -9.35
N GLU L 129 39.48 34.89 -9.56
CA GLU L 129 38.08 34.53 -9.33
C GLU L 129 37.72 34.63 -7.86
N HIS L 130 38.63 34.26 -6.96
CA HIS L 130 38.37 34.47 -5.54
CA HIS L 130 38.38 34.47 -5.53
C HIS L 130 38.27 35.96 -5.22
N ILE L 131 39.16 36.77 -5.79
CA ILE L 131 39.07 38.21 -5.59
C ILE L 131 37.71 38.75 -6.06
N ASP L 132 37.26 38.32 -7.24
CA ASP L 132 35.95 38.72 -7.73
C ASP L 132 34.86 38.39 -6.72
N TYR L 133 34.84 37.15 -6.23
CA TYR L 133 33.86 36.75 -5.25
C TYR L 133 33.90 37.65 -4.01
N LEU L 134 35.09 37.83 -3.43
CA LEU L 134 35.22 38.62 -2.21
C LEU L 134 34.77 40.06 -2.43
N GLU L 135 35.23 40.68 -3.50
CA GLU L 135 34.83 42.05 -3.78
C GLU L 135 33.31 42.16 -3.93
N THR L 136 32.69 41.15 -4.55
CA THR L 136 31.23 41.14 -4.71
C THR L 136 30.55 41.04 -3.35
N GLN L 137 31.03 40.15 -2.48
CA GLN L 137 30.38 39.99 -1.17
C GLN L 137 30.44 41.30 -0.39
N LEU L 138 31.58 42.00 -0.45
CA LEU L 138 31.73 43.25 0.30
C LEU L 138 30.85 44.34 -0.28
N GLY L 139 30.67 44.35 -1.60
CA GLY L 139 29.71 45.25 -2.21
C GLY L 139 28.25 44.93 -1.86
N LEU L 140 27.92 43.64 -1.76
CA LEU L 140 26.55 43.26 -1.36
C LEU L 140 26.22 43.73 0.05
N ILE L 141 27.18 43.63 0.98
CA ILE L 141 26.97 44.14 2.33
C ILE L 141 26.48 45.57 2.30
N GLN L 142 27.10 46.40 1.46
CA GLN L 142 26.69 47.80 1.31
C GLN L 142 25.34 47.91 0.63
N LYS L 143 25.09 47.07 -0.37
CA LYS L 143 23.85 47.20 -1.13
C LYS L 143 22.64 46.66 -0.37
N VAL L 144 22.74 45.52 0.32
CA VAL L 144 21.56 44.97 1.00
C VAL L 144 21.54 45.26 2.49
N GLY L 145 22.64 45.76 3.04
CA GLY L 145 22.78 45.98 4.47
C GLY L 145 23.30 44.75 5.15
N LEU L 146 24.02 44.97 6.25
CA LEU L 146 24.72 43.86 6.90
C LEU L 146 23.73 42.81 7.41
N GLU L 147 22.64 43.24 8.05
CA GLU L 147 21.71 42.27 8.63
C GLU L 147 21.11 41.35 7.55
N ASN L 148 20.71 41.93 6.41
CA ASN L 148 20.20 41.14 5.31
C ASN L 148 21.29 40.25 4.72
N TYR L 149 22.53 40.76 4.63
CA TYR L 149 23.62 39.99 4.04
C TYR L 149 23.89 38.74 4.86
N LEU L 150 23.99 38.92 6.18
CA LEU L 150 24.18 37.80 7.08
C LEU L 150 23.01 36.84 7.02
N GLN L 151 21.79 37.38 7.05
CA GLN L 151 20.59 36.55 6.94
C GLN L 151 20.67 35.61 5.73
N SER L 152 21.08 36.14 4.58
CA SER L 152 21.13 35.39 3.33
C SER L 152 22.21 34.32 3.33
N HIS L 153 23.06 34.26 4.35
CA HIS L 153 24.15 33.31 4.42
C HIS L 153 23.99 32.40 5.64
N MET L 154 22.80 32.38 6.23
CA MET L 154 22.52 31.47 7.34
C MET L 154 22.41 30.02 6.89
N HIS L 155 21.63 29.78 5.84
CA HIS L 155 21.26 28.44 5.41
C HIS L 155 21.95 28.09 4.09
N GLU L 156 22.32 26.83 3.95
CA GLU L 156 22.80 26.35 2.65
C GLU L 156 21.59 26.01 1.77
#